data_9FLZ
#
_entry.id   9FLZ
#
_cell.length_a   1.00
_cell.length_b   1.00
_cell.length_c   1.00
_cell.angle_alpha   90.00
_cell.angle_beta   90.00
_cell.angle_gamma   90.00
#
_symmetry.space_group_name_H-M   'P 1'
#
loop_
_entity.id
_entity.type
_entity.pdbx_description
1 polymer 'alcohol dehydrogenase'
2 non-polymer 'ZINC ION'
3 water water
#
_entity_poly.entity_id   1
_entity_poly.type   'polypeptide(L)'
_entity_poly.pdbx_seq_one_letter_code
;MGHHHHHHHHHHSSGHIEGRHNMAKTMKAAVVREFGKPLTIDEVPVPEPGPGMIQVRIQASGVCHTDLHAAEGDWPVKPN
PPFIPGHEGVGFVSAVGAGVKHVKEGDRVGVPWLYTACGHCRHCLGGWETLCESQLNTGYSVNGGFADYVVADPNYVGHL
PKNVDFLDIAPVLCAGVTVYKGLKVTDTKPGDWVVISGIGGLGHMAVQYAKAMGMNVAAVDIDDEKLALARKLGATVTVN
AATEPDPAAAIRKQTDGGAQGVLVTAVGRKAFEQAIGMVARGGTVALNGLPPGDFPLDIFGMVLNGITVRGSIVGTRLDL
QESLDFAGDGKVKATVHKAKLEDINNIFGQMHKGQIEGRMVLDMAG
;
_entity_poly.pdbx_strand_id   A,B,C,D
#
# COMPACT_ATOMS: atom_id res chain seq x y z
N LYS A 25 34.38 33.38 -17.73
CA LYS A 25 34.64 34.13 -16.51
C LYS A 25 35.13 33.21 -15.39
N THR A 26 35.11 33.73 -14.16
CA THR A 26 35.55 32.99 -13.00
C THR A 26 34.55 33.18 -11.87
N MET A 27 34.49 32.19 -10.98
CA MET A 27 33.67 32.26 -9.78
C MET A 27 34.47 31.72 -8.60
N LYS A 28 33.96 31.95 -7.40
CA LYS A 28 34.56 31.40 -6.19
C LYS A 28 34.03 29.99 -5.96
N ALA A 29 34.91 29.10 -5.51
CA ALA A 29 34.53 27.72 -5.31
C ALA A 29 35.43 27.06 -4.28
N ALA A 30 34.82 26.32 -3.35
CA ALA A 30 35.56 25.57 -2.33
C ALA A 30 35.89 24.19 -2.91
N VAL A 31 36.93 24.16 -3.73
CA VAL A 31 37.30 22.93 -4.44
C VAL A 31 38.01 21.98 -3.49
N VAL A 32 37.70 20.69 -3.62
CA VAL A 32 38.44 19.63 -2.93
C VAL A 32 39.49 19.13 -3.91
N ARG A 33 40.68 19.74 -3.85
CA ARG A 33 41.75 19.39 -4.80
C ARG A 33 42.10 17.91 -4.70
N GLU A 34 42.34 17.42 -3.49
CA GLU A 34 42.54 16.00 -3.26
C GLU A 34 41.96 15.64 -1.90
N PHE A 35 41.81 14.35 -1.66
CA PHE A 35 41.28 13.89 -0.39
C PHE A 35 42.29 14.15 0.72
N GLY A 36 41.77 14.43 1.91
CA GLY A 36 42.61 14.75 3.04
C GLY A 36 42.88 16.23 3.18
N LYS A 37 43.52 16.83 2.18
CA LYS A 37 43.86 18.24 2.17
C LYS A 37 42.64 19.11 2.43
N PRO A 38 42.80 20.29 3.01
CA PRO A 38 41.65 21.16 3.27
C PRO A 38 41.11 21.74 1.98
N LEU A 39 39.87 22.22 2.06
CA LEU A 39 39.23 22.80 0.88
C LEU A 39 39.92 24.10 0.49
N THR A 40 40.05 24.32 -0.80
CA THR A 40 40.73 25.49 -1.35
C THR A 40 39.70 26.40 -2.00
N ILE A 41 39.52 27.59 -1.44
CA ILE A 41 38.65 28.58 -2.05
C ILE A 41 39.41 29.19 -3.22
N ASP A 42 38.99 28.87 -4.44
CA ASP A 42 39.70 29.25 -5.65
C ASP A 42 38.77 30.00 -6.59
N GLU A 43 39.37 30.61 -7.61
CA GLU A 43 38.66 31.17 -8.75
C GLU A 43 38.63 30.09 -9.82
N VAL A 44 37.43 29.59 -10.13
CA VAL A 44 37.28 28.50 -11.09
C VAL A 44 36.40 28.99 -12.23
N PRO A 45 36.57 28.46 -13.45
CA PRO A 45 35.78 28.95 -14.59
C PRO A 45 34.28 28.79 -14.35
N VAL A 46 33.52 29.78 -14.80
CA VAL A 46 32.07 29.77 -14.63
C VAL A 46 31.47 28.63 -15.45
N PRO A 47 30.68 27.74 -14.85
CA PRO A 47 30.13 26.59 -15.60
C PRO A 47 28.96 27.03 -16.47
N GLU A 48 29.10 26.83 -17.78
CA GLU A 48 28.06 27.21 -18.74
C GLU A 48 27.16 26.01 -19.04
N PRO A 49 25.85 26.14 -18.88
CA PRO A 49 24.95 25.03 -19.20
C PRO A 49 24.95 24.72 -20.68
N GLY A 50 24.72 23.44 -21.00
CA GLY A 50 24.69 22.99 -22.37
C GLY A 50 23.30 22.53 -22.77
N PRO A 51 23.20 21.85 -23.92
CA PRO A 51 21.89 21.35 -24.38
C PRO A 51 21.13 20.59 -23.33
N GLY A 52 19.96 21.10 -22.96
CA GLY A 52 19.13 20.48 -21.95
C GLY A 52 19.52 20.79 -20.52
N MET A 53 20.38 21.77 -20.28
CA MET A 53 20.88 22.08 -18.95
C MET A 53 20.47 23.50 -18.55
N ILE A 54 20.56 23.77 -17.25
CA ILE A 54 20.29 25.10 -16.72
C ILE A 54 21.45 25.49 -15.80
N GLN A 55 21.44 26.74 -15.38
CA GLN A 55 22.44 27.29 -14.49
C GLN A 55 21.75 27.95 -13.30
N VAL A 56 22.27 27.69 -12.10
CA VAL A 56 21.66 28.16 -10.86
C VAL A 56 22.68 29.04 -10.15
N ARG A 57 22.51 30.36 -10.25
CA ARG A 57 23.27 31.27 -9.40
C ARG A 57 23.01 30.95 -7.95
N ILE A 58 24.03 30.50 -7.24
CA ILE A 58 23.87 29.94 -5.89
C ILE A 58 23.88 31.11 -4.92
N GLN A 59 22.69 31.51 -4.46
CA GLN A 59 22.60 32.52 -3.42
C GLN A 59 22.97 31.96 -2.06
N ALA A 60 22.50 30.75 -1.74
CA ALA A 60 22.80 30.09 -0.47
C ALA A 60 23.15 28.63 -0.74
N SER A 61 23.83 28.02 0.23
CA SER A 61 24.27 26.63 0.08
C SER A 61 24.40 26.00 1.45
N GLY A 62 23.61 24.97 1.72
CA GLY A 62 23.72 24.26 2.97
C GLY A 62 24.99 23.43 3.06
N VAL A 63 25.35 23.08 4.29
CA VAL A 63 26.54 22.27 4.57
C VAL A 63 26.10 21.03 5.32
N CYS A 64 26.50 19.86 4.83
CA CYS A 64 26.11 18.59 5.41
C CYS A 64 27.34 17.73 5.63
N HIS A 65 27.19 16.70 6.48
CA HIS A 65 28.30 15.80 6.75
C HIS A 65 28.65 14.97 5.52
N THR A 66 27.67 14.72 4.65
CA THR A 66 27.97 14.09 3.36
C THR A 66 29.00 14.88 2.58
N ASP A 67 28.92 16.22 2.65
CA ASP A 67 29.92 17.05 1.99
C ASP A 67 31.31 16.86 2.59
N LEU A 68 31.39 16.74 3.92
CA LEU A 68 32.67 16.48 4.57
C LEU A 68 33.24 15.13 4.15
N HIS A 69 32.38 14.11 4.05
CA HIS A 69 32.85 12.80 3.62
C HIS A 69 33.33 12.83 2.17
N ALA A 70 32.60 13.53 1.29
CA ALA A 70 33.07 13.72 -0.07
C ALA A 70 34.43 14.41 -0.09
N ALA A 71 34.60 15.44 0.75
CA ALA A 71 35.88 16.13 0.80
C ALA A 71 37.00 15.23 1.31
N GLU A 72 36.67 14.28 2.17
CA GLU A 72 37.66 13.36 2.74
C GLU A 72 37.78 12.06 1.96
N GLY A 73 36.81 11.73 1.11
CA GLY A 73 36.91 10.54 0.27
C GLY A 73 36.98 9.24 1.05
N ASP A 74 36.19 9.11 2.12
CA ASP A 74 36.23 7.94 3.00
C ASP A 74 35.02 7.04 2.82
N TRP A 75 34.53 6.87 1.61
CA TRP A 75 33.35 6.06 1.35
C TRP A 75 33.64 4.93 0.37
N PRO A 76 32.86 3.85 0.40
CA PRO A 76 33.12 2.72 -0.51
C PRO A 76 33.17 3.12 -1.97
N VAL A 77 32.29 4.02 -2.39
CA VAL A 77 32.39 4.68 -3.69
C VAL A 77 32.74 6.14 -3.41
N LYS A 78 33.84 6.60 -3.98
CA LYS A 78 34.40 7.89 -3.65
C LYS A 78 34.20 8.88 -4.80
N PRO A 79 34.28 10.18 -4.52
CA PRO A 79 34.21 11.17 -5.60
C PRO A 79 35.49 11.19 -6.42
N ASN A 80 35.57 12.10 -7.39
CA ASN A 80 36.73 12.21 -8.26
C ASN A 80 37.27 13.63 -8.19
N PRO A 81 38.27 13.89 -7.34
CA PRO A 81 38.78 15.26 -7.22
C PRO A 81 39.60 15.62 -8.44
N PRO A 82 39.66 16.91 -8.81
CA PRO A 82 39.03 18.03 -8.10
C PRO A 82 37.54 18.17 -8.39
N PHE A 83 36.73 18.26 -7.33
CA PHE A 83 35.29 18.44 -7.47
C PHE A 83 34.82 19.47 -6.46
N ILE A 84 33.72 20.13 -6.78
CA ILE A 84 33.08 21.09 -5.89
C ILE A 84 31.99 20.35 -5.11
N PRO A 85 32.04 20.32 -3.78
CA PRO A 85 30.98 19.65 -3.02
C PRO A 85 29.71 20.48 -2.94
N GLY A 86 28.74 20.02 -2.16
CA GLY A 86 27.53 20.80 -1.92
C GLY A 86 26.33 20.33 -2.73
N HIS A 87 25.31 19.86 -2.03
CA HIS A 87 24.08 19.39 -2.66
C HIS A 87 22.86 20.10 -2.10
N GLU A 88 23.04 21.31 -1.58
CA GLU A 88 21.97 22.13 -1.06
C GLU A 88 22.06 23.55 -1.61
N GLY A 89 22.52 23.65 -2.87
CA GLY A 89 22.68 24.94 -3.51
C GLY A 89 21.40 25.48 -4.09
N VAL A 90 20.83 26.48 -3.44
CA VAL A 90 19.60 27.12 -3.89
C VAL A 90 19.96 28.46 -4.52
N GLY A 91 19.06 28.97 -5.35
CA GLY A 91 19.31 30.24 -5.99
C GLY A 91 18.33 30.50 -7.13
N PHE A 92 18.71 31.43 -7.99
CA PHE A 92 17.94 31.76 -9.18
C PHE A 92 18.49 30.99 -10.38
N VAL A 93 17.64 30.76 -11.36
CA VAL A 93 18.06 30.17 -12.62
C VAL A 93 18.74 31.27 -13.45
N SER A 94 20.06 31.15 -13.64
CA SER A 94 20.80 32.19 -14.34
C SER A 94 20.63 32.07 -15.85
N ALA A 95 21.08 30.96 -16.42
CA ALA A 95 20.96 30.69 -17.84
C ALA A 95 20.21 29.39 -18.07
N VAL A 96 19.69 29.22 -19.27
CA VAL A 96 19.00 28.00 -19.67
C VAL A 96 19.63 27.48 -20.97
N GLY A 97 19.93 26.20 -21.01
CA GLY A 97 20.43 25.60 -22.22
C GLY A 97 19.36 25.49 -23.29
N ALA A 98 19.80 25.38 -24.53
CA ALA A 98 18.88 25.29 -25.66
C ALA A 98 18.18 23.94 -25.62
N GLY A 99 16.93 23.95 -25.15
CA GLY A 99 16.17 22.71 -25.02
C GLY A 99 15.32 22.63 -23.78
N VAL A 100 15.68 23.40 -22.74
CA VAL A 100 14.90 23.38 -21.51
C VAL A 100 13.48 23.86 -21.78
N LYS A 101 12.52 23.29 -21.05
CA LYS A 101 11.12 23.47 -21.42
C LYS A 101 10.22 23.92 -20.28
N HIS A 102 10.60 23.64 -19.03
CA HIS A 102 9.70 23.89 -17.90
C HIS A 102 10.18 24.96 -16.95
N VAL A 103 11.48 25.06 -16.68
CA VAL A 103 11.99 26.10 -15.80
C VAL A 103 12.33 27.32 -16.64
N LYS A 104 12.24 28.49 -16.02
CA LYS A 104 12.41 29.76 -16.71
C LYS A 104 13.66 30.47 -16.20
N GLU A 105 14.02 31.55 -16.89
CA GLU A 105 15.21 32.34 -16.58
C GLU A 105 14.94 33.18 -15.34
N GLY A 106 15.12 32.56 -14.17
CA GLY A 106 14.96 33.29 -12.93
C GLY A 106 13.98 32.72 -11.92
N ASP A 107 13.75 31.41 -11.95
CA ASP A 107 12.94 30.78 -10.92
C ASP A 107 13.80 30.40 -9.72
N ARG A 108 13.19 30.45 -8.54
CA ARG A 108 13.86 30.00 -7.32
C ARG A 108 13.94 28.48 -7.33
N VAL A 109 15.14 27.95 -7.58
CA VAL A 109 15.33 26.51 -7.67
C VAL A 109 16.47 26.11 -6.73
N GLY A 110 16.64 24.81 -6.58
CA GLY A 110 17.75 24.27 -5.83
C GLY A 110 18.24 23.00 -6.48
N VAL A 111 19.52 22.70 -6.25
CA VAL A 111 20.15 21.52 -6.82
C VAL A 111 20.33 20.49 -5.70
N PRO A 112 19.52 19.43 -5.66
CA PRO A 112 19.62 18.48 -4.55
C PRO A 112 20.65 17.38 -4.77
N TRP A 113 20.71 16.44 -3.83
CA TRP A 113 21.66 15.33 -3.89
C TRP A 113 21.57 14.58 -5.21
N LEU A 114 20.37 14.40 -5.74
CA LEU A 114 20.15 13.66 -6.98
C LEU A 114 20.25 14.63 -8.15
N TYR A 115 21.27 14.46 -8.99
CA TYR A 115 21.57 15.39 -10.07
C TYR A 115 20.99 14.94 -11.41
N THR A 116 21.02 13.65 -11.70
CA THR A 116 20.36 13.09 -12.86
C THR A 116 20.04 11.63 -12.58
N ALA A 117 19.22 11.05 -13.45
CA ALA A 117 18.91 9.63 -13.41
C ALA A 117 18.72 9.15 -14.83
N CYS A 118 18.80 7.84 -15.03
CA CYS A 118 18.76 7.28 -16.37
C CYS A 118 17.44 7.62 -17.06
N GLY A 119 16.34 7.55 -16.34
CA GLY A 119 15.03 7.88 -16.86
C GLY A 119 14.23 6.69 -17.35
N HIS A 120 14.89 5.57 -17.66
CA HIS A 120 14.23 4.44 -18.28
C HIS A 120 14.35 3.13 -17.51
N CYS A 121 15.19 3.05 -16.49
CA CYS A 121 15.24 1.84 -15.68
C CYS A 121 13.92 1.69 -14.92
N ARG A 122 13.72 0.51 -14.33
CA ARG A 122 12.46 0.26 -13.63
C ARG A 122 12.28 1.20 -12.45
N HIS A 123 13.39 1.65 -11.84
CA HIS A 123 13.29 2.56 -10.71
C HIS A 123 12.82 3.94 -11.16
N CYS A 124 13.42 4.47 -12.23
CA CYS A 124 12.99 5.75 -12.76
C CYS A 124 11.55 5.71 -13.26
N LEU A 125 11.20 4.64 -13.97
CA LEU A 125 9.83 4.50 -14.48
C LEU A 125 8.83 4.39 -13.33
N GLY A 126 9.21 3.75 -12.23
CA GLY A 126 8.33 3.60 -11.10
C GLY A 126 8.31 4.76 -10.13
N GLY A 127 9.02 5.84 -10.43
CA GLY A 127 9.06 6.97 -9.51
C GLY A 127 10.10 6.84 -8.42
N TRP A 128 11.15 6.05 -8.65
CA TRP A 128 12.15 5.74 -7.65
C TRP A 128 13.54 6.05 -8.19
N GLU A 129 13.71 7.26 -8.71
CA GLU A 129 14.99 7.63 -9.30
C GLU A 129 16.09 7.78 -8.27
N THR A 130 15.77 7.74 -6.97
CA THR A 130 16.80 7.68 -5.93
C THR A 130 17.53 6.35 -5.90
N LEU A 131 17.05 5.35 -6.63
CA LEU A 131 17.64 4.02 -6.66
C LEU A 131 18.30 3.71 -8.00
N CYS A 132 18.29 4.65 -8.94
CA CYS A 132 18.86 4.39 -10.25
C CYS A 132 20.33 3.99 -10.15
N GLU A 133 20.70 2.93 -10.86
CA GLU A 133 22.08 2.49 -10.88
C GLU A 133 23.00 3.49 -11.57
N SER A 134 22.46 4.44 -12.32
CA SER A 134 23.26 5.39 -13.09
C SER A 134 22.95 6.83 -12.70
N GLN A 135 22.62 7.05 -11.44
CA GLN A 135 22.36 8.40 -10.97
C GLN A 135 23.67 9.13 -10.71
N LEU A 136 23.70 10.40 -11.09
CA LEU A 136 24.77 11.30 -10.70
C LEU A 136 24.34 12.10 -9.50
N ASN A 137 25.31 12.45 -8.66
CA ASN A 137 25.03 13.17 -7.43
C ASN A 137 25.71 14.53 -7.44
N THR A 138 25.07 15.50 -6.81
CA THR A 138 25.58 16.86 -6.75
C THR A 138 26.59 16.95 -5.62
N GLY A 139 27.79 17.43 -5.94
CA GLY A 139 28.84 17.52 -4.95
C GLY A 139 29.59 16.24 -4.69
N TYR A 140 29.15 15.13 -5.26
CA TYR A 140 29.88 13.87 -5.17
C TYR A 140 30.36 13.38 -6.53
N SER A 141 29.46 13.21 -7.49
CA SER A 141 29.82 12.72 -8.82
C SER A 141 30.02 13.84 -9.82
N VAL A 142 29.35 14.98 -9.62
CA VAL A 142 29.57 16.19 -10.39
C VAL A 142 29.68 17.34 -9.39
N ASN A 143 30.05 18.51 -9.90
CA ASN A 143 30.24 19.67 -9.04
C ASN A 143 28.91 20.07 -8.40
N GLY A 144 28.99 20.95 -7.42
CA GLY A 144 27.83 21.26 -6.61
C GLY A 144 27.67 22.71 -6.18
N GLY A 145 26.97 22.91 -5.07
CA GLY A 145 26.56 24.21 -4.59
C GLY A 145 27.58 25.00 -3.81
N PHE A 146 28.74 24.44 -3.49
CA PHE A 146 29.77 25.20 -2.78
C PHE A 146 30.49 26.12 -3.75
N ALA A 147 29.75 27.01 -4.41
CA ALA A 147 30.30 27.90 -5.42
C ALA A 147 29.23 28.92 -5.77
N ASP A 148 29.63 29.93 -6.55
CA ASP A 148 28.73 31.01 -6.94
C ASP A 148 27.96 30.72 -8.21
N TYR A 149 28.22 29.59 -8.87
CA TYR A 149 27.44 29.16 -10.03
C TYR A 149 27.50 27.65 -10.11
N VAL A 150 26.53 27.08 -10.84
CA VAL A 150 26.46 25.63 -11.03
C VAL A 150 25.65 25.37 -12.29
N VAL A 151 25.88 24.20 -12.88
CA VAL A 151 25.12 23.74 -14.03
C VAL A 151 24.34 22.51 -13.58
N ALA A 152 23.02 22.61 -13.59
CA ALA A 152 22.14 21.56 -13.10
C ALA A 152 21.20 21.09 -14.21
N ASP A 153 20.44 20.04 -13.88
CA ASP A 153 19.52 19.43 -14.82
C ASP A 153 18.10 19.86 -14.49
N PRO A 154 17.41 20.56 -15.38
CA PRO A 154 16.12 21.16 -15.02
C PRO A 154 15.05 20.16 -14.61
N ASN A 155 15.16 18.90 -15.04
CA ASN A 155 14.16 17.91 -14.68
C ASN A 155 14.26 17.47 -13.23
N TYR A 156 15.37 17.74 -12.56
CA TYR A 156 15.60 17.23 -11.23
C TYR A 156 15.76 18.30 -10.16
N VAL A 157 15.89 19.57 -10.54
CA VAL A 157 16.05 20.63 -9.57
C VAL A 157 14.72 20.94 -8.91
N GLY A 158 14.73 21.05 -7.58
CA GLY A 158 13.53 21.44 -6.87
C GLY A 158 13.17 22.89 -7.12
N HIS A 159 11.89 23.21 -6.93
CA HIS A 159 11.40 24.56 -7.16
C HIS A 159 11.04 25.19 -5.81
N LEU A 160 11.58 26.37 -5.55
CA LEU A 160 11.44 26.80 -4.18
C LEU A 160 10.17 27.62 -3.99
N PRO A 161 9.51 27.47 -2.84
CA PRO A 161 8.45 28.42 -2.49
C PRO A 161 9.01 29.83 -2.37
N LYS A 162 8.22 30.80 -2.80
CA LYS A 162 8.71 32.16 -2.91
C LYS A 162 8.61 32.98 -1.63
N ASN A 163 7.89 32.50 -0.62
CA ASN A 163 7.80 33.21 0.65
C ASN A 163 8.94 32.87 1.59
N VAL A 164 9.84 31.96 1.23
CA VAL A 164 10.96 31.56 2.06
C VAL A 164 12.24 31.96 1.35
N ASP A 165 13.13 32.64 2.06
CA ASP A 165 14.37 33.09 1.48
C ASP A 165 15.37 31.94 1.36
N PHE A 166 16.43 32.18 0.59
CA PHE A 166 17.39 31.12 0.29
C PHE A 166 18.08 30.61 1.56
N LEU A 167 18.45 31.52 2.46
CA LEU A 167 19.14 31.11 3.68
C LEU A 167 18.33 30.08 4.46
N ASP A 168 17.03 30.31 4.59
CA ASP A 168 16.19 29.42 5.39
C ASP A 168 15.63 28.24 4.59
N ILE A 169 15.86 28.20 3.27
CA ILE A 169 15.39 27.09 2.44
C ILE A 169 16.53 26.19 1.97
N ALA A 170 17.77 26.58 2.20
CA ALA A 170 18.89 25.70 1.84
C ALA A 170 18.89 24.38 2.61
N PRO A 171 18.65 24.33 3.93
CA PRO A 171 18.62 23.04 4.63
C PRO A 171 17.53 22.08 4.14
N VAL A 172 16.51 22.58 3.45
CA VAL A 172 15.40 21.73 3.03
C VAL A 172 15.74 20.88 1.82
N LEU A 173 16.90 21.08 1.20
CA LEU A 173 17.27 20.31 0.03
C LEU A 173 17.95 18.99 0.37
N CYS A 174 18.60 18.90 1.53
CA CYS A 174 19.11 17.64 2.02
C CYS A 174 18.41 17.20 3.30
N ALA A 175 18.46 18.03 4.34
CA ALA A 175 17.95 17.62 5.65
C ALA A 175 16.44 17.42 5.62
N GLY A 176 15.72 18.40 5.06
CA GLY A 176 14.27 18.32 5.04
C GLY A 176 13.76 17.15 4.22
N VAL A 177 14.30 16.98 3.01
CA VAL A 177 13.85 15.88 2.16
C VAL A 177 14.25 14.54 2.76
N THR A 178 15.44 14.48 3.38
CA THR A 178 15.88 13.24 4.01
C THR A 178 14.91 12.82 5.11
N VAL A 179 14.62 13.74 6.04
CA VAL A 179 13.75 13.36 7.15
C VAL A 179 12.32 13.14 6.68
N TYR A 180 11.88 13.87 5.65
CA TYR A 180 10.55 13.65 5.11
C TYR A 180 10.41 12.25 4.52
N LYS A 181 11.37 11.85 3.69
CA LYS A 181 11.33 10.50 3.12
C LYS A 181 11.48 9.44 4.20
N GLY A 182 12.33 9.69 5.19
CA GLY A 182 12.46 8.74 6.29
C GLY A 182 11.18 8.54 7.04
N LEU A 183 10.46 9.63 7.33
CA LEU A 183 9.17 9.52 7.99
C LEU A 183 8.14 8.85 7.09
N LYS A 184 8.22 9.06 5.78
CA LYS A 184 7.27 8.42 4.88
C LYS A 184 7.52 6.92 4.75
N VAL A 185 8.77 6.48 4.83
CA VAL A 185 9.07 5.05 4.73
C VAL A 185 8.98 4.35 6.07
N THR A 186 8.66 5.07 7.14
CA THR A 186 8.35 4.40 8.41
C THR A 186 6.98 3.75 8.40
N ASP A 187 6.22 3.90 7.32
CA ASP A 187 4.88 3.31 7.17
C ASP A 187 3.96 3.75 8.30
N THR A 188 4.17 4.95 8.81
CA THR A 188 3.36 5.51 9.87
C THR A 188 2.22 6.33 9.31
N LYS A 189 1.25 6.63 10.15
CA LYS A 189 0.07 7.40 9.81
C LYS A 189 -0.14 8.47 10.87
N PRO A 190 -0.90 9.52 10.55
CA PRO A 190 -1.18 10.54 11.56
C PRO A 190 -1.77 9.93 12.82
N GLY A 191 -1.29 10.41 13.96
CA GLY A 191 -1.65 9.85 15.24
C GLY A 191 -0.71 8.78 15.77
N ASP A 192 0.24 8.33 14.96
CA ASP A 192 1.21 7.33 15.40
C ASP A 192 2.31 7.97 16.24
N TRP A 193 3.22 7.15 16.72
CA TRP A 193 4.39 7.60 17.44
C TRP A 193 5.63 7.37 16.59
N VAL A 194 6.39 8.43 16.37
CA VAL A 194 7.71 8.36 15.77
C VAL A 194 8.72 8.88 16.79
N VAL A 195 9.74 8.09 17.05
CA VAL A 195 10.84 8.47 17.93
C VAL A 195 11.95 9.02 17.05
N ILE A 196 12.21 10.31 17.16
CA ILE A 196 13.32 10.94 16.48
C ILE A 196 14.53 10.84 17.41
N SER A 197 15.58 10.16 16.96
CA SER A 197 16.79 10.01 17.75
C SER A 197 17.91 10.79 17.08
N GLY A 198 18.68 11.53 17.88
CA GLY A 198 19.70 12.39 17.31
C GLY A 198 19.17 13.72 16.81
N ILE A 199 18.73 14.58 17.74
CA ILE A 199 18.19 15.88 17.39
C ILE A 199 19.34 16.82 17.06
N GLY A 200 19.73 16.86 15.79
CA GLY A 200 20.84 17.69 15.38
C GLY A 200 20.53 18.51 14.15
N GLY A 201 21.36 18.37 13.11
CA GLY A 201 21.02 18.99 11.84
C GLY A 201 19.84 18.36 11.15
N LEU A 202 19.59 17.08 11.41
CA LEU A 202 18.45 16.36 10.88
C LEU A 202 17.30 16.25 11.87
N GLY A 203 17.60 16.16 13.16
CA GLY A 203 16.58 15.78 14.13
C GLY A 203 15.52 16.83 14.35
N HIS A 204 15.89 18.11 14.37
CA HIS A 204 14.89 19.15 14.59
C HIS A 204 14.00 19.33 13.38
N MET A 205 14.60 19.27 12.18
CA MET A 205 13.80 19.20 10.96
C MET A 205 12.83 18.02 11.00
N ALA A 206 13.31 16.87 11.47
CA ALA A 206 12.47 15.69 11.54
C ALA A 206 11.33 15.87 12.52
N VAL A 207 11.59 16.51 13.66
CA VAL A 207 10.53 16.78 14.63
C VAL A 207 9.46 17.67 14.00
N GLN A 208 9.89 18.72 13.30
CA GLN A 208 8.94 19.62 12.67
C GLN A 208 8.12 18.90 11.59
N TYR A 209 8.77 18.07 10.77
CA TYR A 209 8.04 17.35 9.74
C TYR A 209 7.07 16.34 10.33
N ALA A 210 7.51 15.59 11.34
CA ALA A 210 6.63 14.62 11.98
C ALA A 210 5.46 15.30 12.67
N LYS A 211 5.63 16.56 13.12
CA LYS A 211 4.48 17.28 13.64
C LYS A 211 3.60 17.81 12.52
N ALA A 212 4.18 18.20 11.39
CA ALA A 212 3.40 18.64 10.25
C ALA A 212 2.73 17.46 9.54
N MET A 213 3.38 16.30 9.52
CA MET A 213 2.78 15.10 8.96
C MET A 213 1.77 14.45 9.90
N GLY A 214 1.51 15.03 11.06
CA GLY A 214 0.44 14.58 11.92
C GLY A 214 0.81 13.56 12.97
N MET A 215 2.09 13.28 13.16
CA MET A 215 2.53 12.21 14.05
C MET A 215 2.91 12.76 15.42
N ASN A 216 2.71 11.94 16.44
CA ASN A 216 3.22 12.27 17.77
C ASN A 216 4.71 12.02 17.81
N VAL A 217 5.45 12.98 18.36
CA VAL A 217 6.92 12.97 18.30
C VAL A 217 7.47 12.67 19.68
N ALA A 218 8.48 11.81 19.72
CA ALA A 218 9.29 11.57 20.91
C ALA A 218 10.74 11.75 20.50
N ALA A 219 11.44 12.66 21.16
CA ALA A 219 12.83 12.94 20.83
C ALA A 219 13.74 12.17 21.78
N VAL A 220 14.88 11.72 21.25
CA VAL A 220 15.91 11.04 22.03
C VAL A 220 17.25 11.64 21.66
N ASP A 221 17.98 12.13 22.65
CA ASP A 221 19.32 12.64 22.40
C ASP A 221 20.10 12.61 23.71
N ILE A 222 21.41 12.81 23.58
CA ILE A 222 22.29 12.87 24.75
C ILE A 222 22.29 14.25 25.38
N ASP A 223 22.14 15.30 24.57
CA ASP A 223 22.21 16.67 25.03
C ASP A 223 20.83 17.14 25.49
N ASP A 224 20.83 18.13 26.38
CA ASP A 224 19.58 18.67 26.89
C ASP A 224 19.17 19.98 26.23
N GLU A 225 20.12 20.71 25.62
CA GLU A 225 19.72 21.82 24.75
C GLU A 225 18.96 21.30 23.54
N LYS A 226 19.42 20.18 22.97
CA LYS A 226 18.69 19.53 21.89
C LYS A 226 17.31 19.08 22.35
N LEU A 227 17.22 18.52 23.56
CA LEU A 227 15.92 18.08 24.07
C LEU A 227 14.99 19.25 24.33
N ALA A 228 15.51 20.37 24.82
CA ALA A 228 14.69 21.56 25.00
C ALA A 228 14.16 22.07 23.67
N LEU A 229 15.04 22.12 22.66
CA LEU A 229 14.61 22.54 21.33
C LEU A 229 13.52 21.63 20.80
N ALA A 230 13.71 20.31 20.94
CA ALA A 230 12.71 19.35 20.45
C ALA A 230 11.40 19.51 21.19
N ARG A 231 11.44 19.68 22.51
CA ARG A 231 10.21 19.87 23.27
C ARG A 231 9.50 21.15 22.84
N LYS A 232 10.26 22.16 22.44
CA LYS A 232 9.64 23.36 21.89
C LYS A 232 8.97 23.07 20.56
N LEU A 233 9.65 22.34 19.67
CA LEU A 233 9.15 22.11 18.31
C LEU A 233 7.95 21.18 18.25
N GLY A 234 7.59 20.52 19.35
CA GLY A 234 6.39 19.71 19.36
C GLY A 234 6.61 18.27 19.79
N ALA A 235 7.77 17.98 20.36
CA ALA A 235 8.03 16.66 20.92
C ALA A 235 7.30 16.56 22.27
N THR A 236 6.18 15.84 22.29
CA THR A 236 5.46 15.65 23.53
C THR A 236 6.24 14.81 24.53
N VAL A 237 7.16 13.97 24.06
CA VAL A 237 7.98 13.13 24.91
C VAL A 237 9.43 13.41 24.59
N THR A 238 10.24 13.63 25.63
CA THR A 238 11.69 13.71 25.48
C THR A 238 12.34 12.86 26.57
N VAL A 239 13.30 12.04 26.15
CA VAL A 239 14.04 11.15 27.03
C VAL A 239 15.52 11.33 26.74
N ASN A 240 16.33 11.48 27.80
CA ASN A 240 17.76 11.67 27.62
C ASN A 240 18.46 10.32 27.52
N ALA A 241 19.30 10.16 26.49
CA ALA A 241 19.97 8.89 26.25
C ALA A 241 21.02 8.59 27.32
N ALA A 242 21.67 9.62 27.85
CA ALA A 242 22.78 9.45 28.78
C ALA A 242 22.43 9.78 30.22
N THR A 243 21.19 10.17 30.50
CA THR A 243 20.72 10.46 31.86
C THR A 243 19.46 9.66 32.14
N GLU A 244 19.50 8.37 31.80
CA GLU A 244 18.39 7.45 31.99
C GLU A 244 18.96 6.04 32.13
N PRO A 245 18.62 5.31 33.21
CA PRO A 245 19.14 3.93 33.37
C PRO A 245 19.06 3.10 32.11
N ASP A 246 17.87 2.99 31.53
CA ASP A 246 17.71 2.44 30.19
C ASP A 246 16.76 3.32 29.41
N PRO A 247 17.22 3.97 28.34
CA PRO A 247 16.37 4.91 27.60
C PRO A 247 15.18 4.25 26.93
N ALA A 248 15.45 3.13 26.24
CA ALA A 248 14.40 2.45 25.49
C ALA A 248 13.23 2.08 26.39
N ALA A 249 13.49 1.71 27.65
CA ALA A 249 12.40 1.39 28.56
C ALA A 249 11.51 2.61 28.79
N ALA A 250 12.11 3.78 28.97
CA ALA A 250 11.30 4.98 29.23
C ALA A 250 10.57 5.42 27.97
N ILE A 251 11.19 5.26 26.81
CA ILE A 251 10.51 5.57 25.55
C ILE A 251 9.30 4.66 25.36
N ARG A 252 9.47 3.37 25.64
CA ARG A 252 8.34 2.45 25.54
C ARG A 252 7.28 2.74 26.59
N LYS A 253 7.69 3.25 27.76
CA LYS A 253 6.70 3.69 28.75
C LYS A 253 5.88 4.85 28.24
N GLN A 254 6.54 5.86 27.68
CA GLN A 254 5.90 7.09 27.25
C GLN A 254 5.40 7.03 25.81
N THR A 255 5.42 5.85 25.18
CA THR A 255 4.82 5.65 23.87
C THR A 255 3.86 4.47 23.88
N ASP A 256 3.39 4.05 25.06
CA ASP A 256 2.39 3.01 25.21
C ASP A 256 2.87 1.64 24.71
N GLY A 257 4.18 1.46 24.55
CA GLY A 257 4.69 0.19 24.10
C GLY A 257 5.73 0.28 23.01
N GLY A 258 6.13 1.50 22.66
CA GLY A 258 7.11 1.74 21.63
C GLY A 258 6.52 2.51 20.46
N ALA A 259 7.43 2.99 19.62
CA ALA A 259 7.04 3.82 18.49
C ALA A 259 6.82 2.96 17.25
N GLN A 260 5.77 3.29 16.50
CA GLN A 260 5.58 2.63 15.22
C GLN A 260 6.66 3.02 14.23
N GLY A 261 7.17 4.23 14.32
CA GLY A 261 8.30 4.66 13.52
C GLY A 261 9.45 5.10 14.42
N VAL A 262 10.66 4.69 14.06
CA VAL A 262 11.85 5.19 14.74
C VAL A 262 12.79 5.73 13.68
N LEU A 263 13.06 7.03 13.74
CA LEU A 263 13.93 7.69 12.79
C LEU A 263 15.28 7.93 13.46
N VAL A 264 16.31 7.23 12.98
CA VAL A 264 17.66 7.37 13.51
C VAL A 264 18.40 8.33 12.58
N THR A 265 18.72 9.51 13.08
CA THR A 265 19.37 10.55 12.28
C THR A 265 20.88 10.54 12.44
N ALA A 266 21.37 10.41 13.67
CA ALA A 266 22.79 10.22 13.94
C ALA A 266 23.00 8.75 14.25
N VAL A 267 23.46 7.98 13.25
CA VAL A 267 23.52 6.53 13.37
C VAL A 267 24.77 6.15 14.16
N GLY A 268 24.56 5.54 15.31
CA GLY A 268 25.66 5.02 16.11
C GLY A 268 25.36 3.61 16.59
N ARG A 269 26.40 2.90 17.03
CA ARG A 269 26.18 1.60 17.64
C ARG A 269 25.23 1.70 18.83
N LYS A 270 25.40 2.74 19.64
CA LYS A 270 24.44 3.03 20.70
C LYS A 270 23.08 3.42 20.11
N ALA A 271 23.08 4.34 19.14
CA ALA A 271 21.83 4.86 18.61
C ALA A 271 21.01 3.76 17.94
N PHE A 272 21.66 2.91 17.13
CA PHE A 272 20.91 1.88 16.43
C PHE A 272 20.34 0.83 17.39
N GLU A 273 21.13 0.41 18.37
CA GLU A 273 20.63 -0.56 19.35
C GLU A 273 19.46 0.02 20.15
N GLN A 274 19.59 1.29 20.57
CA GLN A 274 18.50 1.93 21.29
C GLN A 274 17.27 2.07 20.41
N ALA A 275 17.46 2.37 19.12
CA ALA A 275 16.34 2.43 18.20
C ALA A 275 15.63 1.09 18.09
N ILE A 276 16.40 0.01 17.98
CA ILE A 276 15.81 -1.32 17.93
C ILE A 276 15.02 -1.59 19.19
N GLY A 277 15.54 -1.14 20.34
CA GLY A 277 14.81 -1.31 21.59
C GLY A 277 13.53 -0.49 21.65
N MET A 278 13.55 0.72 21.09
CA MET A 278 12.43 1.64 21.22
C MET A 278 11.26 1.27 20.32
N VAL A 279 11.54 0.76 19.12
CA VAL A 279 10.48 0.48 18.16
C VAL A 279 9.55 -0.60 18.70
N ALA A 280 8.28 -0.52 18.29
CA ALA A 280 7.27 -1.48 18.70
C ALA A 280 7.26 -2.67 17.76
N ARG A 281 6.60 -3.74 18.19
CA ARG A 281 6.55 -4.97 17.39
C ARG A 281 5.73 -4.71 16.12
N GLY A 282 6.38 -4.80 14.97
CA GLY A 282 5.79 -4.47 13.71
C GLY A 282 6.18 -3.11 13.17
N GLY A 283 6.81 -2.28 13.99
CA GLY A 283 7.22 -0.97 13.57
C GLY A 283 8.40 -1.02 12.62
N THR A 284 8.79 0.18 12.18
CA THR A 284 9.87 0.34 11.21
C THR A 284 10.95 1.23 11.79
N VAL A 285 12.20 0.88 11.51
CA VAL A 285 13.36 1.70 11.86
C VAL A 285 13.93 2.25 10.57
N ALA A 286 13.86 3.55 10.39
CA ALA A 286 14.45 4.22 9.25
C ALA A 286 15.79 4.81 9.64
N LEU A 287 16.83 4.41 8.91
CA LEU A 287 18.20 4.86 9.13
C LEU A 287 18.52 5.89 8.06
N ASN A 288 18.67 7.15 8.46
CA ASN A 288 18.91 8.24 7.53
C ASN A 288 20.37 8.65 7.44
N GLY A 289 21.24 8.05 8.25
CA GLY A 289 22.65 8.37 8.17
C GLY A 289 23.39 7.46 7.22
N LEU A 290 24.69 7.73 7.08
CA LEU A 290 25.61 6.88 6.32
C LEU A 290 26.86 6.64 7.14
N PRO A 291 26.76 5.83 8.20
CA PRO A 291 27.92 5.57 9.05
C PRO A 291 28.88 4.61 8.37
N PRO A 292 30.05 4.38 8.96
CA PRO A 292 30.96 3.35 8.45
C PRO A 292 30.78 2.02 9.16
N GLY A 293 31.27 0.97 8.50
CA GLY A 293 31.37 -0.33 9.13
C GLY A 293 30.09 -1.15 9.09
N ASP A 294 30.16 -2.28 9.77
CA ASP A 294 29.05 -3.23 9.87
C ASP A 294 28.52 -3.23 11.30
N PHE A 295 27.21 -3.12 11.43
CA PHE A 295 26.51 -2.96 12.70
C PHE A 295 25.86 -4.26 13.14
N PRO A 296 25.84 -4.54 14.44
CA PRO A 296 25.14 -5.73 14.93
C PRO A 296 23.65 -5.60 14.75
N LEU A 297 22.99 -6.75 14.64
CA LEU A 297 21.55 -6.79 14.42
C LEU A 297 21.03 -8.12 14.94
N ASP A 298 20.23 -8.09 16.00
CA ASP A 298 19.66 -9.32 16.55
C ASP A 298 18.60 -9.82 15.57
N ILE A 299 18.98 -10.79 14.75
CA ILE A 299 18.04 -11.34 13.77
C ILE A 299 16.91 -12.06 14.47
N PHE A 300 17.22 -12.74 15.58
CA PHE A 300 16.16 -13.36 16.37
C PHE A 300 15.16 -12.33 16.85
N GLY A 301 15.66 -11.21 17.39
CA GLY A 301 14.77 -10.17 17.87
C GLY A 301 13.95 -9.55 16.76
N MET A 302 14.58 -9.30 15.61
CA MET A 302 13.86 -8.72 14.48
C MET A 302 12.75 -9.65 14.00
N VAL A 303 13.07 -10.92 13.77
CA VAL A 303 12.07 -11.86 13.26
C VAL A 303 10.96 -12.07 14.28
N LEU A 304 11.32 -12.25 15.55
CA LEU A 304 10.31 -12.48 16.58
C LEU A 304 9.39 -11.27 16.71
N ASN A 305 9.95 -10.07 16.74
CA ASN A 305 9.13 -8.88 16.90
C ASN A 305 8.54 -8.39 15.60
N GLY A 306 8.91 -8.99 14.46
CA GLY A 306 8.44 -8.49 13.19
C GLY A 306 8.91 -7.10 12.87
N ILE A 307 10.08 -6.71 13.39
CA ILE A 307 10.62 -5.39 13.12
C ILE A 307 10.96 -5.28 11.63
N THR A 308 10.86 -4.06 11.12
CA THR A 308 11.30 -3.72 9.79
C THR A 308 12.40 -2.67 9.90
N VAL A 309 13.49 -2.86 9.18
CA VAL A 309 14.59 -1.91 9.14
C VAL A 309 14.80 -1.50 7.69
N ARG A 310 14.62 -0.22 7.41
CA ARG A 310 14.86 0.33 6.09
C ARG A 310 16.09 1.22 6.11
N GLY A 311 16.47 1.69 4.93
CA GLY A 311 17.50 2.69 4.82
C GLY A 311 17.21 3.64 3.69
N SER A 312 17.03 4.92 4.00
CA SER A 312 16.82 5.94 3.00
C SER A 312 17.69 7.13 3.35
N ILE A 313 18.27 7.76 2.32
CA ILE A 313 19.19 8.87 2.52
C ILE A 313 18.59 10.18 2.03
N VAL A 314 18.02 10.20 0.82
CA VAL A 314 17.38 11.40 0.28
C VAL A 314 16.15 10.95 -0.52
N GLY A 315 15.06 11.70 -0.38
CA GLY A 315 13.86 11.41 -1.13
C GLY A 315 13.96 11.76 -2.60
N THR A 316 12.87 11.50 -3.31
CA THR A 316 12.81 11.66 -4.76
C THR A 316 12.46 13.11 -5.12
N ARG A 317 12.20 13.34 -6.40
CA ARG A 317 11.77 14.67 -6.84
C ARG A 317 10.41 15.05 -6.27
N LEU A 318 9.49 14.09 -6.22
CA LEU A 318 8.16 14.40 -5.69
C LEU A 318 8.20 14.55 -4.17
N ASP A 319 9.01 13.74 -3.50
CA ASP A 319 9.15 13.89 -2.05
C ASP A 319 9.87 15.19 -1.72
N LEU A 320 10.83 15.59 -2.55
CA LEU A 320 11.44 16.90 -2.40
C LEU A 320 10.42 18.01 -2.56
N GLN A 321 9.55 17.90 -3.56
CA GLN A 321 8.52 18.90 -3.76
C GLN A 321 7.57 18.97 -2.56
N GLU A 322 7.20 17.82 -2.01
CA GLU A 322 6.33 17.80 -0.83
C GLU A 322 7.00 18.43 0.38
N SER A 323 8.29 18.14 0.60
CA SER A 323 9.00 18.74 1.71
C SER A 323 9.14 20.24 1.52
N LEU A 324 9.34 20.69 0.29
CA LEU A 324 9.37 22.11 0.00
C LEU A 324 8.02 22.76 0.24
N ASP A 325 6.94 22.03 -0.04
CA ASP A 325 5.61 22.53 0.27
C ASP A 325 5.43 22.71 1.78
N PHE A 326 5.89 21.73 2.56
CA PHE A 326 5.83 21.89 4.02
C PHE A 326 6.66 23.08 4.48
N ALA A 327 7.86 23.25 3.91
CA ALA A 327 8.71 24.38 4.31
C ALA A 327 8.05 25.71 3.95
N GLY A 328 7.47 25.82 2.76
CA GLY A 328 6.87 27.07 2.32
C GLY A 328 5.54 27.38 2.97
N ASP A 329 4.83 26.37 3.49
CA ASP A 329 3.61 26.62 4.21
C ASP A 329 3.84 27.18 5.61
N GLY A 330 5.07 27.07 6.13
CA GLY A 330 5.40 27.54 7.45
C GLY A 330 5.43 26.48 8.53
N LYS A 331 4.89 25.29 8.25
CA LYS A 331 4.81 24.24 9.26
C LYS A 331 6.15 23.63 9.62
N VAL A 332 7.21 23.94 8.87
CA VAL A 332 8.55 23.45 9.15
C VAL A 332 9.54 24.58 8.92
N LYS A 333 10.27 24.96 9.98
CA LYS A 333 11.28 26.00 9.90
C LYS A 333 12.60 25.46 10.42
N ALA A 334 13.62 25.46 9.58
CA ALA A 334 14.94 25.04 10.04
C ALA A 334 15.57 26.12 10.92
N THR A 335 16.40 25.69 11.87
CA THR A 335 17.20 26.61 12.66
C THR A 335 18.61 26.62 12.05
N VAL A 336 19.03 27.78 11.58
CA VAL A 336 20.14 27.89 10.64
C VAL A 336 21.18 28.86 11.18
N HIS A 337 22.44 28.48 11.10
CA HIS A 337 23.57 29.35 11.38
C HIS A 337 24.34 29.54 10.09
N LYS A 338 24.56 30.78 9.69
CA LYS A 338 25.11 31.09 8.38
C LYS A 338 26.59 31.39 8.46
N ALA A 339 27.27 31.20 7.33
CA ALA A 339 28.70 31.42 7.23
C ALA A 339 29.02 31.93 5.83
N LYS A 340 30.30 31.97 5.52
CA LYS A 340 30.81 32.29 4.19
C LYS A 340 31.66 31.12 3.70
N LEU A 341 31.96 31.15 2.41
CA LEU A 341 32.73 30.06 1.81
C LEU A 341 34.11 29.93 2.46
N GLU A 342 34.73 31.06 2.78
CA GLU A 342 36.13 31.09 3.19
C GLU A 342 36.41 30.31 4.47
N ASP A 343 35.40 30.00 5.28
CA ASP A 343 35.62 29.23 6.49
C ASP A 343 34.95 27.86 6.45
N ILE A 344 34.68 27.33 5.25
CA ILE A 344 34.11 25.99 5.15
C ILE A 344 35.01 24.98 5.85
N ASN A 345 36.33 25.14 5.70
CA ASN A 345 37.28 24.28 6.39
C ASN A 345 37.01 24.28 7.89
N ASN A 346 36.84 25.47 8.48
CA ASN A 346 36.54 25.54 9.90
C ASN A 346 35.27 24.77 10.21
N ILE A 347 34.24 24.95 9.38
CA ILE A 347 33.01 24.19 9.56
C ILE A 347 33.30 22.70 9.51
N PHE A 348 34.10 22.29 8.52
CA PHE A 348 34.50 20.89 8.45
C PHE A 348 35.27 20.49 9.70
N GLY A 349 36.13 21.39 10.20
CA GLY A 349 36.74 21.15 11.49
C GLY A 349 35.69 21.01 12.58
N GLN A 350 34.75 21.94 12.63
CA GLN A 350 33.65 21.84 13.59
C GLN A 350 32.78 20.63 13.29
N MET A 351 32.90 20.05 12.11
CA MET A 351 32.18 18.81 11.79
C MET A 351 32.73 17.61 12.53
N HIS A 352 33.79 17.78 13.32
CA HIS A 352 34.32 16.69 14.13
C HIS A 352 34.20 17.02 15.61
N GLY A 358 20.61 22.59 14.26
CA GLY A 358 21.41 23.55 13.52
C GLY A 358 21.98 22.99 12.23
N ARG A 359 22.02 23.84 11.20
CA ARG A 359 22.49 23.43 9.88
C ARG A 359 23.24 24.61 9.25
N MET A 360 24.52 24.43 9.00
CA MET A 360 25.33 25.51 8.46
C MET A 360 24.97 25.77 7.00
N VAL A 361 24.70 27.03 6.68
CA VAL A 361 24.32 27.44 5.33
C VAL A 361 25.29 28.51 4.86
N LEU A 362 26.01 28.23 3.78
CA LEU A 362 26.98 29.17 3.24
C LEU A 362 26.30 30.31 2.49
N ASP A 363 26.00 31.39 3.19
CA ASP A 363 25.42 32.57 2.53
C ASP A 363 26.42 33.17 1.55
N MET A 364 26.05 33.22 0.28
CA MET A 364 26.88 33.88 -0.72
C MET A 364 26.04 34.69 -1.70
N ALA A 365 24.88 35.15 -1.29
CA ALA A 365 23.99 35.92 -2.17
C ALA A 365 24.57 37.30 -2.45
N LYS B 25 10.75 9.94 -47.92
CA LYS B 25 10.08 10.06 -49.21
C LYS B 25 8.58 10.17 -49.03
N THR B 26 7.91 9.02 -48.97
CA THR B 26 6.46 8.98 -48.85
C THR B 26 6.05 7.67 -48.19
N MET B 27 4.88 7.67 -47.56
CA MET B 27 4.34 6.47 -46.92
C MET B 27 2.84 6.43 -47.13
N LYS B 28 2.26 5.27 -46.83
CA LYS B 28 0.82 5.05 -46.92
C LYS B 28 0.22 5.04 -45.53
N ALA B 29 -0.95 5.67 -45.40
CA ALA B 29 -1.59 5.80 -44.10
C ALA B 29 -3.11 5.80 -44.27
N ALA B 30 -3.80 5.53 -43.17
CA ALA B 30 -5.26 5.57 -43.11
C ALA B 30 -5.65 6.87 -42.43
N VAL B 31 -5.89 7.89 -43.23
CA VAL B 31 -6.15 9.24 -42.74
C VAL B 31 -7.65 9.41 -42.47
N VAL B 32 -7.96 10.29 -41.53
CA VAL B 32 -9.34 10.70 -41.25
C VAL B 32 -9.51 12.15 -41.69
N ARG B 33 -9.97 12.36 -42.92
CA ARG B 33 -10.12 13.71 -43.44
C ARG B 33 -11.22 14.48 -42.69
N GLU B 34 -12.37 13.84 -42.50
CA GLU B 34 -13.46 14.43 -41.73
C GLU B 34 -14.08 13.35 -40.87
N PHE B 35 -14.64 13.76 -39.73
CA PHE B 35 -15.26 12.83 -38.80
C PHE B 35 -16.46 12.14 -39.44
N GLY B 36 -16.60 10.86 -39.16
CA GLY B 36 -17.77 10.13 -39.60
C GLY B 36 -17.75 9.69 -41.04
N LYS B 37 -16.70 10.01 -41.79
CA LYS B 37 -16.60 9.65 -43.18
C LYS B 37 -15.53 8.57 -43.35
N PRO B 38 -15.67 7.71 -44.36
CA PRO B 38 -14.75 6.57 -44.49
C PRO B 38 -13.29 7.00 -44.51
N LEU B 39 -12.47 6.28 -43.76
CA LEU B 39 -11.04 6.56 -43.70
C LEU B 39 -10.42 6.40 -45.08
N THR B 40 -9.51 7.31 -45.43
CA THR B 40 -8.95 7.38 -46.76
C THR B 40 -7.53 6.84 -46.74
N ILE B 41 -7.24 5.89 -47.64
CA ILE B 41 -5.89 5.34 -47.77
C ILE B 41 -5.08 6.35 -48.60
N ASP B 42 -4.29 7.18 -47.93
CA ASP B 42 -3.57 8.27 -48.56
C ASP B 42 -2.07 7.97 -48.59
N GLU B 43 -1.37 8.64 -49.52
CA GLU B 43 0.08 8.59 -49.58
C GLU B 43 0.63 9.86 -48.94
N VAL B 44 0.55 9.90 -47.62
CA VAL B 44 1.03 11.05 -46.84
C VAL B 44 2.54 11.04 -46.80
N PRO B 45 3.20 12.15 -46.51
CA PRO B 45 4.67 12.13 -46.37
C PRO B 45 5.10 11.44 -45.08
N VAL B 46 6.32 10.92 -45.12
CA VAL B 46 6.87 10.26 -43.93
C VAL B 46 7.19 11.32 -42.88
N PRO B 47 6.80 11.14 -41.62
CA PRO B 47 7.17 12.09 -40.60
C PRO B 47 8.67 12.04 -40.31
N GLU B 48 9.22 13.18 -39.93
CA GLU B 48 10.63 13.23 -39.60
C GLU B 48 10.83 13.30 -38.09
N PRO B 49 11.91 12.72 -37.57
CA PRO B 49 12.10 12.71 -36.11
C PRO B 49 12.72 14.00 -35.59
N GLY B 50 11.99 14.70 -34.74
CA GLY B 50 12.48 15.92 -34.13
C GLY B 50 13.51 15.65 -33.06
N PRO B 51 14.24 16.69 -32.64
CA PRO B 51 15.24 16.51 -31.58
C PRO B 51 14.62 15.90 -30.33
N GLY B 52 15.14 14.73 -29.94
CA GLY B 52 14.56 13.98 -28.86
C GLY B 52 13.43 13.07 -29.25
N MET B 53 13.23 12.82 -30.54
CA MET B 53 12.14 11.99 -31.04
C MET B 53 12.71 10.92 -31.97
N ILE B 54 12.12 9.72 -31.90
CA ILE B 54 12.52 8.62 -32.77
C ILE B 54 11.46 8.45 -33.86
N GLN B 55 11.87 7.81 -34.96
CA GLN B 55 10.98 7.42 -36.04
C GLN B 55 10.92 5.90 -36.11
N VAL B 56 9.71 5.35 -36.05
CA VAL B 56 9.46 3.92 -35.96
C VAL B 56 8.82 3.46 -37.27
N ARG B 57 9.32 2.34 -37.80
CA ARG B 57 8.76 1.72 -39.00
C ARG B 57 7.78 0.64 -38.55
N ILE B 58 6.48 0.94 -38.69
CA ILE B 58 5.46 0.04 -38.16
C ILE B 58 5.49 -1.28 -38.92
N GLN B 59 5.28 -2.38 -38.19
CA GLN B 59 5.22 -3.71 -38.76
C GLN B 59 3.90 -4.41 -38.52
N ALA B 60 3.22 -4.11 -37.42
CA ALA B 60 1.90 -4.67 -37.15
C ALA B 60 1.18 -3.73 -36.20
N SER B 61 0.15 -3.04 -36.69
CA SER B 61 -0.57 -2.05 -35.92
C SER B 61 -1.94 -2.61 -35.57
N GLY B 62 -2.27 -2.60 -34.28
CA GLY B 62 -3.55 -3.11 -33.86
C GLY B 62 -4.69 -2.15 -34.12
N VAL B 63 -5.90 -2.70 -34.11
CA VAL B 63 -7.13 -1.94 -34.26
C VAL B 63 -7.92 -2.05 -32.97
N CYS B 64 -8.33 -0.91 -32.42
CA CYS B 64 -9.10 -0.85 -31.19
C CYS B 64 -10.35 -0.02 -31.43
N HIS B 65 -11.35 -0.20 -30.57
CA HIS B 65 -12.53 0.65 -30.63
C HIS B 65 -12.18 2.12 -30.48
N THR B 66 -11.06 2.41 -29.82
CA THR B 66 -10.61 3.79 -29.69
C THR B 66 -10.26 4.38 -31.05
N ASP B 67 -9.75 3.58 -31.98
CA ASP B 67 -9.48 4.09 -33.32
C ASP B 67 -10.78 4.49 -34.02
N LEU B 68 -11.83 3.69 -33.88
CA LEU B 68 -13.11 4.04 -34.49
C LEU B 68 -13.70 5.28 -33.83
N HIS B 69 -13.56 5.41 -32.52
CA HIS B 69 -14.11 6.57 -31.84
C HIS B 69 -13.32 7.84 -32.16
N ALA B 70 -12.02 7.69 -32.45
CA ALA B 70 -11.22 8.84 -32.87
C ALA B 70 -11.57 9.25 -34.29
N ALA B 71 -11.77 8.28 -35.17
CA ALA B 71 -12.15 8.60 -36.55
C ALA B 71 -13.56 9.18 -36.61
N GLU B 72 -14.45 8.75 -35.71
CA GLU B 72 -15.82 9.25 -35.69
C GLU B 72 -16.00 10.49 -34.83
N GLY B 73 -14.97 10.89 -34.09
CA GLY B 73 -15.04 12.14 -33.32
C GLY B 73 -16.22 12.22 -32.38
N ASP B 74 -16.53 11.12 -31.69
CA ASP B 74 -17.72 11.03 -30.86
C ASP B 74 -17.40 11.05 -29.36
N TRP B 75 -16.39 11.82 -28.96
CA TRP B 75 -15.92 11.88 -27.59
C TRP B 75 -15.89 13.33 -27.13
N PRO B 76 -15.92 13.56 -25.80
CA PRO B 76 -15.97 14.95 -25.31
C PRO B 76 -14.80 15.81 -25.77
N VAL B 77 -13.61 15.24 -25.90
CA VAL B 77 -12.46 15.93 -26.47
C VAL B 77 -12.10 15.22 -27.76
N LYS B 78 -12.12 15.95 -28.86
CA LYS B 78 -12.05 15.32 -30.16
C LYS B 78 -10.70 15.53 -30.80
N PRO B 79 -10.25 14.59 -31.64
CA PRO B 79 -9.02 14.79 -32.40
C PRO B 79 -9.18 15.90 -33.43
N ASN B 80 -8.05 16.33 -33.98
CA ASN B 80 -8.02 17.41 -34.95
C ASN B 80 -7.61 16.87 -36.32
N PRO B 81 -8.52 16.80 -37.28
CA PRO B 81 -8.18 16.22 -38.59
C PRO B 81 -7.35 17.17 -39.41
N PRO B 82 -6.59 16.65 -40.39
CA PRO B 82 -6.43 15.24 -40.68
C PRO B 82 -5.39 14.56 -39.78
N PHE B 83 -5.69 13.35 -39.34
CA PHE B 83 -4.80 12.64 -38.41
C PHE B 83 -4.86 11.14 -38.71
N ILE B 84 -3.78 10.46 -38.40
CA ILE B 84 -3.64 9.03 -38.63
C ILE B 84 -3.90 8.31 -37.30
N PRO B 85 -4.99 7.58 -37.16
CA PRO B 85 -5.24 6.85 -35.90
C PRO B 85 -4.25 5.72 -35.68
N GLY B 86 -4.37 5.02 -34.56
CA GLY B 86 -3.52 3.88 -34.31
C GLY B 86 -2.54 4.06 -33.17
N HIS B 87 -2.77 3.37 -32.06
CA HIS B 87 -1.91 3.46 -30.88
C HIS B 87 -1.43 2.08 -30.45
N GLU B 88 -1.37 1.14 -31.39
CA GLU B 88 -0.82 -0.19 -31.14
C GLU B 88 0.22 -0.54 -32.19
N GLY B 89 0.96 0.45 -32.68
CA GLY B 89 1.91 0.22 -33.74
C GLY B 89 3.28 -0.19 -33.25
N VAL B 90 3.65 -1.43 -33.54
CA VAL B 90 4.95 -1.96 -33.17
C VAL B 90 5.84 -1.98 -34.41
N GLY B 91 7.14 -2.07 -34.20
CA GLY B 91 8.05 -2.14 -35.31
C GLY B 91 9.47 -1.85 -34.86
N PHE B 92 10.31 -1.52 -35.85
CA PHE B 92 11.71 -1.18 -35.62
C PHE B 92 11.88 0.33 -35.59
N VAL B 93 12.94 0.77 -34.92
CA VAL B 93 13.33 2.17 -34.95
C VAL B 93 14.01 2.44 -36.29
N SER B 94 13.44 3.36 -37.06
CA SER B 94 14.03 3.71 -38.34
C SER B 94 14.91 4.95 -38.26
N ALA B 95 14.71 5.79 -37.27
CA ALA B 95 15.57 6.96 -37.11
C ALA B 95 15.57 7.38 -35.65
N VAL B 96 16.62 8.11 -35.27
CA VAL B 96 16.79 8.61 -33.92
C VAL B 96 16.97 10.12 -33.97
N GLY B 97 16.40 10.81 -32.99
CA GLY B 97 16.49 12.25 -32.95
C GLY B 97 17.84 12.75 -32.52
N ALA B 98 18.02 14.05 -32.66
CA ALA B 98 19.28 14.70 -32.31
C ALA B 98 19.36 14.84 -30.80
N GLY B 99 19.72 13.75 -30.13
CA GLY B 99 19.90 13.80 -28.69
C GLY B 99 19.45 12.58 -27.92
N VAL B 100 18.70 11.68 -28.55
CA VAL B 100 18.16 10.53 -27.83
C VAL B 100 19.30 9.67 -27.29
N LYS B 101 19.05 9.02 -26.16
CA LYS B 101 20.12 8.41 -25.37
C LYS B 101 19.97 6.92 -25.14
N HIS B 102 18.74 6.40 -25.04
CA HIS B 102 18.54 5.03 -24.58
C HIS B 102 17.82 4.13 -25.57
N VAL B 103 17.19 4.69 -26.60
CA VAL B 103 16.62 3.90 -27.69
C VAL B 103 17.52 4.06 -28.90
N LYS B 104 18.05 2.95 -29.40
CA LYS B 104 18.90 2.95 -30.58
C LYS B 104 18.13 2.38 -31.77
N GLU B 105 18.75 2.42 -32.93
CA GLU B 105 18.14 1.91 -34.15
C GLU B 105 17.97 0.40 -34.05
N GLY B 106 16.93 -0.11 -34.70
CA GLY B 106 16.64 -1.52 -34.68
C GLY B 106 16.00 -2.02 -33.41
N ASP B 107 15.85 -1.16 -32.40
CA ASP B 107 15.16 -1.53 -31.18
C ASP B 107 13.70 -1.83 -31.51
N ARG B 108 13.27 -3.05 -31.24
CA ARG B 108 11.89 -3.43 -31.50
C ARG B 108 11.00 -2.74 -30.49
N VAL B 109 10.45 -1.60 -30.88
CA VAL B 109 9.66 -0.75 -29.99
C VAL B 109 8.24 -0.67 -30.51
N GLY B 110 7.33 -0.33 -29.61
CA GLY B 110 5.94 -0.13 -29.96
C GLY B 110 5.37 1.13 -29.36
N VAL B 111 4.83 2.00 -30.21
CA VAL B 111 4.32 3.31 -29.77
C VAL B 111 2.95 3.12 -29.11
N PRO B 112 2.85 3.36 -27.81
CA PRO B 112 1.58 3.13 -27.11
C PRO B 112 0.65 4.33 -27.12
N TRP B 113 -0.48 4.19 -26.43
CA TRP B 113 -1.48 5.26 -26.37
C TRP B 113 -0.90 6.53 -25.75
N LEU B 114 -0.13 6.38 -24.67
CA LEU B 114 0.50 7.52 -24.02
C LEU B 114 1.68 7.97 -24.85
N TYR B 115 1.52 9.08 -25.56
CA TYR B 115 2.53 9.52 -26.51
C TYR B 115 3.64 10.30 -25.81
N THR B 116 3.28 11.32 -25.04
CA THR B 116 4.21 12.11 -24.25
C THR B 116 3.54 12.51 -22.95
N ALA B 117 4.30 13.18 -22.10
CA ALA B 117 3.78 13.83 -20.91
C ALA B 117 4.71 14.98 -20.56
N CYS B 118 4.21 15.91 -19.73
CA CYS B 118 5.00 17.07 -19.36
C CYS B 118 6.30 16.67 -18.67
N GLY B 119 6.22 15.70 -17.76
CA GLY B 119 7.39 15.21 -17.07
C GLY B 119 7.79 15.97 -15.83
N HIS B 120 6.98 16.92 -15.37
CA HIS B 120 7.30 17.70 -14.19
C HIS B 120 6.13 17.92 -13.24
N CYS B 121 4.94 17.43 -13.55
CA CYS B 121 3.81 17.63 -12.67
C CYS B 121 3.78 16.55 -11.59
N ARG B 122 2.80 16.65 -10.69
CA ARG B 122 2.68 15.71 -9.58
C ARG B 122 2.40 14.29 -10.04
N HIS B 123 1.99 14.10 -11.29
CA HIS B 123 1.71 12.79 -11.84
C HIS B 123 2.92 12.18 -12.51
N CYS B 124 3.66 12.96 -13.30
CA CYS B 124 4.82 12.43 -14.00
C CYS B 124 5.99 12.20 -13.05
N LEU B 125 6.12 13.01 -12.00
CA LEU B 125 7.14 12.76 -11.00
C LEU B 125 6.78 11.58 -10.11
N GLY B 126 5.49 11.35 -9.89
CA GLY B 126 5.02 10.22 -9.11
C GLY B 126 4.90 8.91 -9.85
N GLY B 127 5.33 8.86 -11.11
CA GLY B 127 5.17 7.67 -11.91
C GLY B 127 3.75 7.38 -12.32
N TRP B 128 2.92 8.41 -12.46
CA TRP B 128 1.54 8.27 -12.91
C TRP B 128 1.33 9.11 -14.15
N GLU B 129 2.22 8.97 -15.13
CA GLU B 129 2.25 9.85 -16.28
C GLU B 129 1.02 9.75 -17.16
N THR B 130 0.17 8.74 -16.98
CA THR B 130 -1.07 8.65 -17.74
C THR B 130 -2.16 9.58 -17.20
N LEU B 131 -1.97 10.13 -16.01
CA LEU B 131 -2.91 11.08 -15.43
C LEU B 131 -2.53 12.52 -15.72
N CYS B 132 -1.46 12.76 -16.46
CA CYS B 132 -1.01 14.11 -16.76
C CYS B 132 -2.06 14.83 -17.60
N GLU B 133 -1.89 16.16 -17.70
CA GLU B 133 -2.78 17.01 -18.47
C GLU B 133 -2.14 17.53 -19.74
N SER B 134 -0.83 17.73 -19.76
CA SER B 134 -0.11 18.12 -20.95
C SER B 134 0.32 16.92 -21.78
N GLN B 135 -0.34 15.78 -21.61
CA GLN B 135 -0.02 14.57 -22.33
C GLN B 135 -0.72 14.54 -23.68
N LEU B 136 -0.07 13.89 -24.64
CA LEU B 136 -0.65 13.67 -25.94
C LEU B 136 -1.10 12.21 -26.03
N ASN B 137 -1.60 11.82 -27.20
CA ASN B 137 -2.03 10.44 -27.41
C ASN B 137 -1.74 10.06 -28.85
N THR B 138 -1.16 8.88 -29.05
CA THR B 138 -0.83 8.41 -30.38
C THR B 138 -2.12 8.10 -31.13
N GLY B 139 -2.23 8.63 -32.35
CA GLY B 139 -3.40 8.42 -33.17
C GLY B 139 -4.61 9.23 -32.79
N TYR B 140 -4.55 9.98 -31.69
CA TYR B 140 -5.65 10.85 -31.28
C TYR B 140 -5.23 12.32 -31.28
N SER B 141 -4.19 12.67 -30.53
CA SER B 141 -3.67 14.03 -30.53
C SER B 141 -2.50 14.21 -31.49
N VAL B 142 -1.87 13.12 -31.91
CA VAL B 142 -0.78 13.12 -32.87
C VAL B 142 -1.00 11.96 -33.82
N ASN B 143 -0.26 11.96 -34.93
CA ASN B 143 -0.40 10.90 -35.91
C ASN B 143 0.03 9.56 -35.31
N GLY B 144 -0.69 8.50 -35.67
CA GLY B 144 -0.56 7.22 -35.04
C GLY B 144 0.05 6.16 -35.93
N GLY B 145 -0.16 4.90 -35.54
CA GLY B 145 0.45 3.74 -36.13
C GLY B 145 -0.23 3.16 -37.35
N PHE B 146 -1.29 3.77 -37.85
CA PHE B 146 -1.93 3.29 -39.08
C PHE B 146 -1.17 3.78 -40.30
N ALA B 147 0.13 3.52 -40.34
CA ALA B 147 0.97 4.02 -41.42
C ALA B 147 2.22 3.15 -41.51
N ASP B 148 3.03 3.42 -42.52
CA ASP B 148 4.32 2.76 -42.67
C ASP B 148 5.39 3.35 -41.76
N TYR B 149 5.17 4.55 -41.23
CA TYR B 149 6.14 5.19 -40.36
C TYR B 149 5.41 6.07 -39.37
N VAL B 150 6.10 6.39 -38.28
CA VAL B 150 5.53 7.21 -37.21
C VAL B 150 6.68 7.95 -36.55
N VAL B 151 6.33 8.94 -35.72
CA VAL B 151 7.28 9.67 -34.90
C VAL B 151 6.80 9.61 -33.46
N ALA B 152 7.67 9.15 -32.57
CA ALA B 152 7.30 8.94 -31.18
C ALA B 152 8.39 9.45 -30.25
N ASP B 153 8.01 9.62 -28.99
CA ASP B 153 8.98 10.00 -27.96
C ASP B 153 9.67 8.74 -27.45
N PRO B 154 10.99 8.64 -27.57
CA PRO B 154 11.69 7.45 -27.06
C PRO B 154 11.50 7.24 -25.56
N ASN B 155 11.24 8.29 -24.81
CA ASN B 155 11.00 8.15 -23.38
C ASN B 155 9.68 7.45 -23.06
N TYR B 156 8.82 7.25 -24.05
CA TYR B 156 7.50 6.69 -23.82
C TYR B 156 7.17 5.49 -24.68
N VAL B 157 8.03 5.11 -25.63
CA VAL B 157 7.79 3.90 -26.41
C VAL B 157 8.08 2.68 -25.56
N GLY B 158 7.35 1.60 -25.81
CA GLY B 158 7.61 0.35 -25.14
C GLY B 158 8.71 -0.45 -25.82
N HIS B 159 9.31 -1.35 -25.06
CA HIS B 159 10.40 -2.20 -25.58
C HIS B 159 9.89 -3.63 -25.59
N LEU B 160 9.78 -4.19 -26.78
CA LEU B 160 9.13 -5.48 -26.97
C LEU B 160 10.10 -6.62 -26.71
N PRO B 161 9.61 -7.76 -26.21
CA PRO B 161 10.47 -8.94 -26.11
C PRO B 161 10.82 -9.48 -27.49
N LYS B 162 12.08 -9.84 -27.67
CA LYS B 162 12.56 -10.27 -28.98
C LYS B 162 12.06 -11.66 -29.36
N ASN B 163 11.49 -12.42 -28.42
CA ASN B 163 11.02 -13.77 -28.71
C ASN B 163 9.59 -13.81 -29.20
N VAL B 164 8.95 -12.66 -29.40
CA VAL B 164 7.55 -12.58 -29.78
C VAL B 164 7.43 -11.82 -31.09
N ASP B 165 6.62 -12.33 -32.00
CA ASP B 165 6.44 -11.71 -33.31
C ASP B 165 5.64 -10.42 -33.19
N PHE B 166 5.87 -9.51 -34.14
CA PHE B 166 5.18 -8.22 -34.13
C PHE B 166 3.67 -8.40 -34.20
N LEU B 167 3.20 -9.30 -35.07
CA LEU B 167 1.77 -9.54 -35.18
C LEU B 167 1.18 -10.02 -33.86
N ASP B 168 1.95 -10.77 -33.07
CA ASP B 168 1.48 -11.25 -31.79
C ASP B 168 1.71 -10.28 -30.66
N ILE B 169 2.54 -9.26 -30.87
CA ILE B 169 2.85 -8.30 -29.81
C ILE B 169 2.11 -6.98 -29.99
N ALA B 170 1.47 -6.76 -31.13
CA ALA B 170 0.71 -5.52 -31.33
C ALA B 170 -0.43 -5.36 -30.33
N PRO B 171 -1.28 -6.37 -30.07
CA PRO B 171 -2.39 -6.15 -29.12
C PRO B 171 -1.94 -5.83 -27.70
N VAL B 172 -0.70 -6.15 -27.32
CA VAL B 172 -0.26 -5.91 -25.96
C VAL B 172 -0.17 -4.42 -25.67
N LEU B 173 0.08 -3.60 -26.70
CA LEU B 173 0.33 -2.18 -26.49
C LEU B 173 -0.89 -1.43 -25.98
N CYS B 174 -2.11 -1.86 -26.31
CA CYS B 174 -3.29 -1.26 -25.71
C CYS B 174 -4.10 -2.28 -24.91
N ALA B 175 -4.52 -3.38 -25.52
CA ALA B 175 -5.35 -4.34 -24.82
C ALA B 175 -4.62 -4.97 -23.65
N GLY B 176 -3.39 -5.45 -23.91
CA GLY B 176 -2.63 -6.11 -22.86
C GLY B 176 -2.34 -5.20 -21.69
N VAL B 177 -1.83 -4.00 -21.97
CA VAL B 177 -1.49 -3.07 -20.89
C VAL B 177 -2.75 -2.58 -20.19
N THR B 178 -3.84 -2.37 -20.94
CA THR B 178 -5.08 -1.93 -20.32
C THR B 178 -5.57 -2.95 -19.31
N VAL B 179 -5.64 -4.22 -19.73
CA VAL B 179 -6.15 -5.24 -18.81
C VAL B 179 -5.15 -5.53 -17.70
N TYR B 180 -3.85 -5.38 -17.99
CA TYR B 180 -2.84 -5.59 -16.96
C TYR B 180 -2.96 -4.56 -15.85
N LYS B 181 -3.02 -3.27 -16.22
CA LYS B 181 -3.18 -2.22 -15.23
C LYS B 181 -4.55 -2.30 -14.55
N GLY B 182 -5.58 -2.69 -15.29
CA GLY B 182 -6.88 -2.88 -14.67
C GLY B 182 -6.86 -3.96 -13.60
N LEU B 183 -6.12 -5.03 -13.84
CA LEU B 183 -5.95 -6.05 -12.82
C LEU B 183 -5.08 -5.57 -11.67
N LYS B 184 -4.09 -4.72 -11.98
CA LYS B 184 -3.23 -4.21 -10.92
C LYS B 184 -3.94 -3.20 -10.02
N VAL B 185 -4.97 -2.52 -10.54
CA VAL B 185 -5.71 -1.54 -9.75
C VAL B 185 -6.95 -2.13 -9.11
N THR B 186 -7.28 -3.39 -9.41
CA THR B 186 -8.26 -4.09 -8.61
C THR B 186 -7.75 -4.38 -7.20
N ASP B 187 -6.44 -4.20 -6.97
CA ASP B 187 -5.82 -4.42 -5.67
C ASP B 187 -6.05 -5.83 -5.17
N THR B 188 -6.04 -6.80 -6.09
CA THR B 188 -6.10 -8.20 -5.71
C THR B 188 -4.69 -8.77 -5.62
N LYS B 189 -4.60 -9.96 -5.06
CA LYS B 189 -3.35 -10.67 -4.83
C LYS B 189 -3.49 -12.08 -5.36
N PRO B 190 -2.37 -12.74 -5.66
CA PRO B 190 -2.45 -14.13 -6.14
C PRO B 190 -3.26 -15.01 -5.19
N GLY B 191 -4.20 -15.76 -5.75
CA GLY B 191 -5.13 -16.56 -4.98
C GLY B 191 -6.51 -15.96 -4.84
N ASP B 192 -6.70 -14.72 -5.26
CA ASP B 192 -8.01 -14.07 -5.21
C ASP B 192 -8.77 -14.28 -6.50
N TRP B 193 -10.10 -14.21 -6.40
CA TRP B 193 -10.97 -14.37 -7.55
C TRP B 193 -11.11 -13.06 -8.30
N VAL B 194 -11.02 -13.12 -9.62
CA VAL B 194 -11.23 -11.98 -10.50
C VAL B 194 -12.16 -12.39 -11.64
N VAL B 195 -13.25 -11.65 -11.79
CA VAL B 195 -14.23 -11.89 -12.85
C VAL B 195 -13.89 -11.00 -14.03
N ILE B 196 -13.54 -11.63 -15.16
CA ILE B 196 -13.20 -10.89 -16.38
C ILE B 196 -14.48 -10.82 -17.21
N SER B 197 -15.23 -9.74 -17.04
CA SER B 197 -16.49 -9.56 -17.76
C SER B 197 -16.21 -9.20 -19.22
N GLY B 198 -17.03 -9.73 -20.12
CA GLY B 198 -16.93 -9.31 -21.50
C GLY B 198 -15.70 -9.81 -22.22
N ILE B 199 -15.67 -11.11 -22.55
CA ILE B 199 -14.48 -11.70 -23.14
C ILE B 199 -14.43 -11.35 -24.62
N GLY B 200 -13.85 -10.20 -24.93
CA GLY B 200 -13.54 -9.86 -26.31
C GLY B 200 -12.07 -10.11 -26.54
N GLY B 201 -11.38 -9.14 -27.14
CA GLY B 201 -9.93 -9.20 -27.16
C GLY B 201 -9.40 -8.88 -25.78
N LEU B 202 -9.90 -7.80 -25.20
CA LEU B 202 -9.54 -7.44 -23.83
C LEU B 202 -9.88 -8.55 -22.87
N GLY B 203 -11.03 -9.21 -23.05
CA GLY B 203 -11.45 -10.22 -22.11
C GLY B 203 -10.53 -11.43 -22.08
N HIS B 204 -10.15 -11.94 -23.25
CA HIS B 204 -9.27 -13.10 -23.26
C HIS B 204 -7.85 -12.72 -22.85
N MET B 205 -7.41 -11.53 -23.24
CA MET B 205 -6.12 -11.03 -22.76
C MET B 205 -6.11 -10.96 -21.24
N ALA B 206 -7.18 -10.44 -20.65
CA ALA B 206 -7.26 -10.32 -19.20
C ALA B 206 -7.38 -11.66 -18.52
N VAL B 207 -8.04 -12.63 -19.15
CA VAL B 207 -8.06 -13.99 -18.62
C VAL B 207 -6.63 -14.51 -18.50
N GLN B 208 -5.85 -14.35 -19.56
CA GLN B 208 -4.47 -14.82 -19.52
C GLN B 208 -3.65 -14.08 -18.48
N TYR B 209 -3.80 -12.75 -18.41
CA TYR B 209 -3.02 -11.98 -17.43
C TYR B 209 -3.37 -12.36 -16.00
N ALA B 210 -4.67 -12.55 -15.72
CA ALA B 210 -5.08 -12.94 -14.38
C ALA B 210 -4.60 -14.35 -14.04
N LYS B 211 -4.45 -15.22 -15.05
CA LYS B 211 -3.85 -16.52 -14.77
C LYS B 211 -2.35 -16.40 -14.52
N ALA B 212 -1.68 -15.49 -15.23
CA ALA B 212 -0.25 -15.31 -15.06
C ALA B 212 0.10 -14.57 -13.77
N MET B 213 -0.88 -14.03 -13.06
CA MET B 213 -0.67 -13.40 -11.77
C MET B 213 -1.08 -14.31 -10.62
N GLY B 214 -1.32 -15.58 -10.88
CA GLY B 214 -1.74 -16.50 -9.85
C GLY B 214 -3.11 -16.21 -9.27
N MET B 215 -4.04 -15.73 -10.08
CA MET B 215 -5.39 -15.44 -9.63
C MET B 215 -6.38 -16.44 -10.24
N ASN B 216 -7.45 -16.71 -9.52
CA ASN B 216 -8.49 -17.63 -9.98
C ASN B 216 -9.50 -16.82 -10.80
N VAL B 217 -9.72 -17.26 -12.04
CA VAL B 217 -10.41 -16.44 -13.03
C VAL B 217 -11.80 -17.01 -13.25
N ALA B 218 -12.81 -16.25 -12.85
CA ALA B 218 -14.18 -16.47 -13.29
C ALA B 218 -14.44 -15.60 -14.50
N ALA B 219 -15.15 -16.14 -15.48
CA ALA B 219 -15.36 -15.44 -16.74
C ALA B 219 -16.85 -15.37 -17.05
N VAL B 220 -17.30 -14.19 -17.49
CA VAL B 220 -18.71 -13.95 -17.78
C VAL B 220 -18.80 -13.26 -19.14
N ASP B 221 -19.51 -13.89 -20.07
CA ASP B 221 -19.83 -13.24 -21.34
C ASP B 221 -21.12 -13.85 -21.88
N ILE B 222 -21.77 -13.09 -22.75
CA ILE B 222 -23.04 -13.54 -23.33
C ILE B 222 -22.82 -14.68 -24.30
N ASP B 223 -21.76 -14.62 -25.09
CA ASP B 223 -21.43 -15.69 -26.02
C ASP B 223 -20.99 -16.94 -25.26
N ASP B 224 -20.85 -18.04 -25.99
CA ASP B 224 -20.51 -19.33 -25.39
C ASP B 224 -19.20 -19.90 -25.91
N GLU B 225 -18.93 -19.77 -27.21
CA GLU B 225 -17.62 -20.12 -27.73
C GLU B 225 -16.53 -19.33 -27.03
N LYS B 226 -16.79 -18.07 -26.71
CA LYS B 226 -15.84 -17.28 -25.94
C LYS B 226 -15.70 -17.79 -24.52
N LEU B 227 -16.76 -18.36 -23.93
CA LEU B 227 -16.61 -18.97 -22.62
C LEU B 227 -15.77 -20.24 -22.69
N ALA B 228 -15.86 -21.00 -23.78
CA ALA B 228 -14.97 -22.15 -23.94
C ALA B 228 -13.53 -21.68 -24.19
N LEU B 229 -13.38 -20.57 -24.90
CA LEU B 229 -12.07 -19.95 -25.05
C LEU B 229 -11.49 -19.55 -23.69
N ALA B 230 -12.33 -19.00 -22.81
CA ALA B 230 -11.90 -18.71 -21.45
C ALA B 230 -11.50 -19.98 -20.72
N ARG B 231 -12.31 -21.04 -20.86
CA ARG B 231 -12.00 -22.33 -20.24
C ARG B 231 -10.61 -22.81 -20.62
N LYS B 232 -10.31 -22.81 -21.92
CA LYS B 232 -8.99 -23.28 -22.35
C LYS B 232 -7.89 -22.30 -21.93
N LEU B 233 -8.18 -21.00 -21.93
CA LEU B 233 -7.18 -20.00 -21.60
C LEU B 233 -6.86 -19.90 -20.11
N GLY B 234 -7.63 -20.56 -19.25
CA GLY B 234 -7.28 -20.61 -17.85
C GLY B 234 -8.43 -20.44 -16.88
N ALA B 235 -9.55 -19.93 -17.35
CA ALA B 235 -10.69 -19.69 -16.48
C ALA B 235 -11.25 -21.02 -15.97
N THR B 236 -11.49 -21.10 -14.66
CA THR B 236 -12.09 -22.29 -14.08
C THR B 236 -13.58 -22.14 -13.84
N VAL B 237 -14.07 -20.91 -13.83
CA VAL B 237 -15.50 -20.63 -13.72
C VAL B 237 -15.91 -19.84 -14.96
N THR B 238 -16.96 -20.29 -15.63
CA THR B 238 -17.51 -19.62 -16.79
C THR B 238 -19.01 -19.50 -16.63
N VAL B 239 -19.54 -18.29 -16.81
CA VAL B 239 -20.95 -17.99 -16.67
C VAL B 239 -21.43 -17.29 -17.93
N ASN B 240 -22.54 -17.75 -18.49
CA ASN B 240 -23.15 -17.12 -19.64
C ASN B 240 -24.19 -16.12 -19.17
N ALA B 241 -24.00 -14.84 -19.50
CA ALA B 241 -24.92 -13.80 -19.06
C ALA B 241 -26.31 -13.99 -19.64
N ALA B 242 -26.40 -14.48 -20.88
CA ALA B 242 -27.70 -14.61 -21.53
C ALA B 242 -28.54 -15.72 -20.90
N THR B 243 -27.90 -16.81 -20.46
CA THR B 243 -28.66 -18.00 -20.08
C THR B 243 -28.44 -18.36 -18.61
N GLU B 244 -28.49 -17.38 -17.72
CA GLU B 244 -28.57 -17.61 -16.30
C GLU B 244 -29.74 -16.81 -15.73
N PRO B 245 -30.37 -17.29 -14.66
CA PRO B 245 -31.42 -16.49 -14.02
C PRO B 245 -30.92 -15.12 -13.60
N ASP B 246 -29.71 -15.04 -13.05
CA ASP B 246 -28.97 -13.80 -12.89
C ASP B 246 -27.49 -14.16 -12.78
N PRO B 247 -26.66 -13.66 -13.71
CA PRO B 247 -25.24 -14.09 -13.73
C PRO B 247 -24.49 -13.78 -12.45
N ALA B 248 -24.82 -12.68 -11.78
CA ALA B 248 -24.10 -12.32 -10.56
C ALA B 248 -24.30 -13.35 -9.46
N ALA B 249 -25.46 -13.99 -9.40
CA ALA B 249 -25.66 -15.03 -8.39
C ALA B 249 -24.83 -16.26 -8.69
N ALA B 250 -24.71 -16.62 -9.97
CA ALA B 250 -23.85 -17.73 -10.35
C ALA B 250 -22.39 -17.42 -10.03
N ILE B 251 -21.95 -16.20 -10.29
CA ILE B 251 -20.58 -15.80 -9.96
C ILE B 251 -20.34 -15.87 -8.46
N ARG B 252 -21.25 -15.29 -7.67
CA ARG B 252 -21.11 -15.34 -6.22
C ARG B 252 -21.11 -16.76 -5.70
N LYS B 253 -21.88 -17.66 -6.34
CA LYS B 253 -21.92 -19.04 -5.92
C LYS B 253 -20.60 -19.74 -6.22
N GLN B 254 -20.10 -19.60 -7.45
CA GLN B 254 -18.92 -20.35 -7.88
C GLN B 254 -17.61 -19.74 -7.40
N THR B 255 -17.61 -18.49 -6.91
CA THR B 255 -16.41 -17.84 -6.42
C THR B 255 -16.41 -17.69 -4.91
N ASP B 256 -17.24 -18.46 -4.21
CA ASP B 256 -17.27 -18.53 -2.76
C ASP B 256 -17.63 -17.19 -2.10
N GLY B 257 -18.37 -16.33 -2.80
CA GLY B 257 -18.81 -15.10 -2.19
C GLY B 257 -18.64 -13.85 -3.04
N GLY B 258 -18.19 -14.03 -4.27
CA GLY B 258 -18.02 -12.87 -5.12
C GLY B 258 -16.54 -12.59 -5.32
N ALA B 259 -16.17 -12.24 -6.54
CA ALA B 259 -14.78 -12.03 -6.87
C ALA B 259 -14.20 -10.86 -6.10
N GLN B 260 -12.96 -11.01 -5.63
CA GLN B 260 -12.27 -9.90 -4.99
C GLN B 260 -12.02 -8.78 -5.99
N GLY B 261 -11.86 -9.10 -7.26
CA GLY B 261 -11.72 -8.09 -8.30
C GLY B 261 -12.61 -8.42 -9.48
N VAL B 262 -13.27 -7.39 -10.00
CA VAL B 262 -14.07 -7.52 -11.21
C VAL B 262 -13.49 -6.57 -12.23
N LEU B 263 -13.15 -7.08 -13.40
CA LEU B 263 -12.62 -6.28 -14.50
C LEU B 263 -13.67 -6.25 -15.60
N VAL B 264 -14.32 -5.10 -15.78
CA VAL B 264 -15.34 -4.93 -16.80
C VAL B 264 -14.65 -4.42 -18.05
N THR B 265 -14.44 -5.31 -19.02
CA THR B 265 -13.73 -4.97 -20.24
C THR B 265 -14.65 -4.44 -21.33
N ALA B 266 -15.93 -4.80 -21.29
CA ALA B 266 -16.90 -4.53 -22.35
C ALA B 266 -18.13 -3.83 -21.77
N VAL B 267 -17.91 -2.77 -21.00
CA VAL B 267 -19.01 -2.09 -20.32
C VAL B 267 -19.93 -1.47 -21.37
N GLY B 268 -21.05 -2.14 -21.65
CA GLY B 268 -22.02 -1.51 -22.52
C GLY B 268 -23.11 -0.73 -21.82
N ARG B 269 -24.02 -1.41 -21.13
CA ARG B 269 -24.97 -0.72 -20.28
C ARG B 269 -25.31 -1.50 -19.01
N LYS B 270 -25.23 -2.84 -19.07
CA LYS B 270 -25.68 -3.70 -18.00
C LYS B 270 -24.60 -4.63 -17.48
N ALA B 271 -23.52 -4.83 -18.23
CA ALA B 271 -22.34 -5.48 -17.67
C ALA B 271 -21.87 -4.76 -16.43
N PHE B 272 -22.08 -3.45 -16.35
CA PHE B 272 -21.69 -2.68 -15.17
C PHE B 272 -22.53 -3.08 -13.96
N GLU B 273 -23.84 -3.16 -14.12
CA GLU B 273 -24.69 -3.58 -13.01
C GLU B 273 -24.41 -5.02 -12.60
N GLN B 274 -24.21 -5.91 -13.58
CA GLN B 274 -23.89 -7.29 -13.25
C GLN B 274 -22.57 -7.36 -12.49
N ALA B 275 -21.56 -6.59 -12.93
CA ALA B 275 -20.28 -6.55 -12.23
C ALA B 275 -20.43 -6.06 -10.80
N ILE B 276 -21.20 -4.99 -10.62
CA ILE B 276 -21.45 -4.48 -9.26
C ILE B 276 -22.11 -5.54 -8.41
N GLY B 277 -22.99 -6.35 -9.00
CA GLY B 277 -23.56 -7.46 -8.27
C GLY B 277 -22.60 -8.59 -7.98
N MET B 278 -21.61 -8.81 -8.86
CA MET B 278 -20.68 -9.92 -8.70
C MET B 278 -19.61 -9.66 -7.65
N VAL B 279 -19.15 -8.42 -7.53
CA VAL B 279 -18.02 -8.11 -6.68
C VAL B 279 -18.38 -8.36 -5.21
N ALA B 280 -17.37 -8.73 -4.43
CA ALA B 280 -17.54 -8.99 -3.02
C ALA B 280 -17.32 -7.70 -2.22
N ARG B 281 -17.82 -7.69 -0.99
CA ARG B 281 -17.72 -6.50 -0.16
C ARG B 281 -16.26 -6.16 0.08
N GLY B 282 -15.92 -4.89 -0.13
CA GLY B 282 -14.53 -4.47 -0.12
C GLY B 282 -13.80 -4.75 -1.40
N GLY B 283 -14.44 -5.41 -2.36
CA GLY B 283 -13.81 -5.68 -3.63
C GLY B 283 -13.74 -4.43 -4.49
N THR B 284 -13.18 -4.59 -5.67
CA THR B 284 -12.92 -3.47 -6.56
C THR B 284 -13.41 -3.81 -7.96
N VAL B 285 -14.18 -2.90 -8.55
CA VAL B 285 -14.60 -2.99 -9.94
C VAL B 285 -13.76 -2.02 -10.74
N ALA B 286 -13.04 -2.54 -11.72
CA ALA B 286 -12.18 -1.74 -12.58
C ALA B 286 -12.76 -1.72 -13.98
N LEU B 287 -12.99 -0.53 -14.51
CA LEU B 287 -13.58 -0.33 -15.83
C LEU B 287 -12.48 0.01 -16.82
N ASN B 288 -12.50 -0.67 -17.96
CA ASN B 288 -11.53 -0.40 -19.02
C ASN B 288 -12.13 0.18 -20.28
N GLY B 289 -13.44 0.04 -20.50
CA GLY B 289 -14.05 0.61 -21.67
C GLY B 289 -14.33 2.09 -21.52
N LEU B 290 -14.77 2.68 -22.62
CA LEU B 290 -15.12 4.10 -22.67
C LEU B 290 -16.52 4.25 -23.24
N PRO B 291 -17.53 3.78 -22.50
CA PRO B 291 -18.90 3.79 -23.01
C PRO B 291 -19.47 5.20 -23.05
N PRO B 292 -20.44 5.44 -23.93
CA PRO B 292 -21.05 6.77 -24.01
C PRO B 292 -21.96 7.07 -22.83
N GLY B 293 -22.04 8.35 -22.50
CA GLY B 293 -23.01 8.82 -21.52
C GLY B 293 -22.73 8.41 -20.09
N ASP B 294 -23.80 8.41 -19.30
CA ASP B 294 -23.73 8.20 -17.86
C ASP B 294 -24.42 6.91 -17.47
N PHE B 295 -23.92 6.30 -16.40
CA PHE B 295 -24.43 5.03 -15.90
C PHE B 295 -24.97 5.21 -14.49
N PRO B 296 -26.03 4.49 -14.13
CA PRO B 296 -26.53 4.55 -12.76
C PRO B 296 -25.54 3.94 -11.79
N LEU B 297 -25.66 4.34 -10.52
CA LEU B 297 -24.76 3.86 -9.48
C LEU B 297 -25.54 3.79 -8.18
N ASP B 298 -25.68 2.58 -7.63
CA ASP B 298 -26.33 2.41 -6.34
C ASP B 298 -25.34 2.90 -5.27
N ILE B 299 -25.40 4.20 -4.99
CA ILE B 299 -24.50 4.78 -3.99
C ILE B 299 -24.74 4.13 -2.63
N PHE B 300 -25.99 3.82 -2.31
CA PHE B 300 -26.26 3.09 -1.08
C PHE B 300 -25.52 1.76 -1.08
N GLY B 301 -25.65 0.99 -2.16
CA GLY B 301 -24.97 -0.29 -2.22
C GLY B 301 -23.46 -0.16 -2.25
N MET B 302 -22.95 0.79 -3.05
CA MET B 302 -21.51 0.94 -3.20
C MET B 302 -20.87 1.44 -1.91
N VAL B 303 -21.64 2.14 -1.07
CA VAL B 303 -21.10 2.65 0.18
C VAL B 303 -21.23 1.60 1.27
N LEU B 304 -22.40 0.97 1.38
CA LEU B 304 -22.63 -0.02 2.43
C LEU B 304 -21.78 -1.26 2.23
N ASN B 305 -21.52 -1.63 0.97
CA ASN B 305 -20.72 -2.82 0.70
C ASN B 305 -19.22 -2.53 0.66
N GLY B 306 -18.82 -1.28 0.79
CA GLY B 306 -17.41 -0.95 0.70
C GLY B 306 -16.84 -1.10 -0.68
N ILE B 307 -17.67 -1.06 -1.72
CA ILE B 307 -17.20 -1.28 -3.08
C ILE B 307 -16.33 -0.12 -3.52
N THR B 308 -15.32 -0.42 -4.32
CA THR B 308 -14.51 0.59 -4.98
C THR B 308 -14.74 0.47 -6.48
N VAL B 309 -15.01 1.60 -7.12
CA VAL B 309 -15.16 1.65 -8.57
C VAL B 309 -14.06 2.56 -9.10
N ARG B 310 -13.21 2.00 -9.96
CA ARG B 310 -12.05 2.71 -10.47
C ARG B 310 -12.06 2.60 -12.00
N GLY B 311 -11.59 3.66 -12.65
CA GLY B 311 -11.54 3.72 -14.10
C GLY B 311 -10.10 3.57 -14.58
N SER B 312 -9.90 2.64 -15.51
CA SER B 312 -8.57 2.25 -15.95
C SER B 312 -8.46 2.43 -17.46
N ILE B 313 -7.46 3.20 -17.87
CA ILE B 313 -7.06 3.30 -19.28
C ILE B 313 -5.70 2.63 -19.33
N VAL B 314 -5.06 2.65 -20.50
CA VAL B 314 -4.04 1.64 -20.83
C VAL B 314 -3.07 1.42 -19.67
N GLY B 315 -2.38 2.46 -19.23
CA GLY B 315 -1.40 2.33 -18.18
C GLY B 315 -0.09 3.01 -18.53
N THR B 316 0.80 3.01 -17.55
CA THR B 316 2.02 3.80 -17.60
C THR B 316 3.12 3.04 -18.33
N ARG B 317 4.33 3.58 -18.30
CA ARG B 317 5.46 2.93 -18.97
C ARG B 317 5.94 1.71 -18.19
N LEU B 318 5.94 1.79 -16.86
CA LEU B 318 6.29 0.62 -16.06
C LEU B 318 5.31 -0.52 -16.29
N ASP B 319 4.01 -0.21 -16.30
CA ASP B 319 3.01 -1.24 -16.50
C ASP B 319 3.07 -1.81 -17.91
N LEU B 320 3.32 -0.96 -18.91
CA LEU B 320 3.49 -1.44 -20.27
C LEU B 320 4.68 -2.39 -20.37
N GLN B 321 5.81 -2.00 -19.77
CA GLN B 321 6.99 -2.86 -19.82
C GLN B 321 6.74 -4.18 -19.10
N GLU B 322 5.99 -4.14 -17.99
CA GLU B 322 5.66 -5.37 -17.28
C GLU B 322 4.76 -6.29 -18.11
N SER B 323 3.77 -5.71 -18.79
CA SER B 323 2.92 -6.51 -19.67
C SER B 323 3.72 -7.09 -20.84
N LEU B 324 4.69 -6.33 -21.35
CA LEU B 324 5.55 -6.86 -22.40
C LEU B 324 6.41 -8.00 -21.87
N ASP B 325 6.87 -7.90 -20.62
CA ASP B 325 7.59 -9.01 -20.01
C ASP B 325 6.71 -10.24 -19.89
N PHE B 326 5.45 -10.06 -19.49
CA PHE B 326 4.53 -11.19 -19.42
C PHE B 326 4.33 -11.83 -20.79
N ALA B 327 4.16 -11.01 -21.83
CA ALA B 327 4.03 -11.52 -23.18
C ALA B 327 5.33 -12.11 -23.71
N GLY B 328 6.47 -11.81 -23.07
CA GLY B 328 7.73 -12.37 -23.53
C GLY B 328 7.97 -13.77 -23.00
N ASP B 329 7.40 -14.09 -21.84
CA ASP B 329 7.55 -15.40 -21.23
C ASP B 329 6.56 -16.42 -21.77
N GLY B 330 5.60 -16.00 -22.58
CA GLY B 330 4.63 -16.92 -23.12
C GLY B 330 3.47 -17.25 -22.21
N LYS B 331 3.30 -16.51 -21.12
CA LYS B 331 2.16 -16.69 -20.24
C LYS B 331 0.92 -15.95 -20.73
N VAL B 332 1.09 -15.03 -21.69
CA VAL B 332 -0.02 -14.28 -22.26
C VAL B 332 0.21 -14.10 -23.75
N LYS B 333 -0.71 -14.60 -24.57
CA LYS B 333 -0.70 -14.36 -26.00
C LYS B 333 -2.10 -13.97 -26.44
N ALA B 334 -2.18 -13.19 -27.51
CA ALA B 334 -3.44 -12.71 -28.03
C ALA B 334 -3.83 -13.50 -29.26
N THR B 335 -5.12 -13.81 -29.39
CA THR B 335 -5.63 -14.32 -30.64
C THR B 335 -5.81 -13.15 -31.59
N VAL B 336 -4.99 -13.10 -32.63
CA VAL B 336 -5.01 -12.02 -33.60
C VAL B 336 -5.75 -12.48 -34.85
N HIS B 337 -6.39 -11.52 -35.52
CA HIS B 337 -7.04 -11.76 -36.81
C HIS B 337 -6.36 -10.81 -37.80
N LYS B 338 -5.27 -11.29 -38.39
CA LYS B 338 -4.45 -10.48 -39.28
C LYS B 338 -5.29 -9.90 -40.41
N ALA B 339 -4.94 -8.68 -40.81
CA ALA B 339 -5.63 -7.99 -41.89
C ALA B 339 -4.67 -7.00 -42.54
N LYS B 340 -5.14 -6.37 -43.61
CA LYS B 340 -4.32 -5.41 -44.33
C LYS B 340 -4.78 -3.99 -44.05
N LEU B 341 -3.92 -3.03 -44.41
CA LEU B 341 -4.25 -1.62 -44.19
C LEU B 341 -5.47 -1.22 -45.03
N GLU B 342 -5.52 -1.65 -46.28
CA GLU B 342 -6.59 -1.21 -47.18
C GLU B 342 -7.95 -1.70 -46.73
N ASP B 343 -8.01 -2.65 -45.81
CA ASP B 343 -9.27 -3.16 -45.28
C ASP B 343 -9.76 -2.37 -44.08
N ILE B 344 -9.06 -1.30 -43.70
CA ILE B 344 -9.33 -0.65 -42.42
C ILE B 344 -10.80 -0.25 -42.30
N ASN B 345 -11.33 0.41 -43.33
CA ASN B 345 -12.74 0.80 -43.30
C ASN B 345 -13.64 -0.39 -43.12
N ASN B 346 -13.41 -1.46 -43.88
CA ASN B 346 -14.17 -2.69 -43.71
C ASN B 346 -14.11 -3.15 -42.26
N ILE B 347 -12.91 -3.13 -41.68
CA ILE B 347 -12.77 -3.52 -40.27
C ILE B 347 -13.64 -2.64 -39.40
N PHE B 348 -13.59 -1.33 -39.64
CA PHE B 348 -14.43 -0.42 -38.86
C PHE B 348 -15.90 -0.75 -39.03
N GLY B 349 -16.30 -1.17 -40.24
CA GLY B 349 -17.66 -1.65 -40.41
C GLY B 349 -17.97 -2.80 -39.49
N GLN B 350 -17.07 -3.79 -39.45
CA GLN B 350 -17.24 -4.90 -38.52
C GLN B 350 -17.25 -4.43 -37.07
N MET B 351 -16.60 -3.29 -36.79
CA MET B 351 -16.55 -2.74 -35.45
C MET B 351 -17.82 -1.99 -35.08
N HIS B 352 -18.79 -1.91 -35.99
CA HIS B 352 -20.10 -1.35 -35.68
C HIS B 352 -21.15 -2.42 -35.40
N LYS B 353 -20.72 -3.65 -35.09
CA LYS B 353 -21.64 -4.74 -34.83
C LYS B 353 -21.16 -5.58 -33.64
N GLY B 358 -10.70 -11.76 -29.79
CA GLY B 358 -9.98 -11.65 -31.05
C GLY B 358 -9.63 -10.22 -31.42
N ARG B 359 -8.39 -9.83 -31.14
CA ARG B 359 -7.94 -8.49 -31.43
C ARG B 359 -7.56 -8.37 -32.91
N MET B 360 -8.20 -7.44 -33.61
CA MET B 360 -7.83 -7.16 -34.99
C MET B 360 -6.47 -6.47 -35.03
N VAL B 361 -5.61 -6.93 -35.95
CA VAL B 361 -4.27 -6.38 -36.10
C VAL B 361 -3.96 -6.25 -37.58
N LEU B 362 -3.40 -5.11 -37.97
CA LEU B 362 -2.95 -4.88 -39.33
C LEU B 362 -1.54 -5.41 -39.51
N ASP B 363 -1.17 -5.69 -40.76
CA ASP B 363 0.14 -6.26 -41.09
C ASP B 363 0.82 -5.37 -42.12
N MET B 364 1.86 -4.66 -41.69
CA MET B 364 2.68 -3.84 -42.58
C MET B 364 3.97 -4.54 -42.96
N ALA B 365 4.12 -5.81 -42.59
CA ALA B 365 5.36 -6.53 -42.84
C ALA B 365 5.44 -7.02 -44.28
N MET C 27 -35.92 1.01 32.84
CA MET C 27 -35.20 1.74 31.79
C MET C 27 -36.17 2.50 30.90
N LYS C 28 -35.70 3.58 30.30
CA LYS C 28 -36.50 4.42 29.40
C LYS C 28 -35.82 4.49 28.05
N ALA C 29 -36.57 4.19 27.00
CA ALA C 29 -36.01 4.13 25.66
C ALA C 29 -36.90 4.88 24.67
N ALA C 30 -36.41 5.00 23.44
CA ALA C 30 -37.15 5.55 22.32
C ALA C 30 -37.33 4.41 21.32
N VAL C 31 -38.49 3.76 21.36
CA VAL C 31 -38.71 2.49 20.67
C VAL C 31 -39.48 2.76 19.38
N VAL C 32 -38.90 2.36 18.25
CA VAL C 32 -39.60 2.37 16.98
C VAL C 32 -40.46 1.11 16.91
N ARG C 33 -41.71 1.22 17.37
CA ARG C 33 -42.58 0.04 17.41
C ARG C 33 -43.10 -0.32 16.03
N GLU C 34 -43.40 0.68 15.21
CA GLU C 34 -43.84 0.44 13.84
C GLU C 34 -43.29 1.53 12.94
N PHE C 35 -42.88 1.15 11.74
CA PHE C 35 -42.13 2.04 10.86
C PHE C 35 -42.95 3.28 10.50
N GLY C 36 -42.28 4.43 10.46
CA GLY C 36 -42.91 5.67 10.05
C GLY C 36 -43.53 6.44 11.20
N LYS C 37 -44.29 5.76 12.04
CA LYS C 37 -44.91 6.42 13.18
C LYS C 37 -43.83 6.90 14.15
N PRO C 38 -44.02 8.06 14.77
CA PRO C 38 -42.94 8.67 15.56
C PRO C 38 -42.54 7.81 16.75
N LEU C 39 -41.26 7.86 17.09
CA LEU C 39 -40.76 7.14 18.25
C LEU C 39 -41.49 7.58 19.51
N THR C 40 -41.86 6.60 20.33
CA THR C 40 -42.57 6.85 21.58
C THR C 40 -41.64 6.49 22.74
N ILE C 41 -41.56 7.39 23.72
CA ILE C 41 -40.66 7.19 24.86
C ILE C 41 -41.33 6.25 25.85
N ASP C 42 -41.09 4.95 25.69
CA ASP C 42 -41.72 3.94 26.51
C ASP C 42 -40.82 3.57 27.68
N GLU C 43 -41.20 2.52 28.41
CA GLU C 43 -40.38 1.94 29.46
C GLU C 43 -40.22 0.46 29.15
N VAL C 44 -39.04 0.07 28.68
CA VAL C 44 -38.77 -1.30 28.26
C VAL C 44 -37.92 -1.96 29.34
N PRO C 45 -37.85 -3.29 29.39
CA PRO C 45 -37.02 -3.96 30.40
C PRO C 45 -35.55 -3.59 30.26
N VAL C 46 -34.80 -3.84 31.33
CA VAL C 46 -33.38 -3.57 31.36
C VAL C 46 -32.65 -4.77 30.76
N PRO C 47 -31.88 -4.59 29.70
CA PRO C 47 -31.17 -5.73 29.10
C PRO C 47 -30.14 -6.31 30.08
N GLU C 48 -29.83 -7.59 29.88
CA GLU C 48 -28.85 -8.25 30.72
C GLU C 48 -27.89 -9.06 29.85
N PRO C 49 -26.59 -8.93 30.10
CA PRO C 49 -25.60 -9.52 29.18
C PRO C 49 -25.46 -11.02 29.34
N GLY C 50 -25.17 -11.69 28.22
CA GLY C 50 -24.85 -13.10 28.22
C GLY C 50 -23.35 -13.32 28.19
N PRO C 51 -22.91 -14.45 27.63
CA PRO C 51 -21.48 -14.77 27.62
C PRO C 51 -20.72 -13.85 26.67
N GLY C 52 -19.59 -13.34 27.14
CA GLY C 52 -18.84 -12.37 26.36
C GLY C 52 -19.66 -11.15 26.01
N MET C 53 -20.52 -10.72 26.92
CA MET C 53 -21.39 -9.57 26.71
C MET C 53 -21.27 -8.64 27.91
N ILE C 54 -21.11 -7.35 27.65
CA ILE C 54 -21.08 -6.34 28.70
C ILE C 54 -22.40 -5.58 28.67
N GLN C 55 -22.65 -4.84 29.74
CA GLN C 55 -23.82 -3.96 29.82
C GLN C 55 -23.33 -2.55 30.08
N VAL C 56 -23.71 -1.62 29.22
CA VAL C 56 -23.29 -0.23 29.30
C VAL C 56 -24.44 0.61 29.85
N ARG C 57 -24.13 1.51 30.78
CA ARG C 57 -25.09 2.50 31.26
C ARG C 57 -24.86 3.77 30.44
N ILE C 58 -25.78 4.05 29.53
CA ILE C 58 -25.61 5.16 28.60
C ILE C 58 -25.63 6.48 29.34
N GLN C 59 -24.67 7.35 29.02
CA GLN C 59 -24.60 8.70 29.54
C GLN C 59 -24.74 9.77 28.47
N ALA C 60 -24.53 9.42 27.20
CA ALA C 60 -24.86 10.27 26.08
C ALA C 60 -25.15 9.37 24.88
N SER C 61 -25.88 9.91 23.91
CA SER C 61 -26.28 9.11 22.76
C SER C 61 -26.52 10.04 21.59
N GLY C 62 -25.57 10.09 20.66
CA GLY C 62 -25.73 10.94 19.49
C GLY C 62 -26.91 10.52 18.64
N VAL C 63 -27.43 11.49 17.90
CA VAL C 63 -28.55 11.29 16.99
C VAL C 63 -28.04 11.50 15.56
N CYS C 64 -28.24 10.51 14.71
CA CYS C 64 -27.76 10.53 13.34
C CYS C 64 -28.93 10.35 12.39
N HIS C 65 -28.69 10.64 11.11
CA HIS C 65 -29.71 10.40 10.09
C HIS C 65 -29.92 8.92 9.85
N THR C 66 -28.93 8.08 10.15
CA THR C 66 -29.14 6.65 10.09
C THR C 66 -30.22 6.21 11.09
N ASP C 67 -30.32 6.90 12.22
CA ASP C 67 -31.42 6.64 13.14
C ASP C 67 -32.75 7.03 12.52
N LEU C 68 -32.78 8.11 11.75
CA LEU C 68 -34.01 8.50 11.06
C LEU C 68 -34.41 7.44 10.03
N HIS C 69 -33.44 6.96 9.25
CA HIS C 69 -33.73 5.96 8.24
C HIS C 69 -34.07 4.61 8.85
N ALA C 70 -33.61 4.33 10.07
CA ALA C 70 -34.05 3.14 10.77
C ALA C 70 -35.46 3.31 11.33
N ALA C 71 -35.79 4.52 11.80
CA ALA C 71 -37.15 4.76 12.29
C ALA C 71 -38.17 4.65 11.17
N GLU C 72 -37.92 5.31 10.05
CA GLU C 72 -38.83 5.20 8.92
C GLU C 72 -38.78 3.81 8.30
N GLY C 73 -37.58 3.30 8.06
CA GLY C 73 -37.42 1.97 7.51
C GLY C 73 -37.31 1.91 6.00
N ASP C 74 -36.86 2.99 5.36
CA ASP C 74 -36.78 3.04 3.90
C ASP C 74 -35.37 2.72 3.42
N TRP C 75 -34.95 1.49 3.69
CA TRP C 75 -33.68 0.96 3.25
C TRP C 75 -33.89 -0.45 2.72
N PRO C 76 -33.03 -0.92 1.80
CA PRO C 76 -33.17 -2.28 1.27
C PRO C 76 -33.35 -3.35 2.33
N VAL C 77 -32.39 -3.46 3.24
CA VAL C 77 -32.47 -4.39 4.37
C VAL C 77 -32.89 -3.60 5.60
N LYS C 78 -34.04 -3.97 6.17
CA LYS C 78 -34.69 -3.20 7.21
C LYS C 78 -34.55 -3.86 8.57
N PRO C 79 -34.79 -3.13 9.65
CA PRO C 79 -34.86 -3.73 10.98
C PRO C 79 -36.22 -4.38 11.22
N ASN C 80 -36.28 -5.18 12.29
CA ASN C 80 -37.50 -5.83 12.73
C ASN C 80 -38.03 -5.12 13.96
N PRO C 81 -38.92 -4.13 13.80
CA PRO C 81 -39.42 -3.42 14.97
C PRO C 81 -40.24 -4.34 15.83
N PRO C 82 -40.35 -4.05 17.15
CA PRO C 82 -39.83 -2.87 17.85
C PRO C 82 -38.35 -2.95 18.22
N PHE C 83 -37.55 -2.04 17.67
CA PHE C 83 -36.14 -1.94 17.97
C PHE C 83 -35.83 -0.56 18.54
N ILE C 84 -34.77 -0.50 19.36
CA ILE C 84 -34.32 0.75 19.95
C ILE C 84 -33.15 1.26 19.12
N PRO C 85 -33.28 2.40 18.42
CA PRO C 85 -32.19 2.87 17.56
C PRO C 85 -31.01 3.46 18.33
N GLY C 86 -30.07 4.03 17.61
CA GLY C 86 -28.97 4.75 18.23
C GLY C 86 -27.69 3.95 18.32
N HIS C 87 -26.67 4.40 17.59
CA HIS C 87 -25.36 3.75 17.56
C HIS C 87 -24.26 4.72 17.96
N GLU C 88 -24.56 5.58 18.94
CA GLU C 88 -23.59 6.53 19.47
C GLU C 88 -23.66 6.62 20.98
N GLY C 89 -24.12 5.57 21.64
CA GLY C 89 -24.26 5.58 23.08
C GLY C 89 -22.96 5.33 23.81
N VAL C 90 -22.56 6.26 24.67
CA VAL C 90 -21.35 6.15 25.46
C VAL C 90 -21.72 6.14 26.93
N GLY C 91 -20.90 5.50 27.74
CA GLY C 91 -21.18 5.42 29.17
C GLY C 91 -20.24 4.50 29.91
N PHE C 92 -20.73 3.97 31.02
CA PHE C 92 -19.97 3.11 31.91
C PHE C 92 -20.38 1.66 31.73
N VAL C 93 -19.47 0.74 32.03
CA VAL C 93 -19.78 -0.68 32.07
C VAL C 93 -20.34 -1.00 33.44
N SER C 94 -21.63 -1.31 33.51
CA SER C 94 -22.28 -1.64 34.76
C SER C 94 -22.38 -3.13 35.03
N ALA C 95 -21.91 -3.97 34.11
CA ALA C 95 -22.00 -5.41 34.26
C ALA C 95 -21.17 -6.08 33.17
N VAL C 96 -20.56 -7.21 33.53
CA VAL C 96 -19.87 -8.07 32.57
C VAL C 96 -20.50 -9.45 32.63
N GLY C 97 -20.78 -10.01 31.46
CA GLY C 97 -21.57 -11.23 31.38
C GLY C 97 -20.83 -12.53 31.66
N ALA C 98 -19.93 -12.50 32.64
CA ALA C 98 -19.28 -13.67 33.23
C ALA C 98 -18.31 -14.37 32.30
N GLY C 99 -18.09 -13.85 31.09
CA GLY C 99 -17.11 -14.44 30.20
C GLY C 99 -16.10 -13.43 29.70
N VAL C 100 -16.26 -12.18 30.10
CA VAL C 100 -15.48 -11.07 29.57
C VAL C 100 -14.13 -11.02 30.25
N LYS C 101 -13.06 -11.01 29.45
CA LYS C 101 -11.71 -11.00 29.99
C LYS C 101 -11.17 -9.60 30.19
N HIS C 102 -11.14 -8.79 29.13
CA HIS C 102 -10.42 -7.52 29.18
C HIS C 102 -11.24 -6.42 29.82
N VAL C 103 -12.38 -6.09 29.23
CA VAL C 103 -13.17 -4.93 29.67
C VAL C 103 -13.57 -5.10 31.14
N LYS C 104 -13.33 -4.06 31.94
CA LYS C 104 -13.66 -4.06 33.35
C LYS C 104 -15.06 -3.47 33.55
N GLU C 105 -15.40 -3.21 34.81
CA GLU C 105 -16.69 -2.62 35.18
C GLU C 105 -16.45 -1.22 35.71
N GLY C 106 -16.50 -0.25 34.79
CA GLY C 106 -16.21 1.13 35.11
C GLY C 106 -15.48 1.82 33.98
N ASP C 107 -15.08 1.05 32.98
CA ASP C 107 -14.45 1.62 31.79
C ASP C 107 -15.41 2.52 31.06
N ARG C 108 -14.90 3.62 30.51
CA ARG C 108 -15.68 4.49 29.65
C ARG C 108 -15.73 3.87 28.27
N VAL C 109 -16.86 3.26 27.94
CA VAL C 109 -17.01 2.57 26.68
C VAL C 109 -18.07 3.26 25.83
N GLY C 110 -18.13 2.86 24.56
CA GLY C 110 -19.21 3.28 23.69
C GLY C 110 -19.60 2.13 22.78
N VAL C 111 -20.82 2.22 22.26
CA VAL C 111 -21.34 1.14 21.41
C VAL C 111 -21.52 1.68 20.01
N PRO C 112 -20.59 1.41 19.09
CA PRO C 112 -20.68 2.00 17.74
C PRO C 112 -21.61 1.24 16.81
N TRP C 113 -21.60 1.65 15.54
CA TRP C 113 -22.46 1.02 14.54
C TRP C 113 -22.23 -0.49 14.49
N LEU C 114 -20.99 -0.92 14.39
CA LEU C 114 -20.67 -2.34 14.33
C LEU C 114 -20.83 -2.96 15.71
N TYR C 115 -21.79 -3.88 15.85
CA TYR C 115 -22.10 -4.48 17.15
C TYR C 115 -21.31 -5.77 17.38
N THR C 116 -21.52 -6.77 16.53
CA THR C 116 -20.75 -8.00 16.55
C THR C 116 -20.27 -8.32 15.15
N ALA C 117 -19.57 -9.45 15.04
CA ALA C 117 -19.17 -9.99 13.74
C ALA C 117 -18.95 -11.48 13.89
N CYS C 118 -18.93 -12.19 12.76
CA CYS C 118 -18.75 -13.63 12.81
C CYS C 118 -17.42 -14.00 13.45
N GLY C 119 -16.35 -13.29 13.08
CA GLY C 119 -15.05 -13.49 13.67
C GLY C 119 -14.11 -14.38 12.88
N HIS C 120 -14.62 -15.10 11.88
CA HIS C 120 -13.82 -16.06 11.15
C HIS C 120 -13.76 -15.84 9.65
N CYS C 121 -14.64 -15.01 9.08
CA CYS C 121 -14.63 -14.77 7.65
C CYS C 121 -13.36 -14.03 7.25
N ARG C 122 -13.12 -13.98 5.94
CA ARG C 122 -11.95 -13.29 5.42
C ARG C 122 -11.90 -11.83 5.84
N HIS C 123 -13.06 -11.19 5.95
CA HIS C 123 -13.10 -9.79 6.37
C HIS C 123 -12.74 -9.65 7.84
N CYS C 124 -13.33 -10.48 8.71
CA CYS C 124 -13.01 -10.42 10.13
C CYS C 124 -11.54 -10.75 10.38
N LEU C 125 -10.95 -11.62 9.55
CA LEU C 125 -9.56 -12.00 9.73
C LEU C 125 -8.58 -11.05 9.06
N GLY C 126 -9.02 -10.22 8.14
CA GLY C 126 -8.13 -9.29 7.49
C GLY C 126 -8.18 -7.87 8.04
N GLY C 127 -8.74 -7.71 9.23
CA GLY C 127 -8.90 -6.39 9.80
C GLY C 127 -9.89 -5.53 9.05
N TRP C 128 -11.00 -6.11 8.59
CA TRP C 128 -12.00 -5.43 7.79
C TRP C 128 -13.41 -5.81 8.21
N GLU C 129 -13.62 -6.01 9.51
CA GLU C 129 -14.85 -6.61 10.01
C GLU C 129 -16.09 -5.79 9.73
N THR C 130 -15.95 -4.53 9.32
CA THR C 130 -17.11 -3.77 8.89
C THR C 130 -17.76 -4.36 7.64
N LEU C 131 -17.00 -5.10 6.84
CA LEU C 131 -17.50 -5.74 5.63
C LEU C 131 -18.10 -7.11 5.88
N CYS C 132 -18.08 -7.59 7.12
CA CYS C 132 -18.64 -8.90 7.42
C CYS C 132 -20.11 -8.96 7.03
N GLU C 133 -20.50 -10.06 6.40
CA GLU C 133 -21.86 -10.20 5.91
C GLU C 133 -22.81 -10.77 6.95
N SER C 134 -22.30 -11.27 8.07
CA SER C 134 -23.13 -11.72 9.18
C SER C 134 -23.07 -10.74 10.36
N GLN C 135 -22.56 -9.53 10.12
CA GLN C 135 -22.42 -8.56 11.19
C GLN C 135 -23.79 -8.06 11.66
N LEU C 136 -23.82 -7.60 12.91
CA LEU C 136 -24.97 -6.90 13.44
C LEU C 136 -24.63 -5.42 13.60
N ASN C 137 -25.68 -4.60 13.69
CA ASN C 137 -25.50 -3.16 13.77
C ASN C 137 -26.33 -2.63 14.93
N THR C 138 -25.69 -1.85 15.81
CA THR C 138 -26.36 -1.34 17.00
C THR C 138 -27.47 -0.38 16.61
N GLY C 139 -28.64 -0.57 17.20
CA GLY C 139 -29.79 0.23 16.87
C GLY C 139 -30.41 -0.08 15.52
N TYR C 140 -29.86 -1.05 14.78
CA TYR C 140 -30.48 -1.52 13.55
C TYR C 140 -30.87 -2.99 13.63
N SER C 141 -29.93 -3.89 13.91
CA SER C 141 -30.23 -5.30 14.09
C SER C 141 -30.38 -5.69 15.55
N VAL C 142 -30.00 -4.81 16.48
CA VAL C 142 -30.09 -5.04 17.91
C VAL C 142 -30.39 -3.70 18.57
N ASN C 143 -30.92 -3.76 19.78
CA ASN C 143 -31.29 -2.55 20.49
C ASN C 143 -30.05 -1.68 20.73
N GLY C 144 -30.26 -0.36 20.68
CA GLY C 144 -29.14 0.56 20.65
C GLY C 144 -29.05 1.54 21.80
N GLY C 145 -28.48 2.70 21.52
CA GLY C 145 -28.12 3.70 22.50
C GLY C 145 -29.23 4.58 23.03
N PHE C 146 -30.39 4.61 22.40
CA PHE C 146 -31.47 5.50 22.83
C PHE C 146 -32.18 4.95 24.05
N ALA C 147 -31.41 4.68 25.10
CA ALA C 147 -31.93 4.09 26.33
C ALA C 147 -30.94 4.38 27.44
N ASP C 148 -31.26 3.89 28.65
CA ASP C 148 -30.33 4.05 29.76
C ASP C 148 -29.24 2.98 29.75
N TYR C 149 -29.64 1.71 29.68
CA TYR C 149 -28.69 0.61 29.62
C TYR C 149 -28.74 -0.06 28.25
N VAL C 150 -27.57 -0.50 27.78
CA VAL C 150 -27.48 -1.27 26.55
C VAL C 150 -26.54 -2.46 26.78
N VAL C 151 -26.94 -3.63 26.28
CA VAL C 151 -26.04 -4.78 26.23
C VAL C 151 -25.24 -4.71 24.94
N ALA C 152 -23.91 -4.77 25.07
CA ALA C 152 -23.00 -4.66 23.95
C ALA C 152 -21.97 -5.78 24.01
N ASP C 153 -21.16 -5.86 22.97
CA ASP C 153 -20.14 -6.90 22.86
C ASP C 153 -18.78 -6.29 23.16
N PRO C 154 -18.10 -6.69 24.24
CA PRO C 154 -16.86 -6.01 24.63
C PRO C 154 -15.75 -6.07 23.61
N ASN C 155 -15.74 -7.08 22.75
CA ASN C 155 -14.70 -7.16 21.72
C ASN C 155 -14.85 -6.08 20.66
N TYR C 156 -15.97 -5.37 20.64
CA TYR C 156 -16.24 -4.40 19.59
C TYR C 156 -16.52 -2.99 20.10
N VAL C 157 -16.76 -2.81 21.41
CA VAL C 157 -16.97 -1.47 21.92
C VAL C 157 -15.69 -0.65 21.80
N GLY C 158 -15.87 0.67 21.78
CA GLY C 158 -14.73 1.59 21.84
C GLY C 158 -14.49 2.03 23.27
N HIS C 159 -13.21 2.15 23.63
CA HIS C 159 -12.81 2.58 24.95
C HIS C 159 -12.49 4.06 24.91
N LEU C 160 -13.05 4.82 25.86
CA LEU C 160 -13.02 6.26 25.66
C LEU C 160 -11.89 6.92 26.44
N PRO C 161 -11.31 7.98 25.88
CA PRO C 161 -10.31 8.74 26.63
C PRO C 161 -10.92 9.41 27.85
N LYS C 162 -10.09 9.58 28.88
CA LYS C 162 -10.58 10.15 30.13
C LYS C 162 -10.78 11.65 30.05
N ASN C 163 -9.91 12.35 29.32
CA ASN C 163 -9.93 13.80 29.32
C ASN C 163 -11.07 14.40 28.50
N VAL C 164 -12.00 13.60 28.02
CA VAL C 164 -13.10 14.07 27.19
C VAL C 164 -14.41 13.69 27.84
N ASP C 165 -15.32 14.65 27.96
CA ASP C 165 -16.66 14.40 28.49
C ASP C 165 -17.49 13.61 27.49
N PHE C 166 -18.52 12.94 28.01
CA PHE C 166 -19.34 12.07 27.16
C PHE C 166 -20.05 12.85 26.07
N LEU C 167 -20.52 14.06 26.38
CA LEU C 167 -21.28 14.83 25.40
C LEU C 167 -20.43 15.15 24.17
N ASP C 168 -19.16 15.48 24.37
CA ASP C 168 -18.29 15.82 23.25
C ASP C 168 -17.60 14.62 22.63
N ILE C 169 -17.77 13.42 23.20
CA ILE C 169 -17.19 12.22 22.62
C ILE C 169 -18.24 11.35 21.93
N ALA C 170 -19.52 11.53 22.25
CA ALA C 170 -20.55 10.72 21.61
C ALA C 170 -20.61 10.87 20.09
N PRO C 171 -20.52 12.06 19.50
CA PRO C 171 -20.57 12.13 18.02
C PRO C 171 -19.41 11.42 17.35
N VAL C 172 -18.29 11.24 18.04
CA VAL C 172 -17.15 10.57 17.43
C VAL C 172 -17.42 9.09 17.21
N LEU C 173 -18.38 8.51 17.95
CA LEU C 173 -18.65 7.09 17.81
C LEU C 173 -19.28 6.72 16.47
N CYS C 174 -19.93 7.67 15.81
CA CYS C 174 -20.42 7.40 14.46
C CYS C 174 -19.94 8.43 13.45
N ALA C 175 -19.91 9.71 13.81
CA ALA C 175 -19.49 10.72 12.85
C ALA C 175 -17.98 10.84 12.77
N GLY C 176 -17.31 10.86 13.92
CA GLY C 176 -15.87 10.98 13.92
C GLY C 176 -15.18 9.82 13.23
N VAL C 177 -15.60 8.60 13.56
CA VAL C 177 -15.00 7.41 12.95
C VAL C 177 -15.34 7.35 11.47
N THR C 178 -16.57 7.73 11.10
CA THR C 178 -16.96 7.72 9.69
C THR C 178 -16.07 8.64 8.89
N VAL C 179 -15.89 9.88 9.36
CA VAL C 179 -15.07 10.80 8.56
C VAL C 179 -13.60 10.46 8.64
N TYR C 180 -13.13 9.89 9.76
CA TYR C 180 -11.73 9.48 9.84
C TYR C 180 -11.43 8.37 8.84
N LYS C 181 -12.28 7.33 8.80
CA LYS C 181 -12.08 6.26 7.84
C LYS C 181 -12.25 6.77 6.41
N GLY C 182 -13.23 7.66 6.18
CA GLY C 182 -13.39 8.22 4.86
C GLY C 182 -12.16 8.96 4.38
N LEU C 183 -11.51 9.72 5.28
CA LEU C 183 -10.27 10.39 4.90
C LEU C 183 -9.12 9.41 4.72
N LYS C 184 -9.13 8.31 5.47
CA LYS C 184 -8.09 7.30 5.30
C LYS C 184 -8.23 6.55 3.97
N VAL C 185 -9.45 6.38 3.47
CA VAL C 185 -9.66 5.65 2.23
C VAL C 185 -9.58 6.54 0.99
N THR C 186 -9.27 7.81 1.15
CA THR C 186 -9.00 8.67 0.00
C THR C 186 -7.57 8.54 -0.49
N ASP C 187 -6.78 7.67 0.14
CA ASP C 187 -5.38 7.47 -0.20
C ASP C 187 -4.58 8.77 -0.16
N THR C 188 -5.04 9.72 0.64
CA THR C 188 -4.37 11.01 0.76
C THR C 188 -3.35 10.97 1.89
N LYS C 189 -2.24 11.64 1.67
CA LYS C 189 -1.18 11.78 2.66
C LYS C 189 -1.18 13.21 3.22
N PRO C 190 -0.50 13.44 4.34
CA PRO C 190 -0.38 14.81 4.84
C PRO C 190 0.26 15.72 3.80
N GLY C 191 -0.27 16.94 3.68
CA GLY C 191 0.17 17.87 2.68
C GLY C 191 -0.57 17.81 1.37
N ASP C 192 -1.58 16.95 1.25
CA ASP C 192 -2.40 16.85 0.05
C ASP C 192 -3.75 17.48 0.29
N TRP C 193 -4.35 18.00 -0.78
CA TRP C 193 -5.61 18.71 -0.68
C TRP C 193 -6.78 17.74 -0.59
N VAL C 194 -7.59 17.90 0.46
CA VAL C 194 -8.84 17.17 0.58
C VAL C 194 -9.96 18.19 0.68
N VAL C 195 -10.91 18.10 -0.23
CA VAL C 195 -12.16 18.85 -0.12
C VAL C 195 -13.07 18.09 0.82
N ILE C 196 -13.65 18.81 1.78
CA ILE C 196 -14.78 18.29 2.55
C ILE C 196 -16.03 18.97 2.00
N SER C 197 -16.96 18.18 1.48
CA SER C 197 -18.14 18.71 0.81
C SER C 197 -19.32 18.66 1.76
N GLY C 198 -20.07 19.76 1.85
CA GLY C 198 -21.21 19.77 2.72
C GLY C 198 -20.85 19.79 4.20
N ILE C 199 -20.37 20.93 4.69
CA ILE C 199 -19.88 21.02 6.05
C ILE C 199 -21.06 21.06 7.01
N GLY C 200 -21.53 19.88 7.42
CA GLY C 200 -22.58 19.78 8.41
C GLY C 200 -22.00 19.42 9.76
N GLY C 201 -22.59 18.43 10.42
CA GLY C 201 -21.96 17.89 11.61
C GLY C 201 -20.79 17.01 11.22
N LEU C 202 -21.08 16.00 10.39
CA LEU C 202 -20.03 15.20 9.79
C LEU C 202 -19.03 16.08 9.04
N GLY C 203 -19.49 17.16 8.42
CA GLY C 203 -18.58 18.01 7.68
C GLY C 203 -17.58 18.73 8.56
N HIS C 204 -18.04 19.30 9.68
CA HIS C 204 -17.12 19.99 10.57
C HIS C 204 -16.19 19.00 11.27
N MET C 205 -16.71 17.84 11.65
CA MET C 205 -15.84 16.81 12.21
C MET C 205 -14.78 16.38 11.21
N ALA C 206 -15.15 16.26 9.94
CA ALA C 206 -14.20 15.89 8.90
C ALA C 206 -13.17 16.98 8.67
N VAL C 207 -13.58 18.26 8.77
CA VAL C 207 -12.62 19.34 8.65
C VAL C 207 -11.57 19.24 9.73
N GLN C 208 -12.02 18.99 10.96
CA GLN C 208 -11.08 18.89 12.08
C GLN C 208 -10.14 17.69 11.90
N TYR C 209 -10.69 16.53 11.50
CA TYR C 209 -9.84 15.36 11.30
C TYR C 209 -8.84 15.59 10.18
N ALA C 210 -9.28 16.18 9.07
CA ALA C 210 -8.39 16.38 7.93
C ALA C 210 -7.29 17.37 8.28
N LYS C 211 -7.58 18.39 9.08
CA LYS C 211 -6.52 19.29 9.52
C LYS C 211 -5.58 18.59 10.50
N ALA C 212 -6.11 17.73 11.37
CA ALA C 212 -5.30 17.01 12.33
C ALA C 212 -4.39 15.97 11.68
N MET C 213 -4.60 15.67 10.41
CA MET C 213 -3.79 14.69 9.69
C MET C 213 -2.77 15.33 8.77
N GLY C 214 -2.57 16.65 8.87
CA GLY C 214 -1.62 17.34 8.03
C GLY C 214 -2.15 17.73 6.67
N MET C 215 -3.39 17.38 6.36
CA MET C 215 -3.96 17.63 5.04
C MET C 215 -4.52 19.04 4.96
N ASN C 216 -4.23 19.72 3.84
CA ASN C 216 -4.90 20.98 3.54
C ASN C 216 -6.37 20.73 3.24
N VAL C 217 -7.23 21.63 3.69
CA VAL C 217 -8.66 21.44 3.63
C VAL C 217 -9.29 22.55 2.81
N ALA C 218 -10.30 22.19 2.00
CA ALA C 218 -11.04 23.12 1.16
C ALA C 218 -12.52 22.80 1.29
N ALA C 219 -13.23 23.57 2.12
CA ALA C 219 -14.62 23.28 2.41
C ALA C 219 -15.54 23.81 1.33
N VAL C 220 -16.63 23.06 1.09
CA VAL C 220 -17.61 23.40 0.07
C VAL C 220 -18.99 23.09 0.64
N ASP C 221 -19.83 24.11 0.80
CA ASP C 221 -21.17 23.95 1.30
C ASP C 221 -22.09 24.98 0.65
N ILE C 222 -23.38 24.86 0.94
CA ILE C 222 -24.37 25.79 0.39
C ILE C 222 -24.57 27.04 1.25
N ASP C 223 -24.31 26.95 2.54
CA ASP C 223 -24.42 28.10 3.44
C ASP C 223 -23.08 28.83 3.52
N ASP C 224 -23.12 30.04 4.09
CA ASP C 224 -21.90 30.79 4.30
C ASP C 224 -21.48 30.84 5.76
N GLU C 225 -22.42 30.69 6.69
CA GLU C 225 -22.03 30.55 8.10
C GLU C 225 -21.24 29.28 8.32
N LYS C 226 -21.63 28.18 7.65
CA LYS C 226 -20.85 26.96 7.74
C LYS C 226 -19.47 27.12 7.13
N LEU C 227 -19.35 27.94 6.07
CA LEU C 227 -18.04 28.25 5.54
C LEU C 227 -17.20 29.05 6.54
N ALA C 228 -17.84 29.96 7.28
CA ALA C 228 -17.13 30.66 8.35
C ALA C 228 -16.66 29.68 9.43
N LEU C 229 -17.53 28.74 9.80
CA LEU C 229 -17.16 27.72 10.79
C LEU C 229 -15.98 26.91 10.31
N ALA C 230 -15.99 26.53 9.02
CA ALA C 230 -14.87 25.78 8.46
C ALA C 230 -13.59 26.60 8.45
N ARG C 231 -13.68 27.89 8.11
CA ARG C 231 -12.50 28.75 8.20
C ARG C 231 -11.96 28.78 9.61
N LYS C 232 -12.85 28.80 10.61
CA LYS C 232 -12.41 28.73 11.99
C LYS C 232 -11.74 27.38 12.29
N LEU C 233 -12.21 26.31 11.66
CA LEU C 233 -11.76 24.96 11.96
C LEU C 233 -10.49 24.57 11.21
N GLY C 234 -9.94 25.44 10.38
CA GLY C 234 -8.68 25.14 9.73
C GLY C 234 -8.78 24.94 8.23
N ALA C 235 -9.95 25.19 7.66
CA ALA C 235 -10.09 25.17 6.21
C ALA C 235 -9.46 26.43 5.63
N THR C 236 -8.42 26.26 4.81
CA THR C 236 -7.78 27.40 4.18
C THR C 236 -8.46 27.82 2.88
N VAL C 237 -9.43 27.03 2.40
CA VAL C 237 -10.15 27.33 1.17
C VAL C 237 -11.63 27.09 1.45
N THR C 238 -12.47 28.04 1.03
CA THR C 238 -13.92 27.89 1.12
C THR C 238 -14.54 28.30 -0.20
N VAL C 239 -15.54 27.54 -0.61
CA VAL C 239 -16.31 27.81 -1.82
C VAL C 239 -17.78 27.62 -1.49
N ASN C 240 -18.61 28.56 -1.93
CA ASN C 240 -20.05 28.48 -1.67
C ASN C 240 -20.68 27.73 -2.84
N ALA C 241 -21.23 26.55 -2.55
CA ALA C 241 -21.80 25.66 -3.57
C ALA C 241 -23.16 26.11 -4.03
N ALA C 242 -23.62 27.29 -3.62
CA ALA C 242 -24.93 27.79 -4.01
C ALA C 242 -24.91 29.17 -4.66
N THR C 243 -23.80 29.93 -4.55
CA THR C 243 -23.74 31.25 -5.16
C THR C 243 -22.44 31.47 -5.94
N GLU C 244 -21.66 30.42 -6.17
CA GLU C 244 -20.53 30.53 -7.06
C GLU C 244 -20.93 30.04 -8.45
N PRO C 245 -20.47 30.72 -9.52
CA PRO C 245 -20.82 30.28 -10.88
C PRO C 245 -20.67 28.78 -11.10
N ASP C 246 -19.48 28.25 -10.82
CA ASP C 246 -19.27 26.81 -10.76
C ASP C 246 -18.32 26.50 -9.61
N PRO C 247 -18.82 25.85 -8.54
CA PRO C 247 -17.96 25.59 -7.38
C PRO C 247 -16.76 24.70 -7.71
N ALA C 248 -16.91 23.79 -8.68
CA ALA C 248 -15.82 22.89 -9.00
C ALA C 248 -14.64 23.64 -9.61
N ALA C 249 -14.91 24.60 -10.48
CA ALA C 249 -13.83 25.40 -11.06
C ALA C 249 -13.13 26.22 -9.99
N ALA C 250 -13.89 26.76 -9.04
CA ALA C 250 -13.28 27.51 -7.93
C ALA C 250 -12.36 26.60 -7.11
N ILE C 251 -12.84 25.41 -6.77
CA ILE C 251 -12.04 24.49 -5.98
C ILE C 251 -10.78 24.07 -6.74
N ARG C 252 -10.92 23.76 -8.02
CA ARG C 252 -9.74 23.41 -8.81
C ARG C 252 -8.78 24.59 -8.92
N LYS C 253 -9.31 25.82 -8.88
CA LYS C 253 -8.44 26.99 -8.88
C LYS C 253 -7.65 27.09 -7.58
N GLN C 254 -8.31 26.92 -6.45
CA GLN C 254 -7.68 27.15 -5.16
C GLN C 254 -6.92 25.95 -4.63
N THR C 255 -7.28 24.73 -5.03
CA THR C 255 -6.63 23.51 -4.56
C THR C 255 -5.49 23.06 -5.47
N ASP C 256 -4.87 24.00 -6.19
CA ASP C 256 -3.73 23.70 -7.06
C ASP C 256 -4.07 22.65 -8.11
N GLY C 257 -5.25 22.79 -8.69
CA GLY C 257 -5.67 21.95 -9.80
C GLY C 257 -6.46 20.71 -9.43
N GLY C 258 -7.33 20.80 -8.46
CA GLY C 258 -8.16 19.65 -8.08
C GLY C 258 -7.68 19.06 -6.77
N ALA C 259 -8.63 18.76 -5.90
CA ALA C 259 -8.30 18.14 -4.62
C ALA C 259 -7.78 16.73 -4.85
N GLN C 260 -6.79 16.34 -4.05
CA GLN C 260 -6.30 14.96 -4.11
C GLN C 260 -7.31 13.98 -3.52
N GLY C 261 -8.19 14.45 -2.66
CA GLY C 261 -9.27 13.59 -2.19
C GLY C 261 -10.51 14.38 -1.83
N VAL C 262 -11.68 13.89 -2.22
CA VAL C 262 -12.94 14.59 -1.94
C VAL C 262 -13.78 13.71 -1.04
N LEU C 263 -14.15 14.24 0.11
CA LEU C 263 -15.00 13.55 1.08
C LEU C 263 -16.39 14.15 0.97
N VAL C 264 -17.30 13.43 0.32
CA VAL C 264 -18.67 13.89 0.16
C VAL C 264 -19.44 13.45 1.40
N THR C 265 -19.88 14.43 2.19
CA THR C 265 -20.39 14.17 3.53
C THR C 265 -21.90 13.98 3.53
N ALA C 266 -22.64 14.89 2.90
CA ALA C 266 -24.06 14.72 2.66
C ALA C 266 -24.24 14.43 1.18
N VAL C 267 -24.48 13.17 0.84
CA VAL C 267 -24.49 12.74 -0.55
C VAL C 267 -25.84 13.10 -1.16
N GLY C 268 -25.84 14.08 -2.06
CA GLY C 268 -27.00 14.44 -2.83
C GLY C 268 -26.61 14.66 -4.28
N ARG C 269 -27.54 15.09 -5.11
CA ARG C 269 -27.21 15.35 -6.51
C ARG C 269 -26.81 16.80 -6.69
N LYS C 270 -25.90 17.02 -7.64
CA LYS C 270 -25.06 18.20 -7.81
C LYS C 270 -24.00 18.24 -6.72
N ALA C 271 -24.20 17.45 -5.66
CA ALA C 271 -23.17 17.29 -4.64
C ALA C 271 -22.18 16.22 -5.07
N PHE C 272 -22.69 15.05 -5.45
CA PHE C 272 -21.86 14.03 -6.07
C PHE C 272 -21.28 14.53 -7.39
N GLU C 273 -22.07 15.29 -8.15
CA GLU C 273 -21.59 15.84 -9.42
C GLU C 273 -20.44 16.82 -9.21
N GLN C 274 -20.63 17.78 -8.30
CA GLN C 274 -19.55 18.73 -8.01
C GLN C 274 -18.34 18.02 -7.41
N ALA C 275 -18.58 17.00 -6.58
CA ALA C 275 -17.48 16.22 -6.02
C ALA C 275 -16.66 15.55 -7.12
N ILE C 276 -17.33 14.91 -8.07
CA ILE C 276 -16.61 14.31 -9.19
C ILE C 276 -15.85 15.36 -9.97
N GLY C 277 -16.44 16.56 -10.12
CA GLY C 277 -15.76 17.61 -10.86
C GLY C 277 -14.60 18.25 -10.12
N MET C 278 -14.59 18.16 -8.78
CA MET C 278 -13.58 18.82 -7.97
C MET C 278 -12.33 17.98 -7.77
N VAL C 279 -12.46 16.66 -7.78
CA VAL C 279 -11.31 15.81 -7.48
C VAL C 279 -10.35 15.79 -8.66
N ALA C 280 -9.06 15.83 -8.36
CA ALA C 280 -8.05 15.83 -9.40
C ALA C 280 -7.89 14.41 -9.97
N ARG C 281 -7.18 14.33 -11.10
CA ARG C 281 -7.00 13.05 -11.74
C ARG C 281 -6.23 12.09 -10.84
N GLY C 282 -6.68 10.84 -10.80
CA GLY C 282 -6.14 9.87 -9.88
C GLY C 282 -6.56 10.05 -8.45
N GLY C 283 -7.39 11.05 -8.16
CA GLY C 283 -7.89 11.27 -6.83
C GLY C 283 -8.98 10.28 -6.48
N THR C 284 -9.52 10.43 -5.28
CA THR C 284 -10.51 9.51 -4.75
C THR C 284 -11.69 10.28 -4.20
N VAL C 285 -12.89 9.85 -4.55
CA VAL C 285 -14.12 10.44 -4.04
C VAL C 285 -14.68 9.47 -3.01
N ALA C 286 -14.38 9.71 -1.75
CA ALA C 286 -15.00 8.94 -0.68
C ALA C 286 -16.41 9.45 -0.46
N LEU C 287 -17.37 8.54 -0.36
CA LEU C 287 -18.76 8.85 -0.11
C LEU C 287 -19.12 8.33 1.27
N ASN C 288 -19.61 9.21 2.14
CA ASN C 288 -19.94 8.84 3.51
C ASN C 288 -21.43 9.01 3.81
N GLY C 289 -22.26 9.10 2.79
CA GLY C 289 -23.69 9.17 2.99
C GLY C 289 -24.39 7.97 2.40
N LEU C 290 -25.66 7.78 2.76
CA LEU C 290 -26.47 6.66 2.28
C LEU C 290 -27.74 7.24 1.66
N PRO C 291 -27.65 7.82 0.47
CA PRO C 291 -28.80 8.44 -0.14
C PRO C 291 -29.70 7.40 -0.79
N PRO C 292 -30.89 7.79 -1.22
CA PRO C 292 -31.71 6.91 -2.06
C PRO C 292 -31.41 7.14 -3.54
N GLY C 293 -31.94 6.23 -4.36
CA GLY C 293 -31.82 6.37 -5.79
C GLY C 293 -30.50 5.87 -6.35
N ASP C 294 -30.32 6.12 -7.65
CA ASP C 294 -29.14 5.67 -8.38
C ASP C 294 -28.52 6.87 -9.08
N PHE C 295 -27.37 7.31 -8.59
CA PHE C 295 -26.72 8.49 -9.15
C PHE C 295 -26.13 8.15 -10.51
N PRO C 296 -26.24 9.04 -11.50
CA PRO C 296 -25.49 8.86 -12.74
C PRO C 296 -24.00 8.97 -12.50
N LEU C 297 -23.24 8.20 -13.28
CA LEU C 297 -21.78 8.21 -13.19
C LEU C 297 -21.19 8.28 -14.58
N ASP C 298 -20.40 9.32 -14.84
CA ASP C 298 -19.74 9.50 -16.13
C ASP C 298 -18.57 8.53 -16.21
N ILE C 299 -18.90 7.29 -16.59
CA ILE C 299 -17.89 6.23 -16.66
C ILE C 299 -16.73 6.65 -17.56
N PHE C 300 -17.02 7.36 -18.64
CA PHE C 300 -15.97 7.87 -19.51
C PHE C 300 -15.02 8.78 -18.73
N GLY C 301 -15.56 9.74 -17.99
CA GLY C 301 -14.72 10.65 -17.24
C GLY C 301 -13.95 9.96 -16.13
N MET C 302 -14.59 9.00 -15.46
CA MET C 302 -13.90 8.25 -14.41
C MET C 302 -12.74 7.45 -14.98
N VAL C 303 -12.91 6.86 -16.17
CA VAL C 303 -11.82 6.08 -16.77
C VAL C 303 -10.72 7.01 -17.29
N LEU C 304 -11.10 8.11 -17.94
CA LEU C 304 -10.11 9.00 -18.51
C LEU C 304 -9.33 9.76 -17.44
N ASN C 305 -9.95 9.99 -16.28
CA ASN C 305 -9.29 10.69 -15.18
C ASN C 305 -8.68 9.74 -14.16
N GLY C 306 -8.82 8.43 -14.33
CA GLY C 306 -8.37 7.50 -13.31
C GLY C 306 -9.03 7.73 -11.97
N ILE C 307 -10.26 8.22 -11.96
CA ILE C 307 -10.90 8.62 -10.73
C ILE C 307 -11.42 7.40 -9.98
N THR C 308 -11.05 7.30 -8.71
CA THR C 308 -11.59 6.29 -7.83
C THR C 308 -12.81 6.87 -7.12
N VAL C 309 -13.86 6.05 -7.00
CA VAL C 309 -15.01 6.39 -6.18
C VAL C 309 -15.24 5.23 -5.22
N ARG C 310 -15.11 5.52 -3.93
CA ARG C 310 -15.13 4.50 -2.91
C ARG C 310 -16.18 4.86 -1.87
N GLY C 311 -16.89 3.86 -1.37
CA GLY C 311 -17.86 4.05 -0.33
C GLY C 311 -17.29 3.66 1.02
N SER C 312 -17.81 4.27 2.08
CA SER C 312 -17.32 3.98 3.42
C SER C 312 -18.38 4.38 4.43
N ILE C 313 -18.92 3.40 5.14
CA ILE C 313 -19.72 3.65 6.33
C ILE C 313 -18.76 3.46 7.50
N VAL C 314 -19.20 3.80 8.72
CA VAL C 314 -18.34 3.96 9.88
C VAL C 314 -17.33 2.81 9.99
N GLY C 315 -16.09 3.16 10.34
CA GLY C 315 -14.97 2.26 10.19
C GLY C 315 -14.89 1.17 11.23
N THR C 316 -13.76 0.47 11.22
CA THR C 316 -13.55 -0.73 12.03
C THR C 316 -13.21 -0.36 13.46
N ARG C 317 -12.78 -1.34 14.24
CA ARG C 317 -12.43 -1.10 15.63
C ARG C 317 -11.14 -0.30 15.76
N LEU C 318 -10.14 -0.61 14.92
CA LEU C 318 -8.90 0.14 14.97
C LEU C 318 -9.12 1.60 14.57
N ASP C 319 -9.96 1.82 13.55
CA ASP C 319 -10.28 3.19 13.15
C ASP C 319 -11.01 3.93 14.25
N LEU C 320 -11.95 3.26 14.92
CA LEU C 320 -12.65 3.88 16.04
C LEU C 320 -11.68 4.26 17.15
N GLN C 321 -10.75 3.36 17.48
CA GLN C 321 -9.79 3.64 18.53
C GLN C 321 -8.90 4.82 18.16
N GLU C 322 -8.43 4.86 16.91
CA GLU C 322 -7.58 5.95 16.48
C GLU C 322 -8.33 7.29 16.47
N SER C 323 -9.63 7.26 16.13
CA SER C 323 -10.39 8.50 16.16
C SER C 323 -10.64 8.97 17.59
N LEU C 324 -10.92 8.03 18.51
CA LEU C 324 -11.03 8.41 19.92
C LEU C 324 -9.71 8.94 20.46
N ASP C 325 -8.59 8.48 19.91
CA ASP C 325 -7.30 9.03 20.32
C ASP C 325 -7.05 10.41 19.73
N PHE C 326 -7.53 10.67 18.52
CA PHE C 326 -7.52 12.03 17.99
C PHE C 326 -8.38 12.95 18.83
N ALA C 327 -9.47 12.44 19.39
CA ALA C 327 -10.33 13.25 20.24
C ALA C 327 -9.81 13.36 21.66
N GLY C 328 -8.88 12.50 22.07
CA GLY C 328 -8.23 12.65 23.36
C GLY C 328 -7.07 13.62 23.39
N ASP C 329 -6.61 14.07 22.23
CA ASP C 329 -5.55 15.07 22.14
C ASP C 329 -6.08 16.48 21.96
N GLY C 330 -7.40 16.66 21.89
CA GLY C 330 -7.95 17.98 21.64
C GLY C 330 -7.63 18.54 20.28
N LYS C 331 -7.63 17.69 19.25
CA LYS C 331 -7.45 18.14 17.88
C LYS C 331 -8.73 18.04 17.07
N VAL C 332 -9.71 17.29 17.55
CA VAL C 332 -11.04 17.21 16.94
C VAL C 332 -12.06 17.38 18.05
N LYS C 333 -12.91 18.40 17.95
CA LYS C 333 -13.97 18.65 18.91
C LYS C 333 -15.30 18.70 18.17
N ALA C 334 -16.33 18.15 18.81
CA ALA C 334 -17.65 18.08 18.21
C ALA C 334 -18.54 19.16 18.84
N THR C 335 -19.06 20.06 18.01
CA THR C 335 -20.02 21.04 18.48
C THR C 335 -21.36 20.34 18.68
N VAL C 336 -21.77 20.22 19.93
CA VAL C 336 -22.89 19.36 20.30
C VAL C 336 -24.00 20.19 20.91
N HIS C 337 -25.23 19.91 20.50
CA HIS C 337 -26.41 20.53 21.07
C HIS C 337 -27.07 19.50 21.97
N LYS C 338 -26.99 19.71 23.28
CA LYS C 338 -27.55 18.76 24.22
C LYS C 338 -29.06 18.67 24.06
N ALA C 339 -29.61 17.51 24.44
CA ALA C 339 -31.04 17.29 24.33
C ALA C 339 -31.42 16.12 25.23
N LYS C 340 -32.67 16.12 25.67
CA LYS C 340 -33.19 14.99 26.41
C LYS C 340 -33.70 13.93 25.44
N LEU C 341 -34.18 12.82 25.98
CA LEU C 341 -34.75 11.78 25.14
C LEU C 341 -36.05 12.25 24.49
N GLU C 342 -36.88 12.97 25.24
CA GLU C 342 -38.26 13.22 24.89
C GLU C 342 -38.42 14.14 23.67
N ASP C 343 -37.33 14.73 23.17
CA ASP C 343 -37.42 15.58 21.99
C ASP C 343 -36.80 14.92 20.76
N ILE C 344 -36.52 13.61 20.83
CA ILE C 344 -35.89 12.93 19.70
C ILE C 344 -36.73 13.10 18.44
N ASN C 345 -38.06 12.96 18.57
CA ASN C 345 -38.95 13.18 17.44
C ASN C 345 -38.69 14.53 16.78
N ASN C 346 -38.61 15.58 17.59
CA ASN C 346 -38.34 16.91 17.05
C ASN C 346 -37.03 16.92 16.28
N ILE C 347 -35.99 16.28 16.82
CA ILE C 347 -34.72 16.22 16.11
C ILE C 347 -34.91 15.59 14.76
N PHE C 348 -35.66 14.48 14.71
CA PHE C 348 -35.94 13.85 13.42
C PHE C 348 -36.72 14.80 12.53
N GLY C 349 -37.68 15.52 13.09
CA GLY C 349 -38.35 16.57 12.34
C GLY C 349 -37.34 17.58 11.81
N GLN C 350 -36.41 18.02 12.66
CA GLN C 350 -35.39 18.94 12.22
C GLN C 350 -34.49 18.34 11.14
N MET C 351 -34.35 17.02 11.13
CA MET C 351 -33.61 16.37 10.06
C MET C 351 -34.48 16.10 8.84
N HIS C 352 -35.80 16.04 9.00
CA HIS C 352 -36.67 15.86 7.85
C HIS C 352 -36.68 17.10 6.96
N LYS C 353 -36.83 18.27 7.57
CA LYS C 353 -36.59 19.51 6.83
C LYS C 353 -35.15 19.61 6.38
N GLY C 354 -34.22 19.62 7.33
CA GLY C 354 -32.80 19.76 7.03
C GLY C 354 -32.07 20.53 8.11
N GLY C 358 -25.23 21.48 14.16
CA GLY C 358 -24.06 20.64 14.36
C GLY C 358 -24.40 19.17 14.50
N ARG C 359 -24.41 18.69 15.75
CA ARG C 359 -24.68 17.29 16.05
C ARG C 359 -25.54 17.23 17.31
N MET C 360 -26.58 16.40 17.27
CA MET C 360 -27.57 16.33 18.35
C MET C 360 -27.25 15.14 19.23
N VAL C 361 -26.71 15.40 20.42
CA VAL C 361 -26.37 14.38 21.38
C VAL C 361 -27.45 14.36 22.46
N LEU C 362 -28.13 13.22 22.61
CA LEU C 362 -29.03 13.05 23.73
C LEU C 362 -28.22 13.05 25.03
N ASP C 363 -28.78 13.67 26.06
CA ASP C 363 -28.11 13.79 27.35
C ASP C 363 -28.79 12.84 28.33
N MET C 364 -28.12 11.73 28.63
CA MET C 364 -28.62 10.75 29.58
C MET C 364 -28.02 10.93 30.96
N ALA C 365 -27.12 11.89 31.14
CA ALA C 365 -26.51 12.13 32.44
C ALA C 365 -27.05 13.40 33.07
N THR D 26 -5.44 -41.37 27.45
CA THR D 26 -3.99 -41.20 27.52
C THR D 26 -3.40 -41.05 26.13
N MET D 27 -2.20 -40.50 26.06
CA MET D 27 -1.59 -40.19 24.77
C MET D 27 -0.15 -40.68 24.69
N LYS D 28 0.55 -40.29 23.63
CA LYS D 28 1.94 -40.64 23.41
C LYS D 28 2.81 -39.38 23.34
N ALA D 29 2.67 -38.53 24.34
CA ALA D 29 3.29 -37.21 24.27
C ALA D 29 4.81 -37.30 24.31
N ALA D 30 5.46 -36.68 23.32
CA ALA D 30 6.91 -36.57 23.32
C ALA D 30 7.29 -35.38 24.20
N VAL D 31 7.23 -35.62 25.51
CA VAL D 31 7.41 -34.56 26.50
C VAL D 31 8.88 -34.16 26.58
N VAL D 32 9.11 -32.86 26.70
CA VAL D 32 10.41 -32.33 27.15
C VAL D 32 10.30 -32.19 28.66
N ARG D 33 10.64 -33.27 29.38
CA ARG D 33 10.55 -33.24 30.84
C ARG D 33 11.56 -32.27 31.44
N GLU D 34 12.76 -32.19 30.86
CA GLU D 34 13.73 -31.19 31.25
C GLU D 34 14.58 -30.84 30.04
N PHE D 35 15.06 -29.60 30.03
CA PHE D 35 15.76 -29.09 28.85
C PHE D 35 17.12 -29.78 28.69
N GLY D 36 17.50 -29.99 27.44
CA GLY D 36 18.77 -30.60 27.11
C GLY D 36 18.77 -32.12 27.06
N LYS D 37 17.68 -32.76 27.44
CA LYS D 37 17.61 -34.21 27.57
C LYS D 37 16.78 -34.80 26.42
N PRO D 38 16.93 -36.10 26.17
CA PRO D 38 16.06 -36.76 25.20
C PRO D 38 14.60 -36.65 25.60
N LEU D 39 13.72 -36.55 24.61
CA LEU D 39 12.30 -36.36 24.87
C LEU D 39 11.68 -37.67 25.34
N THR D 40 11.08 -37.64 26.53
CA THR D 40 10.45 -38.82 27.07
C THR D 40 9.12 -39.08 26.37
N ILE D 41 8.97 -40.27 25.81
CA ILE D 41 7.75 -40.65 25.09
C ILE D 41 6.79 -41.19 26.14
N ASP D 42 6.00 -40.29 26.72
CA ASP D 42 5.26 -40.57 27.93
C ASP D 42 3.76 -40.75 27.65
N GLU D 43 3.13 -41.55 28.51
CA GLU D 43 1.70 -41.82 28.45
C GLU D 43 0.99 -40.83 29.36
N VAL D 44 0.93 -39.59 28.91
CA VAL D 44 0.34 -38.51 29.70
C VAL D 44 -1.18 -38.54 29.52
N PRO D 45 -1.95 -37.89 30.39
CA PRO D 45 -3.40 -37.79 30.16
C PRO D 45 -3.72 -36.89 28.98
N VAL D 46 -4.87 -37.16 28.38
CA VAL D 46 -5.35 -36.36 27.25
C VAL D 46 -5.95 -35.07 27.78
N PRO D 47 -5.55 -33.91 27.25
CA PRO D 47 -6.13 -32.65 27.72
C PRO D 47 -7.59 -32.54 27.33
N GLU D 48 -8.34 -31.78 28.13
CA GLU D 48 -9.78 -31.72 27.93
C GLU D 48 -10.18 -30.34 27.40
N PRO D 49 -11.23 -30.28 26.57
CA PRO D 49 -11.66 -28.99 26.03
C PRO D 49 -12.57 -28.22 26.96
N GLY D 50 -11.99 -27.46 27.89
CA GLY D 50 -12.76 -26.61 28.75
C GLY D 50 -13.52 -25.53 27.98
N PRO D 51 -14.16 -24.61 28.70
CA PRO D 51 -15.03 -23.63 28.03
C PRO D 51 -14.27 -22.82 26.98
N GLY D 52 -14.88 -22.69 25.80
CA GLY D 52 -14.33 -21.87 24.75
C GLY D 52 -13.16 -22.46 24.00
N MET D 53 -12.96 -23.78 24.07
CA MET D 53 -11.81 -24.41 23.43
C MET D 53 -12.27 -25.60 22.62
N ILE D 54 -11.40 -26.07 21.72
CA ILE D 54 -11.65 -27.31 20.99
C ILE D 54 -10.52 -28.28 21.28
N GLN D 55 -10.83 -29.57 21.21
CA GLN D 55 -9.84 -30.62 21.36
C GLN D 55 -9.70 -31.34 20.02
N VAL D 56 -8.47 -31.46 19.56
CA VAL D 56 -8.15 -32.04 18.26
C VAL D 56 -7.49 -33.39 18.47
N ARG D 57 -7.96 -34.40 17.73
CA ARG D 57 -7.22 -35.64 17.59
C ARG D 57 -6.19 -35.49 16.48
N ILE D 58 -4.93 -35.78 16.79
CA ILE D 58 -3.81 -35.47 15.90
C ILE D 58 -3.56 -36.67 15.00
N GLN D 59 -3.65 -36.45 13.69
CA GLN D 59 -3.37 -37.47 12.70
C GLN D 59 -2.00 -37.31 12.05
N ALA D 60 -1.44 -36.10 12.08
CA ALA D 60 -0.10 -35.84 11.60
C ALA D 60 0.46 -34.65 12.34
N SER D 61 1.78 -34.53 12.35
CA SER D 61 2.43 -33.42 13.04
C SER D 61 3.81 -33.21 12.43
N GLY D 62 4.01 -32.04 11.83
CA GLY D 62 5.33 -31.70 11.32
C GLY D 62 6.34 -31.55 12.44
N VAL D 63 7.61 -31.62 12.06
CA VAL D 63 8.73 -31.42 12.97
C VAL D 63 9.56 -30.27 12.45
N CYS D 64 9.79 -29.27 13.30
CA CYS D 64 10.51 -28.06 12.93
C CYS D 64 11.68 -27.88 13.89
N HIS D 65 12.61 -27.02 13.51
CA HIS D 65 13.72 -26.71 14.40
C HIS D 65 13.27 -25.86 15.59
N THR D 66 12.15 -25.15 15.44
CA THR D 66 11.57 -24.49 16.60
C THR D 66 11.23 -25.48 17.69
N ASP D 67 10.80 -26.69 17.31
CA ASP D 67 10.55 -27.74 18.30
C ASP D 67 11.84 -28.16 18.99
N LEU D 68 12.93 -28.26 18.24
CA LEU D 68 14.21 -28.61 18.83
C LEU D 68 14.67 -27.52 19.81
N HIS D 69 14.49 -26.25 19.45
CA HIS D 69 14.93 -25.18 20.33
C HIS D 69 14.03 -25.06 21.55
N ALA D 70 12.76 -25.41 21.42
CA ALA D 70 11.90 -25.54 22.59
C ALA D 70 12.37 -26.68 23.48
N ALA D 71 12.80 -27.79 22.89
CA ALA D 71 13.30 -28.91 23.67
C ALA D 71 14.58 -28.54 24.42
N GLU D 72 15.51 -27.88 23.74
CA GLU D 72 16.78 -27.53 24.35
C GLU D 72 16.74 -26.22 25.12
N GLY D 73 15.66 -25.45 24.99
CA GLY D 73 15.50 -24.22 25.75
C GLY D 73 16.57 -23.18 25.51
N ASP D 74 17.28 -23.24 24.39
CA ASP D 74 18.35 -22.28 24.12
C ASP D 74 17.85 -21.08 23.33
N TRP D 75 16.79 -20.46 23.82
CA TRP D 75 16.24 -19.23 23.27
C TRP D 75 16.03 -18.24 24.40
N PRO D 76 16.00 -16.93 24.09
CA PRO D 76 15.82 -15.92 25.15
C PRO D 76 14.66 -16.21 26.09
N VAL D 77 13.46 -16.34 25.55
CA VAL D 77 12.28 -16.68 26.34
C VAL D 77 12.12 -18.19 26.24
N LYS D 78 12.68 -18.90 27.21
CA LYS D 78 12.61 -20.34 27.25
C LYS D 78 11.19 -20.81 27.58
N PRO D 79 10.83 -22.01 27.16
CA PRO D 79 9.56 -22.60 27.63
C PRO D 79 9.66 -23.06 29.06
N ASN D 80 8.63 -23.71 29.58
CA ASN D 80 8.61 -24.20 30.96
C ASN D 80 8.23 -25.68 30.96
N PRO D 81 9.14 -26.57 31.34
CA PRO D 81 8.86 -27.99 31.28
C PRO D 81 8.13 -28.45 32.52
N PRO D 82 7.40 -29.58 32.45
CA PRO D 82 7.23 -30.44 31.28
C PRO D 82 6.20 -29.88 30.29
N PHE D 83 6.50 -30.00 28.99
CA PHE D 83 5.61 -29.50 27.97
C PHE D 83 5.77 -30.35 26.72
N ILE D 84 4.77 -30.28 25.84
CA ILE D 84 4.68 -31.11 24.64
C ILE D 84 4.93 -30.20 23.44
N PRO D 85 6.08 -30.33 22.76
CA PRO D 85 6.37 -29.43 21.63
C PRO D 85 5.54 -29.74 20.40
N GLY D 86 5.83 -29.06 19.29
CA GLY D 86 5.13 -29.32 18.04
C GLY D 86 3.99 -28.38 17.76
N HIS D 87 4.12 -27.58 16.71
CA HIS D 87 3.14 -26.57 16.34
C HIS D 87 2.62 -26.81 14.92
N GLU D 88 2.44 -28.08 14.56
CA GLU D 88 1.95 -28.44 13.23
C GLU D 88 0.97 -29.60 13.30
N GLY D 89 0.30 -29.75 14.44
CA GLY D 89 -0.61 -30.85 14.63
C GLY D 89 -1.93 -30.67 13.90
N VAL D 90 -2.24 -31.58 12.98
CA VAL D 90 -3.48 -31.53 12.23
C VAL D 90 -4.34 -32.73 12.61
N GLY D 91 -5.62 -32.64 12.30
CA GLY D 91 -6.50 -33.77 12.55
C GLY D 91 -7.96 -33.32 12.59
N PHE D 92 -8.74 -34.10 13.32
CA PHE D 92 -10.17 -33.85 13.47
C PHE D 92 -10.43 -33.17 14.81
N VAL D 93 -11.52 -32.42 14.88
CA VAL D 93 -11.92 -31.82 16.14
C VAL D 93 -12.55 -32.94 16.96
N SER D 94 -11.77 -33.54 17.85
CA SER D 94 -12.27 -34.66 18.64
C SER D 94 -13.41 -34.21 19.54
N ALA D 95 -13.30 -33.04 20.13
CA ALA D 95 -14.35 -32.51 20.99
C ALA D 95 -14.44 -31.00 20.83
N VAL D 96 -15.60 -30.45 21.15
CA VAL D 96 -15.83 -29.02 21.16
C VAL D 96 -16.24 -28.60 22.55
N GLY D 97 -15.61 -27.54 23.06
CA GLY D 97 -15.88 -27.06 24.39
C GLY D 97 -17.13 -26.21 24.46
N ALA D 98 -17.47 -25.79 25.67
CA ALA D 98 -18.63 -24.95 25.88
C ALA D 98 -18.44 -23.59 25.21
N GLY D 99 -19.54 -23.04 24.69
CA GLY D 99 -19.53 -21.72 24.11
C GLY D 99 -19.11 -21.66 22.66
N VAL D 100 -18.26 -22.58 22.19
CA VAL D 100 -17.78 -22.53 20.82
C VAL D 100 -18.95 -22.73 19.86
N LYS D 101 -18.99 -21.92 18.81
CA LYS D 101 -20.13 -21.89 17.90
C LYS D 101 -19.80 -22.30 16.47
N HIS D 102 -18.62 -21.97 15.96
CA HIS D 102 -18.34 -22.11 14.53
C HIS D 102 -17.68 -23.44 14.18
N VAL D 103 -16.78 -23.93 15.02
CA VAL D 103 -16.02 -25.14 14.69
C VAL D 103 -16.81 -26.36 15.15
N LYS D 104 -17.16 -27.23 14.21
CA LYS D 104 -17.90 -28.44 14.49
C LYS D 104 -16.96 -29.61 14.76
N GLU D 105 -17.40 -30.51 15.64
CA GLU D 105 -16.65 -31.73 15.89
C GLU D 105 -16.54 -32.55 14.62
N GLY D 106 -15.32 -32.97 14.31
CA GLY D 106 -15.06 -33.72 13.09
C GLY D 106 -14.54 -32.89 11.94
N ASP D 107 -14.28 -31.60 12.13
CA ASP D 107 -13.72 -30.77 11.08
C ASP D 107 -12.20 -30.95 11.02
N ARG D 108 -11.67 -30.88 9.80
CA ARG D 108 -10.23 -31.07 9.58
C ARG D 108 -9.52 -29.76 9.93
N VAL D 109 -9.04 -29.66 11.16
CA VAL D 109 -8.40 -28.46 11.65
C VAL D 109 -6.90 -28.72 11.85
N GLY D 110 -6.15 -27.63 11.89
CA GLY D 110 -4.77 -27.67 12.31
C GLY D 110 -4.55 -26.78 13.51
N VAL D 111 -3.43 -26.93 14.19
CA VAL D 111 -3.08 -26.11 15.34
C VAL D 111 -1.74 -25.45 15.07
N PRO D 112 -1.74 -24.18 14.64
CA PRO D 112 -0.50 -23.55 14.18
C PRO D 112 0.33 -22.95 15.31
N TRP D 113 1.43 -22.30 14.94
CA TRP D 113 2.36 -21.72 15.91
C TRP D 113 1.65 -20.79 16.87
N LEU D 114 0.79 -19.92 16.35
CA LEU D 114 0.04 -18.99 17.21
C LEU D 114 -1.11 -19.74 17.87
N TYR D 115 -1.15 -19.71 19.20
CA TYR D 115 -2.18 -20.43 19.94
C TYR D 115 -3.35 -19.52 20.29
N THR D 116 -3.07 -18.37 20.91
CA THR D 116 -4.06 -17.37 21.22
C THR D 116 -3.42 -16.00 21.09
N ALA D 117 -4.27 -14.97 21.11
CA ALA D 117 -3.82 -13.59 21.26
C ALA D 117 -4.80 -12.89 22.20
N CYS D 118 -4.44 -11.69 22.63
CA CYS D 118 -5.27 -10.97 23.59
C CYS D 118 -6.64 -10.68 23.00
N GLY D 119 -6.69 -10.25 21.74
CA GLY D 119 -7.94 -9.97 21.06
C GLY D 119 -8.30 -8.49 20.99
N HIS D 120 -7.56 -7.63 21.69
CA HIS D 120 -7.94 -6.23 21.81
C HIS D 120 -6.80 -5.24 21.56
N CYS D 121 -5.56 -5.69 21.43
CA CYS D 121 -4.47 -4.76 21.23
C CYS D 121 -4.49 -4.21 19.81
N ARG D 122 -3.62 -3.23 19.56
CA ARG D 122 -3.55 -2.60 18.25
C ARG D 122 -3.19 -3.60 17.16
N HIS D 123 -2.22 -4.47 17.43
CA HIS D 123 -1.81 -5.46 16.44
C HIS D 123 -2.93 -6.43 16.12
N CYS D 124 -3.67 -6.89 17.13
CA CYS D 124 -4.78 -7.80 16.89
C CYS D 124 -5.86 -7.13 16.03
N LEU D 125 -6.21 -5.89 16.36
CA LEU D 125 -7.25 -5.20 15.62
C LEU D 125 -6.81 -4.83 14.22
N GLY D 126 -5.51 -4.70 13.97
CA GLY D 126 -4.99 -4.41 12.66
C GLY D 126 -4.74 -5.61 11.78
N GLY D 127 -5.18 -6.80 12.19
CA GLY D 127 -4.86 -8.01 11.44
C GLY D 127 -3.39 -8.39 11.53
N TRP D 128 -2.80 -8.28 12.71
CA TRP D 128 -1.41 -8.64 12.97
C TRP D 128 -1.29 -9.37 14.30
N GLU D 129 -2.20 -10.32 14.56
CA GLU D 129 -2.24 -10.95 15.88
C GLU D 129 -0.99 -11.75 16.19
N THR D 130 -0.14 -12.04 15.19
CA THR D 130 1.16 -12.63 15.47
C THR D 130 2.09 -11.65 16.17
N LEU D 131 1.99 -10.36 15.85
CA LEU D 131 2.77 -9.32 16.50
C LEU D 131 2.34 -9.05 17.93
N CYS D 132 1.28 -9.69 18.41
CA CYS D 132 0.74 -9.44 19.74
C CYS D 132 1.80 -9.69 20.81
N GLU D 133 1.55 -9.10 21.98
CA GLU D 133 2.50 -9.18 23.09
C GLU D 133 2.15 -10.28 24.08
N SER D 134 0.86 -10.52 24.32
CA SER D 134 0.40 -11.55 25.23
C SER D 134 -0.09 -12.79 24.49
N GLN D 135 0.57 -13.10 23.38
CA GLN D 135 0.21 -14.27 22.59
C GLN D 135 0.80 -15.54 23.21
N LEU D 136 0.16 -16.66 22.92
CA LEU D 136 0.66 -17.97 23.28
C LEU D 136 1.15 -18.70 22.03
N ASN D 137 1.93 -19.75 22.25
CA ASN D 137 2.52 -20.50 21.16
C ASN D 137 2.28 -21.98 21.37
N THR D 138 2.12 -22.70 20.25
CA THR D 138 1.82 -24.12 20.30
C THR D 138 3.11 -24.89 20.51
N GLY D 139 3.14 -25.73 21.55
CA GLY D 139 4.30 -26.52 21.88
C GLY D 139 5.46 -25.70 22.40
N TYR D 140 5.24 -24.42 22.66
CA TYR D 140 6.24 -23.58 23.29
C TYR D 140 5.78 -22.99 24.60
N SER D 141 4.59 -22.38 24.63
CA SER D 141 4.03 -21.82 25.85
C SER D 141 2.84 -22.62 26.37
N VAL D 142 2.25 -23.48 25.53
CA VAL D 142 1.26 -24.46 25.94
C VAL D 142 1.59 -25.75 25.21
N ASN D 143 0.96 -26.83 25.66
CA ASN D 143 1.24 -28.15 25.07
C ASN D 143 0.82 -28.18 23.61
N GLY D 144 1.62 -28.84 22.80
CA GLY D 144 1.46 -28.78 21.36
C GLY D 144 1.13 -30.09 20.67
N GLY D 145 1.58 -30.22 19.42
CA GLY D 145 1.18 -31.28 18.53
C GLY D 145 1.86 -32.62 18.68
N PHE D 146 3.01 -32.71 19.36
CA PHE D 146 3.73 -33.98 19.47
C PHE D 146 3.01 -34.89 20.47
N ALA D 147 1.79 -35.27 20.10
CA ALA D 147 0.90 -36.04 20.95
C ALA D 147 -0.29 -36.47 20.11
N ASP D 148 -1.22 -37.17 20.75
CA ASP D 148 -2.41 -37.63 20.04
C ASP D 148 -3.54 -36.62 20.10
N TYR D 149 -3.69 -35.94 21.22
CA TYR D 149 -4.70 -34.90 21.38
C TYR D 149 -4.04 -33.61 21.83
N VAL D 150 -4.42 -32.49 21.23
CA VAL D 150 -3.98 -31.18 21.68
C VAL D 150 -5.20 -30.27 21.79
N VAL D 151 -5.33 -29.58 22.92
CA VAL D 151 -6.43 -28.64 23.11
C VAL D 151 -6.00 -27.29 22.55
N ALA D 152 -6.74 -26.81 21.55
CA ALA D 152 -6.45 -25.57 20.87
C ALA D 152 -7.61 -24.60 20.99
N ASP D 153 -7.35 -23.37 20.55
CA ASP D 153 -8.33 -22.30 20.59
C ASP D 153 -9.10 -22.28 19.28
N PRO D 154 -10.42 -22.41 19.29
CA PRO D 154 -11.17 -22.52 18.04
C PRO D 154 -11.06 -21.30 17.14
N ASN D 155 -10.67 -20.15 17.70
CA ASN D 155 -10.57 -18.93 16.91
C ASN D 155 -9.27 -18.86 16.11
N TYR D 156 -8.29 -19.70 16.42
CA TYR D 156 -6.98 -19.60 15.79
C TYR D 156 -6.54 -20.87 15.08
N VAL D 157 -7.38 -21.89 15.00
CA VAL D 157 -7.03 -23.13 14.33
C VAL D 157 -7.25 -22.99 12.83
N GLY D 158 -6.28 -23.46 12.05
CA GLY D 158 -6.45 -23.47 10.61
C GLY D 158 -7.49 -24.49 10.19
N HIS D 159 -8.24 -24.16 9.15
CA HIS D 159 -9.26 -25.03 8.59
C HIS D 159 -8.72 -25.61 7.30
N LEU D 160 -8.43 -26.91 7.31
CA LEU D 160 -7.73 -27.57 6.22
C LEU D 160 -8.66 -27.86 5.04
N PRO D 161 -8.11 -27.93 3.83
CA PRO D 161 -8.91 -28.43 2.70
C PRO D 161 -9.24 -29.91 2.86
N LYS D 162 -10.00 -30.43 1.91
CA LYS D 162 -10.44 -31.82 1.97
C LYS D 162 -9.73 -32.72 0.97
N ASN D 163 -9.01 -32.17 -0.01
CA ASN D 163 -8.36 -32.96 -1.03
C ASN D 163 -6.91 -33.29 -0.70
N VAL D 164 -6.43 -32.95 0.50
CA VAL D 164 -5.04 -33.16 0.89
C VAL D 164 -4.99 -34.02 2.12
N ASP D 165 -4.10 -35.02 2.11
CA ASP D 165 -3.88 -35.86 3.27
C ASP D 165 -3.29 -35.06 4.41
N PHE D 166 -3.54 -35.54 5.64
CA PHE D 166 -2.97 -34.90 6.82
C PHE D 166 -1.45 -34.96 6.78
N LEU D 167 -0.88 -36.09 6.35
CA LEU D 167 0.57 -36.22 6.26
C LEU D 167 1.17 -35.23 5.28
N ASP D 168 0.40 -34.81 4.27
CA ASP D 168 0.87 -33.87 3.28
C ASP D 168 0.38 -32.46 3.53
N ILE D 169 -0.36 -32.22 4.61
CA ILE D 169 -0.83 -30.89 4.96
C ILE D 169 -0.26 -30.41 6.28
N ALA D 170 0.35 -31.28 7.07
CA ALA D 170 1.02 -30.83 8.30
C ALA D 170 2.13 -29.81 8.03
N PRO D 171 3.05 -30.02 7.08
CA PRO D 171 4.12 -29.02 6.89
C PRO D 171 3.62 -27.64 6.49
N VAL D 172 2.42 -27.55 5.92
CA VAL D 172 1.91 -26.25 5.48
C VAL D 172 1.64 -25.35 6.67
N LEU D 173 1.29 -25.92 7.82
CA LEU D 173 0.93 -25.11 8.98
C LEU D 173 2.06 -24.24 9.49
N CYS D 174 3.32 -24.68 9.36
CA CYS D 174 4.44 -23.87 9.79
C CYS D 174 5.32 -23.45 8.62
N ALA D 175 5.83 -24.40 7.83
CA ALA D 175 6.70 -24.04 6.72
C ALA D 175 5.94 -23.28 5.64
N GLY D 176 4.74 -23.77 5.29
CA GLY D 176 3.98 -23.11 4.24
C GLY D 176 3.56 -21.70 4.60
N VAL D 177 3.03 -21.53 5.82
CA VAL D 177 2.62 -20.19 6.25
C VAL D 177 3.83 -19.27 6.34
N THR D 178 4.93 -19.76 6.91
CA THR D 178 6.12 -18.93 7.06
C THR D 178 6.60 -18.44 5.71
N VAL D 179 6.73 -19.35 4.74
CA VAL D 179 7.25 -18.94 3.44
C VAL D 179 6.26 -18.07 2.69
N TYR D 180 4.96 -18.37 2.80
CA TYR D 180 3.95 -17.56 2.14
C TYR D 180 3.94 -16.14 2.67
N LYS D 181 3.96 -15.98 4.01
CA LYS D 181 3.97 -14.66 4.61
C LYS D 181 5.28 -13.93 4.32
N GLY D 182 6.41 -14.64 4.37
CA GLY D 182 7.67 -14.02 4.02
C GLY D 182 7.71 -13.54 2.58
N LEU D 183 7.08 -14.29 1.68
CA LEU D 183 6.98 -13.83 0.29
C LEU D 183 6.05 -12.64 0.16
N LYS D 184 4.97 -12.60 0.95
CA LYS D 184 4.06 -11.48 0.90
C LYS D 184 4.68 -10.20 1.45
N VAL D 185 5.56 -10.32 2.45
CA VAL D 185 6.20 -9.15 3.03
C VAL D 185 7.44 -8.72 2.27
N THR D 186 7.86 -9.48 1.26
CA THR D 186 8.86 -8.95 0.34
C THR D 186 8.29 -7.84 -0.54
N ASP D 187 6.98 -7.63 -0.50
CA ASP D 187 6.30 -6.60 -1.29
C ASP D 187 6.61 -6.76 -2.78
N THR D 188 6.59 -7.99 -3.24
CA THR D 188 6.81 -8.31 -4.65
C THR D 188 5.48 -8.59 -5.33
N LYS D 189 5.45 -8.35 -6.63
CA LYS D 189 4.27 -8.52 -7.46
C LYS D 189 4.51 -9.62 -8.48
N PRO D 190 3.45 -10.20 -9.05
CA PRO D 190 3.65 -11.24 -10.07
C PRO D 190 4.50 -10.72 -11.21
N GLY D 191 5.44 -11.56 -11.65
CA GLY D 191 6.44 -11.15 -12.61
C GLY D 191 7.73 -10.65 -11.99
N ASP D 192 7.80 -10.54 -10.67
CA ASP D 192 9.01 -10.11 -9.99
C ASP D 192 10.00 -11.28 -9.88
N TRP D 193 11.15 -10.99 -9.28
CA TRP D 193 12.18 -11.98 -9.00
C TRP D 193 12.33 -12.10 -7.49
N VAL D 194 12.14 -13.32 -6.99
CA VAL D 194 12.40 -13.62 -5.58
C VAL D 194 13.41 -14.76 -5.53
N VAL D 195 14.50 -14.53 -4.79
CA VAL D 195 15.52 -15.54 -4.58
C VAL D 195 15.18 -16.31 -3.31
N ILE D 196 15.00 -17.62 -3.46
CA ILE D 196 14.74 -18.50 -2.32
C ILE D 196 16.09 -19.06 -1.90
N SER D 197 16.62 -18.58 -0.78
CA SER D 197 17.92 -19.00 -0.31
C SER D 197 17.78 -20.16 0.66
N GLY D 198 18.49 -21.26 0.38
CA GLY D 198 18.51 -22.38 1.29
C GLY D 198 17.32 -23.31 1.20
N ILE D 199 17.16 -23.99 0.07
CA ILE D 199 16.08 -24.95 -0.13
C ILE D 199 16.13 -26.03 0.94
N GLY D 200 15.08 -26.10 1.75
CA GLY D 200 14.93 -27.14 2.76
C GLY D 200 13.50 -27.61 2.79
N GLY D 201 12.88 -27.57 3.95
CA GLY D 201 11.44 -27.71 4.00
C GLY D 201 10.82 -26.38 3.61
N LEU D 202 11.19 -25.36 4.38
CA LEU D 202 10.77 -23.99 4.05
C LEU D 202 11.23 -23.61 2.65
N GLY D 203 12.46 -23.98 2.27
CA GLY D 203 12.97 -23.57 0.97
C GLY D 203 12.16 -24.11 -0.19
N HIS D 204 11.87 -25.41 -0.17
CA HIS D 204 11.14 -26.00 -1.29
C HIS D 204 9.67 -25.58 -1.28
N MET D 205 9.06 -25.49 -0.10
CA MET D 205 7.70 -24.96 -0.04
C MET D 205 7.66 -23.52 -0.54
N ALA D 206 8.72 -22.75 -0.29
CA ALA D 206 8.77 -21.37 -0.76
C ALA D 206 8.95 -21.32 -2.27
N VAL D 207 9.72 -22.23 -2.83
CA VAL D 207 9.82 -22.32 -4.29
C VAL D 207 8.43 -22.52 -4.89
N GLN D 208 7.65 -23.44 -4.30
CA GLN D 208 6.33 -23.71 -4.85
C GLN D 208 5.39 -22.53 -4.64
N TYR D 209 5.42 -21.89 -3.47
CA TYR D 209 4.54 -20.75 -3.21
C TYR D 209 4.86 -19.58 -4.14
N ALA D 210 6.14 -19.21 -4.24
CA ALA D 210 6.52 -18.13 -5.14
C ALA D 210 6.21 -18.48 -6.59
N LYS D 211 6.21 -19.77 -6.93
CA LYS D 211 5.77 -20.16 -8.27
C LYS D 211 4.28 -19.91 -8.45
N ALA D 212 3.48 -20.30 -7.46
CA ALA D 212 2.02 -20.13 -7.48
C ALA D 212 1.58 -18.71 -7.21
N MET D 213 2.53 -17.77 -7.27
CA MET D 213 2.24 -16.35 -7.06
C MET D 213 2.52 -15.52 -8.30
N GLY D 214 2.85 -16.15 -9.43
CA GLY D 214 3.22 -15.39 -10.60
C GLY D 214 4.62 -14.82 -10.55
N MET D 215 5.43 -15.26 -9.59
CA MET D 215 6.78 -14.75 -9.44
C MET D 215 7.77 -15.67 -10.12
N ASN D 216 8.87 -15.09 -10.58
CA ASN D 216 10.02 -15.85 -11.06
C ASN D 216 10.90 -16.21 -9.87
N VAL D 217 11.35 -17.45 -9.82
CA VAL D 217 12.02 -17.99 -8.64
C VAL D 217 13.45 -18.36 -8.99
N ALA D 218 14.40 -17.69 -8.36
CA ALA D 218 15.78 -18.12 -8.37
C ALA D 218 16.07 -18.86 -7.08
N ALA D 219 16.90 -19.90 -7.16
CA ALA D 219 17.19 -20.75 -6.02
C ALA D 219 18.68 -20.72 -5.72
N VAL D 220 19.01 -20.67 -4.43
CA VAL D 220 20.39 -20.70 -3.95
C VAL D 220 20.46 -21.68 -2.80
N ASP D 221 21.42 -22.61 -2.86
CA ASP D 221 21.57 -23.60 -1.81
C ASP D 221 22.99 -24.14 -1.85
N ILE D 222 23.37 -24.85 -0.78
CA ILE D 222 24.71 -25.39 -0.66
C ILE D 222 24.82 -26.80 -1.24
N ASP D 223 23.75 -27.58 -1.24
CA ASP D 223 23.77 -28.88 -1.88
C ASP D 223 23.57 -28.72 -3.39
N ASP D 224 23.34 -29.84 -4.07
CA ASP D 224 23.00 -29.78 -5.49
C ASP D 224 21.75 -30.58 -5.83
N GLU D 225 21.49 -31.67 -5.12
CA GLU D 225 20.20 -32.35 -5.27
C GLU D 225 19.05 -31.42 -4.89
N LYS D 226 19.30 -30.49 -3.95
CA LYS D 226 18.30 -29.49 -3.62
C LYS D 226 18.11 -28.49 -4.77
N LEU D 227 19.20 -28.14 -5.47
CA LEU D 227 19.05 -27.29 -6.64
C LEU D 227 18.27 -28.00 -7.75
N ALA D 228 18.49 -29.31 -7.92
CA ALA D 228 17.68 -30.05 -8.89
C ALA D 228 16.21 -30.09 -8.47
N LEU D 229 15.96 -30.31 -7.18
CA LEU D 229 14.59 -30.28 -6.68
C LEU D 229 13.93 -28.93 -6.93
N ALA D 230 14.67 -27.84 -6.74
CA ALA D 230 14.12 -26.51 -7.01
C ALA D 230 13.87 -26.32 -8.50
N ARG D 231 14.84 -26.67 -9.33
CA ARG D 231 14.68 -26.60 -10.78
C ARG D 231 13.46 -27.37 -11.25
N LYS D 232 13.08 -28.43 -10.54
CA LYS D 232 11.90 -29.20 -10.88
C LYS D 232 10.61 -28.61 -10.30
N LEU D 233 10.68 -28.01 -9.12
CA LEU D 233 9.49 -27.50 -8.44
C LEU D 233 8.99 -26.18 -9.00
N GLY D 234 9.68 -25.58 -9.97
CA GLY D 234 9.21 -24.35 -10.57
C GLY D 234 10.27 -23.28 -10.72
N ALA D 235 11.37 -23.40 -9.98
CA ALA D 235 12.45 -22.44 -10.09
C ALA D 235 13.07 -22.51 -11.47
N THR D 236 13.50 -21.35 -11.98
CA THR D 236 14.09 -21.27 -13.30
C THR D 236 15.53 -20.78 -13.27
N VAL D 237 16.06 -20.45 -12.09
CA VAL D 237 17.45 -20.04 -11.93
C VAL D 237 18.01 -20.73 -10.71
N THR D 238 19.16 -21.39 -10.86
CA THR D 238 19.82 -22.06 -9.76
C THR D 238 21.26 -21.60 -9.67
N VAL D 239 21.73 -21.44 -8.43
CA VAL D 239 23.12 -21.07 -8.15
C VAL D 239 23.55 -21.83 -6.89
N ASN D 240 24.60 -22.63 -7.00
CA ASN D 240 25.11 -23.39 -5.86
C ASN D 240 25.86 -22.44 -4.94
N ALA D 241 25.38 -22.31 -3.70
CA ALA D 241 25.96 -21.36 -2.76
C ALA D 241 27.37 -21.76 -2.33
N ALA D 242 27.80 -22.98 -2.70
CA ALA D 242 29.11 -23.48 -2.33
C ALA D 242 30.09 -23.50 -3.50
N THR D 243 29.72 -24.13 -4.61
CA THR D 243 30.65 -24.36 -5.72
C THR D 243 30.77 -23.16 -6.66
N GLU D 244 30.31 -21.99 -6.23
CA GLU D 244 30.39 -20.78 -7.02
C GLU D 244 31.40 -19.80 -6.44
N PRO D 245 32.11 -19.04 -7.27
CA PRO D 245 33.02 -18.02 -6.72
C PRO D 245 32.30 -17.01 -5.84
N ASP D 246 31.09 -16.62 -6.21
CA ASP D 246 30.20 -15.83 -5.36
C ASP D 246 28.76 -16.01 -5.85
N PRO D 247 27.86 -16.49 -4.99
CA PRO D 247 26.44 -16.60 -5.41
C PRO D 247 25.81 -15.28 -5.81
N ALA D 248 26.18 -14.19 -5.14
CA ALA D 248 25.50 -12.92 -5.34
C ALA D 248 25.65 -12.43 -6.77
N ALA D 249 26.86 -12.54 -7.34
CA ALA D 249 27.07 -12.08 -8.71
C ALA D 249 26.25 -12.91 -9.70
N ALA D 250 26.22 -14.23 -9.51
CA ALA D 250 25.44 -15.08 -10.40
C ALA D 250 23.95 -14.78 -10.31
N ILE D 251 23.45 -14.55 -9.08
CA ILE D 251 22.04 -14.22 -8.91
C ILE D 251 21.73 -12.87 -9.55
N ARG D 252 22.61 -11.89 -9.37
CA ARG D 252 22.39 -10.58 -9.99
C ARG D 252 22.41 -10.68 -11.51
N LYS D 253 23.22 -11.57 -12.06
CA LYS D 253 23.31 -11.70 -13.52
C LYS D 253 22.11 -12.45 -14.08
N GLN D 254 21.62 -13.46 -13.37
CA GLN D 254 20.52 -14.26 -13.87
C GLN D 254 19.16 -13.73 -13.45
N THR D 255 19.11 -12.64 -12.68
CA THR D 255 17.87 -11.96 -12.35
C THR D 255 17.82 -10.56 -12.93
N ASP D 256 18.74 -10.21 -13.84
CA ASP D 256 18.75 -8.94 -14.56
C ASP D 256 18.81 -7.75 -13.60
N GLY D 257 19.92 -7.70 -12.87
CA GLY D 257 20.23 -6.60 -11.98
C GLY D 257 20.07 -6.90 -10.51
N GLY D 258 19.30 -7.91 -10.17
CA GLY D 258 19.04 -8.25 -8.79
C GLY D 258 17.59 -8.64 -8.60
N ALA D 259 17.32 -9.39 -7.53
CA ALA D 259 15.97 -9.84 -7.24
C ALA D 259 15.22 -8.78 -6.45
N GLN D 260 13.91 -8.70 -6.69
CA GLN D 260 13.07 -7.77 -5.96
C GLN D 260 12.82 -8.25 -4.54
N GLY D 261 12.84 -9.56 -4.32
CA GLY D 261 12.69 -10.09 -2.97
C GLY D 261 13.68 -11.21 -2.74
N VAL D 262 14.11 -11.36 -1.50
CA VAL D 262 15.00 -12.44 -1.12
C VAL D 262 14.45 -13.09 0.14
N LEU D 263 13.93 -14.31 0.01
CA LEU D 263 13.44 -15.06 1.15
C LEU D 263 14.58 -15.94 1.67
N VAL D 264 15.06 -15.64 2.87
CA VAL D 264 16.15 -16.38 3.48
C VAL D 264 15.51 -17.44 4.38
N THR D 265 15.53 -18.69 3.92
CA THR D 265 14.86 -19.77 4.64
C THR D 265 15.75 -20.36 5.72
N ALA D 266 16.99 -20.69 5.38
CA ALA D 266 18.01 -21.04 6.36
C ALA D 266 19.00 -19.88 6.40
N VAL D 267 19.13 -19.26 7.57
CA VAL D 267 19.82 -18.00 7.72
C VAL D 267 21.12 -18.22 8.49
N GLY D 268 22.18 -17.59 8.00
CA GLY D 268 23.49 -17.65 8.64
C GLY D 268 24.30 -16.46 8.17
N ARG D 269 25.47 -16.30 8.79
CA ARG D 269 26.29 -15.13 8.47
C ARG D 269 26.68 -15.11 7.01
N LYS D 270 26.96 -16.28 6.42
CA LYS D 270 27.20 -16.35 4.99
C LYS D 270 25.92 -16.09 4.22
N ALA D 271 24.81 -16.73 4.62
CA ALA D 271 23.56 -16.60 3.90
C ALA D 271 23.02 -15.17 3.94
N PHE D 272 23.11 -14.52 5.10
CA PHE D 272 22.63 -13.15 5.21
C PHE D 272 23.43 -12.20 4.31
N GLU D 273 24.75 -12.32 4.33
CA GLU D 273 25.58 -11.46 3.50
C GLU D 273 25.30 -11.69 2.02
N GLN D 274 25.19 -12.96 1.62
CA GLN D 274 24.86 -13.26 0.23
C GLN D 274 23.50 -12.71 -0.15
N ALA D 275 22.51 -12.83 0.74
CA ALA D 275 21.18 -12.31 0.44
C ALA D 275 21.22 -10.79 0.26
N ILE D 276 21.92 -10.09 1.16
CA ILE D 276 22.02 -8.64 1.01
C ILE D 276 22.73 -8.28 -0.29
N GLY D 277 23.65 -9.13 -0.75
CA GLY D 277 24.30 -8.89 -2.03
C GLY D 277 23.44 -9.20 -3.23
N MET D 278 22.49 -10.14 -3.08
CA MET D 278 21.67 -10.58 -4.20
C MET D 278 20.56 -9.60 -4.55
N VAL D 279 20.02 -8.90 -3.56
CA VAL D 279 18.77 -8.18 -3.74
C VAL D 279 19.02 -6.90 -4.53
N ALA D 280 18.09 -6.59 -5.43
CA ALA D 280 18.11 -5.33 -6.14
C ALA D 280 17.79 -4.18 -5.18
N ARG D 281 18.14 -2.97 -5.60
CA ARG D 281 17.92 -1.82 -4.76
C ARG D 281 16.43 -1.52 -4.62
N GLY D 282 16.02 -1.16 -3.41
CA GLY D 282 14.63 -1.06 -3.08
C GLY D 282 13.96 -2.39 -2.79
N GLY D 283 14.70 -3.48 -2.89
CA GLY D 283 14.14 -4.79 -2.60
C GLY D 283 14.12 -5.09 -1.12
N THR D 284 13.36 -6.13 -0.78
CA THR D 284 13.20 -6.58 0.60
C THR D 284 13.90 -7.92 0.79
N VAL D 285 14.64 -8.03 1.88
CA VAL D 285 15.22 -9.30 2.33
C VAL D 285 14.41 -9.76 3.52
N ALA D 286 13.56 -10.76 3.31
CA ALA D 286 12.74 -11.32 4.37
C ALA D 286 13.47 -12.49 5.02
N LEU D 287 13.41 -12.54 6.35
CA LEU D 287 14.14 -13.52 7.15
C LEU D 287 13.15 -14.42 7.87
N ASN D 288 13.32 -15.73 7.71
CA ASN D 288 12.42 -16.70 8.32
C ASN D 288 13.07 -17.50 9.43
N GLY D 289 14.39 -17.63 9.44
CA GLY D 289 15.07 -18.35 10.49
C GLY D 289 15.20 -17.55 11.76
N LEU D 290 15.54 -18.24 12.84
CA LEU D 290 15.75 -17.65 14.16
C LEU D 290 17.12 -18.07 14.65
N PRO D 291 18.19 -17.48 14.13
CA PRO D 291 19.54 -17.86 14.54
C PRO D 291 19.94 -17.12 15.81
N PRO D 292 20.78 -17.73 16.64
CA PRO D 292 21.33 -17.01 17.79
C PRO D 292 22.37 -15.98 17.34
N GLY D 293 22.64 -15.04 18.23
CA GLY D 293 23.67 -14.05 18.00
C GLY D 293 23.22 -12.92 17.10
N ASP D 294 24.18 -12.06 16.76
CA ASP D 294 23.96 -10.90 15.92
C ASP D 294 24.60 -11.12 14.55
N PHE D 295 24.34 -10.19 13.64
CA PHE D 295 24.82 -10.27 12.27
C PHE D 295 25.33 -8.91 11.82
N PRO D 296 26.29 -8.88 10.89
CA PRO D 296 26.82 -7.59 10.42
C PRO D 296 25.93 -6.99 9.34
N LEU D 297 25.70 -5.68 9.44
CA LEU D 297 24.86 -4.97 8.48
C LEU D 297 25.63 -3.75 7.97
N ASP D 298 25.97 -3.76 6.68
CA ASP D 298 26.69 -2.65 6.05
C ASP D 298 25.68 -1.51 5.87
N ILE D 299 25.58 -0.66 6.88
CA ILE D 299 24.55 0.38 6.89
C ILE D 299 24.75 1.35 5.74
N PHE D 300 26.02 1.62 5.38
CA PHE D 300 26.25 2.48 4.22
C PHE D 300 25.59 1.90 2.98
N GLY D 301 25.84 0.62 2.70
CA GLY D 301 25.21 -0.01 1.56
C GLY D 301 23.71 -0.16 1.71
N MET D 302 23.26 -0.46 2.93
CA MET D 302 21.83 -0.69 3.15
C MET D 302 21.01 0.58 3.02
N VAL D 303 21.63 1.74 3.29
CA VAL D 303 20.95 3.01 3.14
C VAL D 303 21.11 3.57 1.73
N LEU D 304 22.31 3.43 1.14
CA LEU D 304 22.52 3.87 -0.23
C LEU D 304 21.64 3.09 -1.20
N ASN D 305 21.50 1.79 -0.96
CA ASN D 305 20.75 0.90 -1.85
C ASN D 305 19.25 0.87 -1.54
N GLY D 306 18.82 1.49 -0.45
CA GLY D 306 17.40 1.48 -0.13
C GLY D 306 16.86 0.14 0.28
N ILE D 307 17.73 -0.82 0.59
CA ILE D 307 17.29 -2.16 0.93
C ILE D 307 16.43 -2.13 2.20
N THR D 308 15.48 -3.06 2.28
CA THR D 308 14.65 -3.25 3.45
C THR D 308 14.90 -4.65 3.99
N VAL D 309 15.22 -4.75 5.27
CA VAL D 309 15.45 -6.02 5.94
C VAL D 309 14.34 -6.23 6.96
N ARG D 310 13.38 -7.06 6.59
CA ARG D 310 12.23 -7.35 7.45
C ARG D 310 12.34 -8.80 7.89
N GLY D 311 11.88 -9.06 9.12
CA GLY D 311 11.88 -10.42 9.62
C GLY D 311 10.47 -10.92 9.84
N SER D 312 10.13 -12.04 9.22
CA SER D 312 8.79 -12.59 9.26
C SER D 312 8.77 -13.90 10.03
N ILE D 313 7.73 -14.07 10.84
CA ILE D 313 7.46 -15.32 11.55
C ILE D 313 6.21 -15.89 10.92
N VAL D 314 5.74 -17.04 11.41
CA VAL D 314 4.88 -17.95 10.63
C VAL D 314 3.79 -17.22 9.85
N GLY D 315 2.94 -16.46 10.53
CA GLY D 315 1.92 -15.73 9.80
C GLY D 315 0.56 -15.66 10.47
N THR D 316 -0.28 -14.75 10.01
CA THR D 316 -1.58 -14.51 10.61
C THR D 316 -2.57 -15.59 10.20
N ARG D 317 -3.76 -15.53 10.79
CA ARG D 317 -4.81 -16.51 10.48
C ARG D 317 -5.22 -16.44 9.02
N LEU D 318 -5.31 -15.23 8.47
CA LEU D 318 -5.70 -15.07 7.07
C LEU D 318 -4.65 -15.68 6.14
N ASP D 319 -3.37 -15.46 6.46
CA ASP D 319 -2.31 -16.01 5.62
C ASP D 319 -2.21 -17.53 5.77
N LEU D 320 -2.51 -18.06 6.96
CA LEU D 320 -2.64 -19.50 7.11
C LEU D 320 -3.75 -20.04 6.22
N GLN D 321 -4.90 -19.36 6.21
CA GLN D 321 -5.99 -19.76 5.32
C GLN D 321 -5.55 -19.74 3.86
N GLU D 322 -4.83 -18.70 3.45
CA GLU D 322 -4.41 -18.59 2.06
C GLU D 322 -3.40 -19.67 1.69
N SER D 323 -2.46 -19.97 2.59
CA SER D 323 -1.52 -21.05 2.34
C SER D 323 -2.22 -22.39 2.22
N LEU D 324 -3.19 -22.65 3.11
CA LEU D 324 -3.94 -23.89 3.03
C LEU D 324 -4.77 -23.95 1.75
N ASP D 325 -5.22 -22.80 1.26
CA ASP D 325 -5.95 -22.79 -0.01
C ASP D 325 -5.03 -23.11 -1.17
N PHE D 326 -3.80 -22.57 -1.16
CA PHE D 326 -2.84 -22.95 -2.20
C PHE D 326 -2.52 -24.43 -2.13
N ALA D 327 -2.36 -24.97 -0.92
CA ALA D 327 -2.06 -26.39 -0.76
C ALA D 327 -3.22 -27.26 -1.26
N GLY D 328 -4.45 -26.87 -0.95
CA GLY D 328 -5.60 -27.65 -1.40
C GLY D 328 -5.73 -27.66 -2.91
N ASP D 329 -5.56 -26.51 -3.53
CA ASP D 329 -5.69 -26.35 -4.99
C ASP D 329 -4.57 -27.04 -5.77
N GLY D 330 -3.66 -27.74 -5.12
CA GLY D 330 -2.66 -28.52 -5.84
C GLY D 330 -1.50 -27.75 -6.40
N LYS D 331 -1.27 -26.52 -5.92
CA LYS D 331 -0.14 -25.74 -6.39
C LYS D 331 1.08 -25.82 -5.49
N VAL D 332 0.92 -26.24 -4.25
CA VAL D 332 2.03 -26.39 -3.31
C VAL D 332 1.90 -27.75 -2.64
N LYS D 333 2.95 -28.56 -2.74
CA LYS D 333 2.99 -29.87 -2.08
C LYS D 333 4.32 -30.01 -1.36
N ALA D 334 4.28 -30.27 -0.06
CA ALA D 334 5.49 -30.44 0.72
C ALA D 334 6.01 -31.86 0.57
N THR D 335 7.31 -31.99 0.32
CA THR D 335 7.94 -33.30 0.20
C THR D 335 8.11 -33.87 1.59
N VAL D 336 7.07 -34.55 2.06
CA VAL D 336 7.02 -35.08 3.42
C VAL D 336 7.83 -36.37 3.48
N HIS D 337 8.59 -36.52 4.58
CA HIS D 337 9.33 -37.75 4.86
C HIS D 337 8.73 -38.35 6.14
N LYS D 338 7.85 -39.33 5.96
CA LYS D 338 7.09 -39.89 7.08
C LYS D 338 8.01 -40.48 8.14
N ALA D 339 7.75 -40.12 9.38
CA ALA D 339 8.38 -40.73 10.55
C ALA D 339 7.30 -41.26 11.47
N LYS D 340 7.74 -41.81 12.60
CA LYS D 340 6.88 -42.22 13.69
C LYS D 340 7.17 -41.33 14.90
N LEU D 341 6.41 -41.52 15.98
CA LEU D 341 6.60 -40.72 17.17
C LEU D 341 7.86 -41.11 17.93
N GLU D 342 8.09 -42.41 18.12
CA GLU D 342 9.10 -42.87 19.05
C GLU D 342 10.53 -42.60 18.57
N ASP D 343 10.72 -42.19 17.32
CA ASP D 343 12.03 -41.82 16.83
C ASP D 343 12.20 -40.32 16.69
N ILE D 344 11.34 -39.53 17.35
CA ILE D 344 11.47 -38.07 17.28
C ILE D 344 12.85 -37.64 17.75
N ASN D 345 13.32 -38.23 18.86
CA ASN D 345 14.66 -37.94 19.35
C ASN D 345 15.70 -38.21 18.27
N ASN D 346 15.56 -39.34 17.56
CA ASN D 346 16.44 -39.61 16.43
C ASN D 346 16.42 -38.45 15.45
N ILE D 347 15.23 -38.01 15.06
CA ILE D 347 15.10 -36.87 14.16
C ILE D 347 15.77 -35.65 14.78
N PHE D 348 15.59 -35.47 16.10
CA PHE D 348 16.25 -34.36 16.77
C PHE D 348 17.76 -34.47 16.61
N GLY D 349 18.32 -35.66 16.84
CA GLY D 349 19.71 -35.86 16.53
C GLY D 349 19.98 -35.59 15.05
N GLN D 350 19.12 -36.13 14.19
CA GLN D 350 19.22 -35.85 12.76
C GLN D 350 19.08 -34.36 12.47
N MET D 351 18.37 -33.61 13.31
CA MET D 351 18.23 -32.19 13.10
C MET D 351 19.40 -31.39 13.64
N HIS D 352 20.34 -32.04 14.32
CA HIS D 352 21.51 -31.32 14.81
C HIS D 352 22.62 -31.30 13.77
N ILE D 356 18.60 -33.93 6.62
CA ILE D 356 17.18 -33.61 6.74
C ILE D 356 16.62 -33.01 5.45
N GLU D 357 16.08 -33.86 4.60
CA GLU D 357 15.39 -33.43 3.39
C GLU D 357 13.89 -33.38 3.65
N GLY D 358 13.25 -32.32 3.21
CA GLY D 358 11.83 -32.19 3.39
C GLY D 358 11.43 -32.04 4.86
N ARG D 359 10.16 -32.31 5.11
CA ARG D 359 9.53 -32.03 6.40
C ARG D 359 9.17 -33.34 7.09
N MET D 360 9.86 -33.63 8.20
CA MET D 360 9.60 -34.84 8.97
C MET D 360 8.26 -34.70 9.65
N VAL D 361 7.25 -35.40 9.13
CA VAL D 361 5.91 -35.37 9.68
C VAL D 361 5.63 -36.67 10.40
N LEU D 362 5.37 -36.59 11.70
CA LEU D 362 4.99 -37.77 12.45
C LEU D 362 3.61 -38.26 12.01
N ASP D 363 3.45 -39.58 11.99
CA ASP D 363 2.19 -40.20 11.62
C ASP D 363 1.56 -40.79 12.87
N MET D 364 0.55 -40.12 13.42
CA MET D 364 -0.13 -40.56 14.63
C MET D 364 -1.49 -41.18 14.32
N ALA D 365 -1.61 -41.83 13.17
CA ALA D 365 -2.84 -42.52 12.82
C ALA D 365 -2.56 -43.67 11.87
#